data_6H4U
#
_entry.id   6H4U
#
_cell.length_a   58.966
_cell.length_b   104.220
_cell.length_c   145.035
_cell.angle_alpha   90.00
_cell.angle_beta   99.57
_cell.angle_gamma   90.00
#
_symmetry.space_group_name_H-M   'P 1 21 1'
#
loop_
_entity.id
_entity.type
_entity.pdbx_description
1 polymer 'Lysine-specific demethylase 4A'
2 non-polymer 'ZINC ION'
3 non-polymer 8-[4-(1-methylpiperidin-4-yl)pyrazol-1-yl]-3~{H}-pyrido[3,4-d]pyrimidin-4-one
4 non-polymer 'DIMETHYL SULFOXIDE'
5 non-polymer GLYCEROL
6 non-polymer 'CHLORIDE ION'
7 water water
#
_entity_poly.entity_id   1
_entity_poly.type   'polypeptide(L)'
_entity_poly.pdbx_seq_one_letter_code
;SMASESETLNPSARIMTFYPTMEEFRNFSRYIAYIESQGAHRAGLAKVVPPKEWKPRASYDDIDDLVIPAPIQQLVTGQS
GLFTQYNIQKKAMTVREFRKIANSDKYCTPRYSEFEELERKYWKNLTFNPPIYGADVNGTLYEKHVDEWNIGRLRTILDL
VEKESGITIEGVNTPYLYFGMWKTSFAWHTEDMDLYSINYLHFGEPKSWYSVPPEHGKRLERLAKGFFPGSAQSCEAFLR
HKMTLISPLMLKKYGIPFDKVTQEAGEFMITFPYGYHAGFNHGFNCAESTNFATRRWIEYGKQAVLCSCRKDMVKISMDV
FVRKFQPERYKLWKAGKDNTVIDHTLPTPEAAEFLKESEL
;
_entity_poly.pdbx_strand_id   A,B,C,D
#
loop_
_chem_comp.id
_chem_comp.type
_chem_comp.name
_chem_comp.formula
CL non-polymer 'CHLORIDE ION' 'Cl -1'
DMS non-polymer 'DIMETHYL SULFOXIDE' 'C2 H6 O S'
FO2 non-polymer 8-[4-(1-methylpiperidin-4-yl)pyrazol-1-yl]-3~{H}-pyrido[3,4-d]pyrimidin-4-one 'C16 H18 N6 O'
GOL non-polymer GLYCEROL 'C3 H8 O3'
ZN non-polymer 'ZINC ION' 'Zn 2'
#
# COMPACT_ATOMS: atom_id res chain seq x y z
N LEU A 9 -12.09 17.67 17.27
CA LEU A 9 -12.40 17.20 18.62
C LEU A 9 -11.27 17.51 19.63
N ASN A 10 -11.64 17.58 20.94
CA ASN A 10 -10.79 17.96 22.09
C ASN A 10 -10.07 19.30 21.81
N PRO A 11 -10.80 20.42 21.58
CA PRO A 11 -10.10 21.70 21.29
C PRO A 11 -9.34 22.31 22.46
N SER A 12 -9.60 21.82 23.70
CA SER A 12 -8.95 22.25 24.93
C SER A 12 -7.59 21.54 25.15
N ALA A 13 -7.35 20.44 24.40
CA ALA A 13 -6.15 19.58 24.48
C ALA A 13 -5.89 19.01 25.90
N ARG A 14 -6.97 18.69 26.63
CA ARG A 14 -6.91 18.14 27.99
C ARG A 14 -6.77 16.63 27.98
N ILE A 15 -6.13 16.05 29.03
CA ILE A 15 -5.91 14.60 29.19
C ILE A 15 -7.25 13.86 29.33
N MET A 16 -7.53 12.94 28.38
CA MET A 16 -8.75 12.14 28.34
C MET A 16 -8.52 10.74 28.95
N THR A 17 -9.59 10.14 29.53
CA THR A 17 -9.61 8.81 30.17
C THR A 17 -10.64 7.92 29.44
N PHE A 18 -10.27 6.66 29.13
CA PHE A 18 -11.14 5.72 28.42
C PHE A 18 -11.40 4.44 29.22
N TYR A 19 -12.62 3.89 29.08
CA TYR A 19 -13.05 2.66 29.77
C TYR A 19 -13.56 1.65 28.72
N PRO A 20 -12.67 1.03 27.93
CA PRO A 20 -13.15 0.06 26.91
C PRO A 20 -13.77 -1.22 27.49
N THR A 21 -14.75 -1.82 26.76
CA THR A 21 -15.36 -3.10 27.12
C THR A 21 -14.36 -4.20 26.74
N MET A 22 -14.64 -5.48 27.05
CA MET A 22 -13.74 -6.58 26.70
C MET A 22 -13.58 -6.74 25.17
N GLU A 23 -14.68 -6.50 24.41
CA GLU A 23 -14.68 -6.59 22.94
C GLU A 23 -13.84 -5.47 22.28
N GLU A 24 -13.97 -4.22 22.77
CA GLU A 24 -13.22 -3.04 22.28
C GLU A 24 -11.72 -3.15 22.59
N PHE A 25 -11.38 -3.70 23.76
CA PHE A 25 -10.02 -3.87 24.30
C PHE A 25 -9.15 -4.88 23.56
N ARG A 26 -9.75 -5.98 23.07
CA ARG A 26 -9.06 -7.09 22.39
C ARG A 26 -8.12 -6.70 21.23
N ASN A 27 -8.47 -5.65 20.45
CA ASN A 27 -7.65 -5.20 19.31
C ASN A 27 -6.92 -3.89 19.67
N PHE A 28 -5.64 -4.01 20.13
CA PHE A 28 -4.77 -2.88 20.55
C PHE A 28 -4.73 -1.71 19.54
N SER A 29 -4.22 -1.98 18.32
CA SER A 29 -4.04 -1.01 17.23
C SER A 29 -5.32 -0.28 16.81
N ARG A 30 -6.44 -1.03 16.75
CA ARG A 30 -7.76 -0.48 16.42
C ARG A 30 -8.21 0.47 17.52
N TYR A 31 -7.95 0.10 18.80
CA TYR A 31 -8.35 0.95 19.94
C TYR A 31 -7.52 2.24 20.02
N ILE A 32 -6.24 2.20 19.57
CA ILE A 32 -5.35 3.38 19.49
C ILE A 32 -5.92 4.36 18.46
N ALA A 33 -6.38 3.84 17.30
CA ALA A 33 -6.97 4.65 16.22
C ALA A 33 -8.30 5.25 16.67
N TYR A 34 -9.07 4.54 17.52
CA TYR A 34 -10.33 5.03 18.08
C TYR A 34 -10.13 6.24 19.01
N ILE A 35 -9.17 6.17 19.95
CA ILE A 35 -8.94 7.26 20.89
C ILE A 35 -8.41 8.53 20.16
N GLU A 36 -7.69 8.35 19.02
CA GLU A 36 -7.24 9.47 18.19
C GLU A 36 -8.40 10.12 17.44
N SER A 37 -9.43 9.32 17.07
CA SER A 37 -10.64 9.83 16.40
C SER A 37 -11.48 10.72 17.35
N GLN A 38 -11.27 10.56 18.66
CA GLN A 38 -11.88 11.31 19.77
C GLN A 38 -11.05 12.52 20.22
N GLY A 39 -9.86 12.68 19.64
CA GLY A 39 -8.93 13.78 19.92
C GLY A 39 -7.98 13.58 21.09
N ALA A 40 -7.78 12.32 21.57
CA ALA A 40 -6.91 12.06 22.73
C ALA A 40 -5.43 12.47 22.54
N HIS A 41 -4.92 12.39 21.30
CA HIS A 41 -3.53 12.71 20.93
C HIS A 41 -3.14 14.18 21.16
N ARG A 42 -4.13 15.10 21.13
CA ARG A 42 -3.92 16.55 21.29
C ARG A 42 -3.28 16.94 22.63
N ALA A 43 -3.55 16.18 23.72
CA ALA A 43 -2.98 16.38 25.06
C ALA A 43 -1.54 15.84 25.14
N GLY A 44 -1.23 14.85 24.29
CA GLY A 44 0.07 14.17 24.22
C GLY A 44 0.21 13.00 25.18
N LEU A 45 -0.84 12.77 25.99
CA LEU A 45 -0.92 11.75 27.02
C LEU A 45 -2.39 11.39 27.28
N ALA A 46 -2.71 10.07 27.40
CA ALA A 46 -4.06 9.56 27.66
C ALA A 46 -4.04 8.40 28.68
N LYS A 47 -5.18 8.17 29.37
CA LYS A 47 -5.35 7.07 30.33
C LYS A 47 -6.35 6.04 29.79
N VAL A 48 -6.02 4.74 29.92
CA VAL A 48 -6.89 3.64 29.50
C VAL A 48 -7.06 2.68 30.69
N VAL A 49 -8.30 2.59 31.22
CA VAL A 49 -8.66 1.71 32.32
C VAL A 49 -9.18 0.41 31.70
N PRO A 50 -8.45 -0.73 31.83
CA PRO A 50 -8.92 -1.99 31.22
C PRO A 50 -10.13 -2.62 31.95
N PRO A 51 -10.94 -3.50 31.31
CA PRO A 51 -12.05 -4.14 32.04
C PRO A 51 -11.56 -4.92 33.29
N LYS A 52 -12.31 -4.82 34.40
CA LYS A 52 -12.00 -5.40 35.71
C LYS A 52 -11.63 -6.89 35.68
N GLU A 53 -12.23 -7.65 34.74
CA GLU A 53 -11.99 -9.09 34.56
C GLU A 53 -10.59 -9.42 34.01
N TRP A 54 -9.99 -8.50 33.21
CA TRP A 54 -8.66 -8.68 32.59
C TRP A 54 -7.53 -8.54 33.60
N LYS A 55 -6.57 -9.49 33.57
CA LYS A 55 -5.39 -9.50 34.43
C LYS A 55 -4.15 -10.01 33.64
N PRO A 56 -3.03 -9.28 33.60
CA PRO A 56 -1.87 -9.78 32.83
C PRO A 56 -1.06 -10.87 33.54
N ARG A 57 -1.27 -11.01 34.87
CA ARG A 57 -0.60 -11.97 35.76
C ARG A 57 -1.55 -12.30 36.94
N ALA A 58 -1.60 -13.58 37.35
CA ALA A 58 -2.45 -14.03 38.45
C ALA A 58 -1.99 -13.56 39.84
N SER A 59 -0.66 -13.42 40.04
CA SER A 59 -0.10 -13.05 41.35
C SER A 59 1.27 -12.38 41.23
N TYR A 60 1.61 -11.49 42.18
CA TYR A 60 2.92 -10.84 42.24
C TYR A 60 3.75 -11.30 43.47
N ASP A 61 3.48 -12.53 43.97
CA ASP A 61 4.17 -13.11 45.13
C ASP A 61 5.37 -14.02 44.75
N ASP A 62 5.73 -14.04 43.46
CA ASP A 62 6.78 -14.89 42.91
C ASP A 62 7.91 -14.14 42.20
N ILE A 63 8.09 -12.83 42.48
CA ILE A 63 9.11 -12.02 41.79
C ILE A 63 10.25 -11.49 42.70
N ASP A 64 10.39 -12.02 43.93
CA ASP A 64 11.43 -11.60 44.87
C ASP A 64 12.88 -11.95 44.41
N ASP A 65 13.04 -12.99 43.55
CA ASP A 65 14.33 -13.42 43.01
C ASP A 65 14.81 -12.64 41.78
N LEU A 66 13.92 -11.86 41.14
CA LEU A 66 14.21 -11.02 39.96
C LEU A 66 15.36 -10.06 40.27
N VAL A 67 16.33 -9.98 39.35
CA VAL A 67 17.49 -9.11 39.52
C VAL A 67 17.33 -7.78 38.77
N ILE A 68 17.70 -6.68 39.46
CA ILE A 68 17.81 -5.31 38.94
C ILE A 68 19.33 -5.15 38.73
N PRO A 69 19.84 -5.34 37.48
CA PRO A 69 21.30 -5.32 37.27
C PRO A 69 22.03 -3.98 37.45
N ALA A 70 21.34 -2.85 37.22
CA ALA A 70 21.96 -1.52 37.32
C ALA A 70 21.12 -0.45 38.06
N PRO A 71 20.93 -0.58 39.40
CA PRO A 71 20.16 0.45 40.13
C PRO A 71 20.84 1.83 40.07
N ILE A 72 20.04 2.91 40.01
CA ILE A 72 20.61 4.26 39.91
C ILE A 72 20.22 5.15 41.08
N GLN A 73 21.23 5.78 41.71
CA GLN A 73 20.99 6.76 42.76
C GLN A 73 20.82 8.12 42.05
N GLN A 74 19.66 8.77 42.27
CA GLN A 74 19.30 10.04 41.63
C GLN A 74 19.66 11.28 42.45
N LEU A 75 20.76 11.94 42.06
CA LEU A 75 21.23 13.17 42.71
C LEU A 75 20.69 14.40 41.99
N VAL A 76 19.98 15.28 42.71
CA VAL A 76 19.37 16.46 42.11
C VAL A 76 20.05 17.75 42.59
N THR A 77 20.32 18.69 41.65
CA THR A 77 20.90 19.99 41.92
C THR A 77 20.02 21.13 41.35
N GLY A 78 19.81 22.17 42.15
CA GLY A 78 19.02 23.31 41.69
C GLY A 78 18.23 24.06 42.75
N GLN A 79 17.42 25.02 42.26
CA GLN A 79 16.58 25.91 43.08
C GLN A 79 15.55 26.62 42.20
N SER A 80 14.55 27.27 42.85
CA SER A 80 13.49 28.10 42.23
C SER A 80 12.72 27.39 41.09
N GLY A 81 12.48 26.08 41.25
CA GLY A 81 11.79 25.25 40.28
C GLY A 81 12.58 24.77 39.07
N LEU A 82 13.92 25.03 39.04
CA LEU A 82 14.86 24.62 37.98
C LEU A 82 15.92 23.68 38.54
N PHE A 83 15.99 22.44 38.02
CA PHE A 83 16.87 21.38 38.52
C PHE A 83 17.52 20.53 37.45
N THR A 84 18.68 19.95 37.79
CA THR A 84 19.45 19.01 36.96
C THR A 84 19.64 17.72 37.78
N GLN A 85 19.32 16.60 37.17
CA GLN A 85 19.43 15.27 37.79
C GLN A 85 20.64 14.51 37.24
N TYR A 86 21.45 13.95 38.15
CA TYR A 86 22.65 13.16 37.84
C TYR A 86 22.48 11.73 38.35
N ASN A 87 22.92 10.75 37.56
CA ASN A 87 22.83 9.33 37.93
C ASN A 87 24.14 8.75 38.42
N ILE A 88 24.08 7.97 39.50
CA ILE A 88 25.20 7.22 40.03
C ILE A 88 24.77 5.74 40.00
N GLN A 89 25.45 4.90 39.20
CA GLN A 89 25.12 3.47 39.14
C GLN A 89 25.64 2.78 40.40
N LYS A 90 24.78 1.96 41.04
CA LYS A 90 25.11 1.20 42.25
C LYS A 90 25.18 -0.30 41.87
N LYS A 91 25.60 -1.18 42.80
CA LYS A 91 25.71 -2.63 42.53
C LYS A 91 24.34 -3.31 42.35
N ALA A 92 24.32 -4.47 41.63
CA ALA A 92 23.11 -5.24 41.35
C ALA A 92 22.41 -5.70 42.61
N MET A 93 21.07 -5.75 42.58
CA MET A 93 20.24 -6.17 43.72
C MET A 93 18.94 -6.82 43.28
N THR A 94 18.36 -7.65 44.15
CA THR A 94 17.09 -8.33 43.87
C THR A 94 15.91 -7.42 44.28
N VAL A 95 14.69 -7.70 43.75
CA VAL A 95 13.44 -6.98 44.08
C VAL A 95 13.22 -7.04 45.60
N ARG A 96 13.52 -8.18 46.24
CA ARG A 96 13.42 -8.38 47.69
C ARG A 96 14.27 -7.35 48.47
N GLU A 97 15.53 -7.16 48.05
CA GLU A 97 16.46 -6.22 48.67
C GLU A 97 16.01 -4.78 48.39
N PHE A 98 15.50 -4.53 47.17
CA PHE A 98 15.01 -3.20 46.77
C PHE A 98 13.78 -2.79 47.60
N ARG A 99 12.82 -3.73 47.78
CA ARG A 99 11.58 -3.52 48.54
C ARG A 99 11.88 -3.17 50.01
N LYS A 100 12.89 -3.83 50.62
CA LYS A 100 13.33 -3.62 52.01
C LYS A 100 13.79 -2.17 52.21
N ILE A 101 14.66 -1.66 51.30
CA ILE A 101 15.18 -0.28 51.30
C ILE A 101 14.03 0.73 51.03
N ALA A 102 13.21 0.48 50.00
CA ALA A 102 12.07 1.34 49.61
C ALA A 102 11.08 1.59 50.78
N ASN A 103 10.79 0.55 51.59
CA ASN A 103 9.85 0.64 52.71
C ASN A 103 10.50 0.97 54.08
N SER A 104 11.85 1.15 54.12
CA SER A 104 12.58 1.50 55.34
C SER A 104 12.31 2.94 55.78
N ASP A 105 12.52 3.26 57.07
CA ASP A 105 12.34 4.58 57.67
C ASP A 105 13.05 5.72 56.94
N LYS A 106 14.24 5.44 56.38
CA LYS A 106 15.05 6.40 55.63
C LYS A 106 14.40 6.85 54.29
N TYR A 107 13.82 5.89 53.52
CA TYR A 107 13.27 6.18 52.19
C TYR A 107 11.75 6.14 52.00
N CYS A 108 10.95 5.66 52.98
CA CYS A 108 9.49 5.57 52.83
C CYS A 108 8.79 6.93 52.59
N THR A 109 7.56 6.86 52.04
CA THR A 109 6.69 8.00 51.74
C THR A 109 6.32 8.77 53.03
N PRO A 110 6.33 10.13 53.03
CA PRO A 110 5.88 10.86 54.23
C PRO A 110 4.35 10.82 54.38
N ARG A 111 3.85 11.09 55.61
CA ARG A 111 2.42 11.12 55.92
C ARG A 111 1.75 12.31 55.23
N TYR A 112 0.59 12.08 54.59
CA TYR A 112 -0.16 13.10 53.85
C TYR A 112 -1.67 12.81 53.71
N SER A 113 -2.48 13.88 53.58
CA SER A 113 -3.94 13.77 53.39
C SER A 113 -4.35 13.89 51.92
N GLU A 114 -4.05 15.03 51.28
CA GLU A 114 -4.39 15.30 49.86
C GLU A 114 -3.18 15.14 48.93
N PHE A 115 -3.42 14.96 47.61
CA PHE A 115 -2.35 14.82 46.61
C PHE A 115 -1.49 16.08 46.51
N GLU A 116 -2.14 17.25 46.60
CA GLU A 116 -1.51 18.59 46.55
C GLU A 116 -0.43 18.73 47.62
N GLU A 117 -0.66 18.09 48.79
CA GLU A 117 0.25 18.07 49.93
C GLU A 117 1.51 17.25 49.60
N LEU A 118 1.34 16.07 48.96
CA LEU A 118 2.45 15.21 48.56
C LEU A 118 3.30 15.87 47.46
N GLU A 119 2.63 16.49 46.46
CA GLU A 119 3.23 17.23 45.35
C GLU A 119 4.15 18.38 45.88
N ARG A 120 3.69 19.10 46.92
CA ARG A 120 4.48 20.16 47.57
C ARG A 120 5.70 19.59 48.28
N LYS A 121 5.53 18.44 48.97
CA LYS A 121 6.62 17.75 49.65
C LYS A 121 7.69 17.29 48.64
N TYR A 122 7.28 16.81 47.45
CA TYR A 122 8.17 16.39 46.36
C TYR A 122 9.04 17.57 45.85
N TRP A 123 8.41 18.70 45.45
CA TRP A 123 9.11 19.87 44.92
C TRP A 123 9.97 20.61 45.98
N LYS A 124 9.67 20.44 47.28
CA LYS A 124 10.45 21.04 48.35
C LYS A 124 11.66 20.16 48.76
N ASN A 125 11.57 18.82 48.61
CA ASN A 125 12.59 17.89 49.10
C ASN A 125 13.37 17.06 48.08
N LEU A 126 13.16 17.28 46.77
CA LEU A 126 13.82 16.48 45.72
C LEU A 126 15.37 16.55 45.68
N THR A 127 16.00 17.59 46.31
CA THR A 127 17.47 17.71 46.35
C THR A 127 18.10 17.05 47.60
N PHE A 128 17.27 16.64 48.58
CA PHE A 128 17.74 16.00 49.82
C PHE A 128 17.57 14.47 49.77
N ASN A 129 18.35 13.73 50.61
CA ASN A 129 18.32 12.26 50.74
C ASN A 129 18.11 11.52 49.39
N PRO A 130 19.11 11.57 48.46
CA PRO A 130 18.93 10.96 47.11
C PRO A 130 18.39 9.52 47.08
N PRO A 131 17.26 9.27 46.36
CA PRO A 131 16.69 7.91 46.35
C PRO A 131 17.31 6.97 45.31
N ILE A 132 16.91 5.66 45.33
CA ILE A 132 17.39 4.67 44.37
C ILE A 132 16.24 4.20 43.44
N TYR A 133 16.45 4.30 42.11
CA TYR A 133 15.49 3.89 41.09
C TYR A 133 15.97 2.59 40.41
N GLY A 134 15.13 1.56 40.44
CA GLY A 134 15.41 0.27 39.80
C GLY A 134 14.93 0.31 38.36
N ALA A 135 15.53 1.21 37.58
CA ALA A 135 15.14 1.54 36.20
C ALA A 135 15.79 0.72 35.08
N ASP A 136 15.10 0.69 33.91
CA ASP A 136 15.53 0.08 32.63
C ASP A 136 15.94 -1.40 32.72
N VAL A 137 15.23 -2.19 33.54
CA VAL A 137 15.50 -3.64 33.65
C VAL A 137 14.87 -4.30 32.41
N ASN A 138 15.64 -5.05 31.63
CA ASN A 138 15.10 -5.79 30.48
C ASN A 138 14.26 -6.98 31.00
N GLY A 139 12.96 -6.99 30.69
CA GLY A 139 12.05 -8.06 31.11
C GLY A 139 10.56 -7.73 31.07
N THR A 140 9.73 -8.71 31.45
CA THR A 140 8.27 -8.62 31.44
C THR A 140 7.65 -9.30 32.66
N LEU A 141 6.46 -8.83 33.09
CA LEU A 141 5.70 -9.46 34.18
C LEU A 141 4.41 -10.15 33.64
N TYR A 142 4.15 -10.04 32.31
CA TYR A 142 3.01 -10.69 31.64
C TYR A 142 3.26 -12.20 31.53
N GLU A 143 2.20 -13.00 31.72
CA GLU A 143 2.24 -14.45 31.55
C GLU A 143 2.19 -14.73 30.04
N LYS A 144 2.81 -15.85 29.60
CA LYS A 144 2.95 -16.27 28.20
C LYS A 144 1.65 -16.28 27.36
N HIS A 145 0.51 -16.67 27.96
CA HIS A 145 -0.78 -16.83 27.30
C HIS A 145 -1.57 -15.53 27.05
N VAL A 146 -1.16 -14.38 27.65
CA VAL A 146 -1.86 -13.10 27.53
C VAL A 146 -1.69 -12.49 26.12
N ASP A 147 -2.81 -12.42 25.37
CA ASP A 147 -2.82 -11.88 24.00
C ASP A 147 -3.29 -10.43 23.89
N GLU A 148 -3.96 -9.91 24.94
CA GLU A 148 -4.49 -8.53 24.94
C GLU A 148 -3.50 -7.56 25.58
N TRP A 149 -3.14 -6.49 24.82
CA TRP A 149 -2.23 -5.40 25.20
C TRP A 149 -0.92 -5.92 25.81
N ASN A 150 -0.34 -6.98 25.20
CA ASN A 150 0.91 -7.58 25.67
C ASN A 150 2.10 -6.73 25.19
N ILE A 151 2.66 -5.90 26.11
CA ILE A 151 3.79 -4.97 25.91
C ILE A 151 5.03 -5.65 25.27
N GLY A 152 5.26 -6.94 25.57
CA GLY A 152 6.38 -7.71 25.02
C GLY A 152 6.25 -8.05 23.54
N ARG A 153 5.02 -7.94 22.97
CA ARG A 153 4.72 -8.26 21.57
C ARG A 153 3.44 -7.54 21.05
N LEU A 154 3.53 -6.22 20.83
CA LEU A 154 2.37 -5.45 20.34
C LEU A 154 2.11 -5.64 18.86
N ARG A 155 3.16 -6.00 18.07
CA ARG A 155 3.13 -6.30 16.63
C ARG A 155 2.67 -5.13 15.74
N THR A 156 3.12 -3.88 16.05
CA THR A 156 2.83 -2.69 15.23
C THR A 156 3.87 -2.62 14.06
N ILE A 157 3.75 -1.61 13.16
CA ILE A 157 4.69 -1.41 12.05
C ILE A 157 6.13 -1.08 12.56
N LEU A 158 6.31 -0.76 13.87
CA LEU A 158 7.66 -0.56 14.45
C LEU A 158 8.55 -1.82 14.25
N ASP A 159 7.94 -3.01 14.12
CA ASP A 159 8.62 -4.29 13.89
C ASP A 159 9.40 -4.34 12.55
N LEU A 160 9.10 -3.41 11.60
CA LEU A 160 9.78 -3.32 10.31
C LEU A 160 11.27 -2.95 10.45
N VAL A 161 11.67 -2.31 11.59
CA VAL A 161 13.07 -2.00 11.95
C VAL A 161 13.73 -3.36 12.30
N GLU A 162 13.06 -4.11 13.21
CA GLU A 162 13.43 -5.43 13.75
C GLU A 162 13.67 -6.46 12.64
N LYS A 163 12.85 -6.42 11.56
CA LYS A 163 12.97 -7.33 10.42
C LYS A 163 14.06 -6.84 9.44
N GLU A 164 15.33 -7.17 9.76
CA GLU A 164 16.56 -6.88 9.00
C GLU A 164 16.74 -5.39 8.59
N SER A 165 16.78 -4.48 9.60
CA SER A 165 16.97 -3.04 9.42
C SER A 165 17.50 -2.35 10.69
N GLU A 170 20.30 -3.41 22.68
CA GLU A 170 19.19 -2.57 23.17
C GLU A 170 18.13 -2.36 22.09
N GLY A 171 16.92 -2.85 22.36
CA GLY A 171 15.79 -2.74 21.45
C GLY A 171 14.73 -1.77 21.93
N VAL A 172 14.22 -0.95 21.00
CA VAL A 172 13.17 0.05 21.25
C VAL A 172 11.79 -0.65 21.27
N ASN A 173 11.75 -1.84 20.67
CA ASN A 173 10.61 -2.71 20.48
C ASN A 173 10.47 -3.76 21.62
N THR A 174 11.44 -3.79 22.57
CA THR A 174 11.45 -4.77 23.67
C THR A 174 10.90 -4.20 25.01
N PRO A 175 10.43 -5.04 25.98
CA PRO A 175 9.89 -4.47 27.23
C PRO A 175 10.90 -4.12 28.31
N TYR A 176 10.60 -3.08 29.11
CA TYR A 176 11.42 -2.60 30.24
C TYR A 176 10.62 -2.50 31.52
N LEU A 177 11.24 -2.88 32.64
CA LEU A 177 10.63 -2.82 33.98
C LEU A 177 11.25 -1.71 34.77
N TYR A 178 10.43 -1.03 35.60
CA TYR A 178 10.82 0.10 36.45
C TYR A 178 10.32 -0.10 37.89
N PHE A 179 11.24 -0.34 38.82
CA PHE A 179 10.96 -0.50 40.24
C PHE A 179 11.19 0.84 40.93
N GLY A 180 10.10 1.45 41.37
CA GLY A 180 10.15 2.76 42.00
C GLY A 180 10.12 2.76 43.52
N MET A 181 10.43 3.93 44.08
CA MET A 181 10.36 4.29 45.49
C MET A 181 10.02 5.77 45.55
N TRP A 182 9.62 6.26 46.72
CA TRP A 182 9.24 7.65 46.94
C TRP A 182 10.32 8.59 46.42
N LYS A 183 9.91 9.61 45.64
CA LYS A 183 10.73 10.72 45.15
C LYS A 183 11.65 10.37 43.94
N THR A 184 11.53 9.14 43.35
CA THR A 184 12.26 8.79 42.13
C THR A 184 11.55 9.53 40.99
N SER A 185 12.30 10.04 40.02
CA SER A 185 11.73 10.86 38.94
C SER A 185 12.17 10.59 37.53
N PHE A 186 11.34 11.04 36.59
CA PHE A 186 11.66 11.03 35.17
C PHE A 186 11.59 12.48 34.68
N ALA A 187 12.67 12.94 34.06
CA ALA A 187 12.80 14.30 33.55
C ALA A 187 12.02 14.62 32.28
N TRP A 188 11.84 15.89 31.98
CA TRP A 188 11.13 16.32 30.76
C TRP A 188 11.77 15.74 29.49
N HIS A 189 10.96 15.08 28.62
CA HIS A 189 11.42 14.46 27.36
C HIS A 189 10.27 13.99 26.46
N THR A 190 10.59 13.80 25.16
CA THR A 190 9.74 13.11 24.18
C THR A 190 10.42 11.72 24.02
N GLU A 191 9.77 10.77 23.34
CA GLU A 191 10.37 9.46 23.12
C GLU A 191 11.49 9.52 22.06
N ASP A 192 12.36 8.47 22.03
CA ASP A 192 13.40 8.31 21.02
C ASP A 192 12.68 8.29 19.66
N MET A 193 13.20 9.07 18.67
CA MET A 193 12.63 9.20 17.31
C MET A 193 11.18 9.78 17.28
N ASP A 194 10.73 10.42 18.40
CA ASP A 194 9.39 10.99 18.61
C ASP A 194 8.28 9.90 18.43
N LEU A 195 8.55 8.68 18.94
CA LEU A 195 7.63 7.53 18.88
C LEU A 195 6.54 7.64 19.99
N TYR A 196 5.60 6.69 19.96
CA TYR A 196 4.56 6.55 21.00
C TYR A 196 5.18 5.67 22.10
N SER A 197 4.56 5.67 23.27
CA SER A 197 4.96 4.75 24.32
C SER A 197 3.76 4.25 25.09
N ILE A 198 3.89 3.08 25.70
CA ILE A 198 2.86 2.47 26.53
C ILE A 198 3.49 2.16 27.89
N ASN A 199 2.75 2.45 28.99
CA ASN A 199 3.18 2.21 30.38
C ASN A 199 2.04 1.59 31.17
N TYR A 200 2.30 0.45 31.81
CA TYR A 200 1.33 -0.26 32.65
C TYR A 200 1.85 -0.28 34.10
N LEU A 201 1.02 0.15 35.06
CA LEU A 201 1.40 0.12 36.48
C LEU A 201 0.89 -1.20 37.08
N HIS A 202 1.80 -2.21 37.21
CA HIS A 202 1.52 -3.58 37.68
C HIS A 202 0.95 -3.65 39.09
N PHE A 203 1.63 -3.02 40.05
CA PHE A 203 1.23 -3.03 41.48
C PHE A 203 1.90 -1.87 42.20
N GLY A 204 1.47 -1.61 43.43
CA GLY A 204 2.08 -0.63 44.31
C GLY A 204 1.48 0.76 44.37
N GLU A 205 2.28 1.70 44.92
CA GLU A 205 1.92 3.12 45.10
C GLU A 205 1.80 3.89 43.75
N PRO A 206 1.01 4.99 43.69
CA PRO A 206 0.82 5.70 42.40
C PRO A 206 2.06 6.36 41.74
N LYS A 207 1.89 6.79 40.48
CA LYS A 207 2.86 7.50 39.65
C LYS A 207 2.15 8.74 39.08
N SER A 208 2.66 9.95 39.38
CA SER A 208 2.10 11.22 38.89
C SER A 208 2.86 11.71 37.66
N TRP A 209 2.12 12.26 36.69
CA TRP A 209 2.65 12.72 35.40
C TRP A 209 2.31 14.18 35.17
N TYR A 210 3.12 14.85 34.34
CA TYR A 210 2.95 16.21 33.83
C TYR A 210 3.07 16.09 32.30
N SER A 211 2.29 16.86 31.54
N SER A 211 2.27 16.86 31.54
CA SER A 211 2.35 16.79 30.07
CA SER A 211 2.25 16.77 30.07
C SER A 211 2.17 18.15 29.41
C SER A 211 2.09 18.12 29.37
N VAL A 212 2.79 18.34 28.24
CA VAL A 212 2.70 19.56 27.44
C VAL A 212 2.11 19.14 26.07
N PRO A 213 0.99 19.75 25.61
CA PRO A 213 0.42 19.34 24.31
C PRO A 213 1.41 19.46 23.14
N PRO A 214 1.49 18.45 22.21
CA PRO A 214 2.42 18.55 21.05
C PRO A 214 2.37 19.87 20.26
N GLU A 215 1.18 20.48 20.11
CA GLU A 215 1.04 21.77 19.43
C GLU A 215 1.78 22.92 20.17
N HIS A 216 2.19 22.69 21.45
CA HIS A 216 2.90 23.69 22.27
C HIS A 216 4.35 23.29 22.67
N GLY A 217 4.83 22.14 22.19
CA GLY A 217 6.15 21.59 22.50
C GLY A 217 7.35 22.51 22.27
N LYS A 218 7.34 23.28 21.17
CA LYS A 218 8.39 24.24 20.80
C LYS A 218 8.52 25.37 21.82
N ARG A 219 7.41 25.72 22.48
CA ARG A 219 7.35 26.74 23.55
C ARG A 219 8.11 26.26 24.80
N LEU A 220 7.99 24.98 25.15
CA LEU A 220 8.74 24.38 26.25
C LEU A 220 10.24 24.40 25.92
N GLU A 221 10.61 24.03 24.67
CA GLU A 221 12.00 23.99 24.18
C GLU A 221 12.65 25.37 24.26
N ARG A 222 11.90 26.43 23.92
CA ARG A 222 12.41 27.80 23.97
C ARG A 222 12.67 28.25 25.39
N LEU A 223 11.75 27.92 26.31
CA LEU A 223 11.90 28.23 27.73
C LEU A 223 13.15 27.52 28.30
N ALA A 224 13.31 26.19 28.04
CA ALA A 224 14.45 25.38 28.53
C ALA A 224 15.80 25.87 28.01
N LYS A 225 15.86 26.30 26.73
CA LYS A 225 17.06 26.86 26.08
C LYS A 225 17.50 28.16 26.75
N GLY A 226 16.52 29.03 27.08
CA GLY A 226 16.77 30.29 27.77
C GLY A 226 17.34 30.07 29.17
N PHE A 227 16.86 29.01 29.88
CA PHE A 227 17.31 28.63 31.23
C PHE A 227 18.68 27.95 31.25
N PHE A 228 18.99 27.11 30.23
CA PHE A 228 20.27 26.39 30.15
C PHE A 228 21.00 26.70 28.82
N PRO A 229 21.54 27.93 28.63
CA PRO A 229 22.20 28.27 27.35
C PRO A 229 23.46 27.48 27.02
N GLY A 230 24.24 27.09 28.03
CA GLY A 230 25.46 26.30 27.88
C GLY A 230 25.19 24.90 27.34
N SER A 231 24.13 24.25 27.86
CA SER A 231 23.69 22.91 27.45
C SER A 231 23.24 22.90 25.97
N ALA A 232 22.48 23.93 25.55
CA ALA A 232 21.95 24.13 24.19
C ALA A 232 23.05 24.35 23.15
N GLN A 233 24.13 25.08 23.52
CA GLN A 233 25.26 25.33 22.61
C GLN A 233 26.05 24.03 22.35
N SER A 234 26.17 23.16 23.37
CA SER A 234 26.88 21.88 23.27
C SER A 234 26.09 20.81 22.51
N CYS A 235 24.75 20.83 22.60
CA CYS A 235 23.83 19.86 21.98
C CYS A 235 22.51 20.54 21.72
N GLU A 236 22.01 20.45 20.47
N GLU A 236 21.99 20.47 20.48
CA GLU A 236 20.73 21.01 20.04
CA GLU A 236 20.70 21.10 20.17
C GLU A 236 19.54 20.39 20.78
C GLU A 236 19.54 20.39 20.88
N ALA A 237 19.50 19.05 20.83
CA ALA A 237 18.46 18.26 21.49
C ALA A 237 18.91 17.80 22.92
N PHE A 238 19.36 18.76 23.78
CA PHE A 238 19.84 18.46 25.16
C PHE A 238 18.76 17.85 26.09
N LEU A 239 17.47 18.10 25.83
CA LEU A 239 16.39 17.51 26.62
C LEU A 239 16.37 15.99 26.49
N ARG A 240 16.93 15.45 25.37
CA ARG A 240 17.03 14.00 25.11
C ARG A 240 18.02 13.32 26.09
N HIS A 241 18.85 14.10 26.83
CA HIS A 241 19.76 13.54 27.85
C HIS A 241 18.96 13.09 29.08
N LYS A 242 17.69 13.58 29.22
CA LYS A 242 16.75 13.26 30.31
C LYS A 242 17.29 13.63 31.69
N MET A 243 17.80 14.86 31.82
CA MET A 243 18.39 15.39 33.06
C MET A 243 17.67 16.63 33.62
N THR A 244 16.82 17.28 32.80
CA THR A 244 16.16 18.56 33.08
C THR A 244 14.80 18.41 33.80
N LEU A 245 14.70 18.98 35.02
CA LEU A 245 13.47 19.02 35.83
C LEU A 245 12.99 20.47 35.96
N ILE A 246 11.70 20.70 35.59
CA ILE A 246 11.03 22.03 35.63
C ILE A 246 9.69 21.85 36.33
N SER A 247 9.50 22.56 37.44
CA SER A 247 8.26 22.48 38.22
C SER A 247 7.02 23.07 37.51
N PRO A 248 5.80 22.55 37.83
CA PRO A 248 4.57 23.12 37.23
C PRO A 248 4.37 24.62 37.50
N LEU A 249 4.86 25.12 38.64
CA LEU A 249 4.79 26.55 39.01
C LEU A 249 5.65 27.44 38.11
N MET A 250 6.79 26.91 37.63
CA MET A 250 7.69 27.60 36.72
C MET A 250 7.04 27.72 35.32
N LEU A 251 6.34 26.65 34.87
CA LEU A 251 5.60 26.63 33.60
C LEU A 251 4.42 27.64 33.58
N LYS A 252 3.68 27.73 34.70
CA LYS A 252 2.53 28.63 34.93
C LYS A 252 3.02 30.10 34.95
N LYS A 253 4.18 30.37 35.61
CA LYS A 253 4.79 31.69 35.67
C LYS A 253 5.10 32.25 34.26
N TYR A 254 5.46 31.36 33.31
CA TYR A 254 5.80 31.74 31.94
C TYR A 254 4.71 31.43 30.90
N GLY A 255 3.51 31.09 31.36
CA GLY A 255 2.37 30.83 30.49
C GLY A 255 2.42 29.62 29.58
N ILE A 256 3.20 28.60 29.94
CA ILE A 256 3.29 27.37 29.15
C ILE A 256 2.08 26.47 29.46
N PRO A 257 1.24 26.11 28.46
CA PRO A 257 0.09 25.22 28.78
C PRO A 257 0.54 23.81 29.18
N PHE A 258 -0.11 23.23 30.18
CA PHE A 258 0.20 21.87 30.66
C PHE A 258 -0.97 21.25 31.41
N ASP A 259 -0.91 19.92 31.59
CA ASP A 259 -1.91 19.21 32.38
C ASP A 259 -1.21 18.20 33.29
N LYS A 260 -1.95 17.68 34.27
CA LYS A 260 -1.45 16.68 35.20
C LYS A 260 -2.44 15.56 35.42
N VAL A 261 -1.91 14.35 35.73
CA VAL A 261 -2.72 13.15 35.99
C VAL A 261 -1.95 12.18 36.89
N THR A 262 -2.67 11.53 37.82
CA THR A 262 -2.10 10.49 38.68
C THR A 262 -2.57 9.10 38.16
N GLN A 263 -1.61 8.21 37.92
CA GLN A 263 -1.80 6.84 37.47
C GLN A 263 -1.75 5.90 38.68
N GLU A 264 -2.77 5.02 38.80
CA GLU A 264 -2.90 4.03 39.87
C GLU A 264 -2.69 2.62 39.34
N ALA A 265 -2.43 1.65 40.25
CA ALA A 265 -2.18 0.25 39.89
C ALA A 265 -3.34 -0.34 39.09
N GLY A 266 -2.99 -1.01 37.99
CA GLY A 266 -3.93 -1.63 37.08
C GLY A 266 -4.33 -0.74 35.92
N GLU A 267 -3.67 0.43 35.75
CA GLU A 267 -3.98 1.41 34.68
C GLU A 267 -2.85 1.60 33.67
N PHE A 268 -3.23 1.84 32.39
CA PHE A 268 -2.33 2.12 31.27
C PHE A 268 -2.26 3.63 31.01
N MET A 269 -1.06 4.15 30.64
CA MET A 269 -0.82 5.53 30.18
C MET A 269 -0.25 5.43 28.75
N ILE A 270 -0.79 6.25 27.81
CA ILE A 270 -0.30 6.29 26.42
C ILE A 270 0.33 7.67 26.14
N THR A 271 1.60 7.70 25.67
CA THR A 271 2.26 8.94 25.26
C THR A 271 2.25 8.95 23.73
N PHE A 272 2.03 10.11 23.14
CA PHE A 272 1.89 10.26 21.70
C PHE A 272 3.11 10.94 21.08
N PRO A 273 3.33 10.79 19.75
CA PRO A 273 4.47 11.49 19.10
C PRO A 273 4.57 12.98 19.41
N TYR A 274 5.78 13.42 19.81
CA TYR A 274 6.15 14.80 20.15
C TYR A 274 5.42 15.34 21.43
N GLY A 275 4.99 14.42 22.30
CA GLY A 275 4.36 14.75 23.58
C GLY A 275 5.38 14.76 24.72
N TYR A 276 5.76 15.99 25.20
CA TYR A 276 6.70 16.15 26.34
C TYR A 276 6.02 15.75 27.67
N HIS A 277 6.68 14.88 28.44
CA HIS A 277 6.20 14.41 29.76
C HIS A 277 7.32 14.32 30.80
N ALA A 278 6.96 14.43 32.10
CA ALA A 278 7.82 14.36 33.30
C ALA A 278 6.97 13.81 34.47
N GLY A 279 7.60 13.45 35.57
CA GLY A 279 6.84 12.94 36.71
C GLY A 279 7.62 12.28 37.82
N PHE A 280 6.90 11.67 38.78
CA PHE A 280 7.50 11.06 39.97
C PHE A 280 6.66 9.93 40.59
N ASN A 281 7.34 9.02 41.33
CA ASN A 281 6.73 7.89 42.04
C ASN A 281 6.38 8.27 43.48
N HIS A 282 5.21 7.79 43.98
CA HIS A 282 4.72 8.07 45.35
C HIS A 282 5.33 7.13 46.37
N GLY A 283 5.81 5.98 45.91
CA GLY A 283 6.43 4.96 46.75
C GLY A 283 6.78 3.74 45.96
N PHE A 284 6.94 2.59 46.66
CA PHE A 284 7.28 1.30 46.07
C PHE A 284 6.20 0.83 45.08
N ASN A 285 6.61 0.56 43.83
CA ASN A 285 5.73 0.14 42.75
C ASN A 285 6.53 -0.49 41.62
N CYS A 286 5.84 -0.99 40.56
CA CYS A 286 6.46 -1.57 39.38
C CYS A 286 5.64 -1.25 38.13
N ALA A 287 6.32 -0.69 37.11
CA ALA A 287 5.75 -0.31 35.81
C ALA A 287 6.49 -1.03 34.69
N GLU A 288 5.77 -1.31 33.59
CA GLU A 288 6.32 -1.97 32.38
C GLU A 288 6.05 -1.09 31.17
N SER A 289 7.07 -0.89 30.31
CA SER A 289 6.92 -0.03 29.14
C SER A 289 7.69 -0.50 27.91
N THR A 290 7.30 0.06 26.73
CA THR A 290 7.93 -0.13 25.41
C THR A 290 7.48 1.02 24.49
N ASN A 291 8.09 1.10 23.30
CA ASN A 291 7.70 2.07 22.28
C ASN A 291 6.91 1.30 21.21
N PHE A 292 6.03 2.02 20.49
CA PHE A 292 5.26 1.44 19.37
C PHE A 292 5.02 2.53 18.32
N ALA A 293 4.54 2.14 17.13
CA ALA A 293 4.26 3.07 16.04
C ALA A 293 2.91 2.87 15.37
N THR A 294 2.43 3.92 14.67
CA THR A 294 1.25 3.94 13.80
C THR A 294 1.72 4.58 12.49
N ARG A 295 0.87 4.59 11.45
CA ARG A 295 1.21 5.22 10.17
C ARG A 295 1.44 6.74 10.27
N ARG A 296 0.81 7.42 11.26
CA ARG A 296 0.95 8.87 11.51
C ARG A 296 2.37 9.22 12.04
N TRP A 297 3.03 8.30 12.76
CA TRP A 297 4.39 8.48 13.30
C TRP A 297 5.50 8.68 12.23
N ILE A 298 5.38 8.04 11.04
CA ILE A 298 6.42 8.06 9.98
C ILE A 298 6.95 9.50 9.69
N GLU A 299 6.04 10.48 9.50
CA GLU A 299 6.43 11.89 9.30
C GLU A 299 7.20 12.49 10.50
N TYR A 300 6.79 12.13 11.74
CA TYR A 300 7.42 12.53 13.01
C TYR A 300 8.87 11.97 13.08
N GLY A 301 9.06 10.71 12.67
CA GLY A 301 10.37 10.06 12.65
C GLY A 301 11.34 10.70 11.66
N LYS A 302 10.82 11.10 10.49
CA LYS A 302 11.56 11.77 9.41
C LYS A 302 12.03 13.17 9.83
N GLN A 303 11.23 13.86 10.66
CA GLN A 303 11.52 15.24 11.11
C GLN A 303 12.06 15.36 12.57
N ALA A 304 12.25 14.24 13.30
CA ALA A 304 12.74 14.31 14.69
C ALA A 304 14.16 14.91 14.83
N VAL A 305 14.34 15.91 15.73
CA VAL A 305 15.63 16.58 16.01
C VAL A 305 16.42 15.71 17.03
N LEU A 306 17.56 15.16 16.59
CA LEU A 306 18.36 14.20 17.37
C LEU A 306 19.55 14.78 18.13
N CYS A 307 20.01 14.05 19.16
CA CYS A 307 21.17 14.39 20.00
C CYS A 307 22.43 14.26 19.13
N SER A 308 23.29 15.30 19.18
CA SER A 308 24.51 15.40 18.39
C SER A 308 25.83 15.10 19.15
N CYS A 309 25.91 15.50 20.44
CA CYS A 309 27.10 15.36 21.28
C CYS A 309 27.50 13.90 21.61
N ARG A 310 26.54 12.95 21.59
CA ARG A 310 26.80 11.54 21.90
C ARG A 310 26.64 10.66 20.67
N ASP A 312 26.42 7.02 19.41
CA ASP A 312 26.06 6.37 20.68
C ASP A 312 24.55 6.45 20.95
N MET A 313 23.91 7.60 20.64
CA MET A 313 22.48 7.84 20.85
C MET A 313 21.58 6.94 19.94
N VAL A 314 20.28 6.78 20.30
CA VAL A 314 19.34 5.96 19.54
C VAL A 314 18.88 6.65 18.25
N LYS A 315 19.29 6.08 17.10
CA LYS A 315 18.95 6.56 15.75
C LYS A 315 18.39 5.39 14.92
N ILE A 316 17.15 5.56 14.43
CA ILE A 316 16.47 4.59 13.57
C ILE A 316 16.50 5.12 12.14
N SER A 317 16.95 4.29 11.17
CA SER A 317 16.91 4.66 9.75
C SER A 317 15.43 4.64 9.30
N MET A 318 14.96 5.75 8.73
CA MET A 318 13.59 5.91 8.23
C MET A 318 13.37 5.34 6.82
N ASP A 319 14.48 5.07 6.09
CA ASP A 319 14.49 4.57 4.71
C ASP A 319 13.47 3.43 4.41
N VAL A 320 13.45 2.37 5.25
CA VAL A 320 12.56 1.21 5.14
C VAL A 320 11.05 1.62 5.19
N PHE A 321 10.70 2.64 6.01
CA PHE A 321 9.34 3.15 6.17
C PHE A 321 8.86 3.97 4.98
N VAL A 322 9.75 4.83 4.41
CA VAL A 322 9.48 5.69 3.26
C VAL A 322 9.24 4.84 1.99
N ARG A 323 10.03 3.77 1.76
CA ARG A 323 9.86 2.86 0.63
C ARG A 323 8.49 2.17 0.65
N LYS A 324 8.11 1.60 1.79
CA LYS A 324 6.87 0.84 1.97
C LYS A 324 5.60 1.71 1.97
N PHE A 325 5.60 2.78 2.77
CA PHE A 325 4.40 3.62 2.96
C PHE A 325 4.34 4.89 2.13
N GLN A 326 5.48 5.42 1.62
CA GLN A 326 5.51 6.62 0.79
C GLN A 326 6.38 6.41 -0.50
N PRO A 327 6.15 5.37 -1.35
CA PRO A 327 7.04 5.19 -2.53
C PRO A 327 7.13 6.35 -3.51
N GLU A 328 6.03 7.11 -3.67
CA GLU A 328 5.91 8.27 -4.55
C GLU A 328 6.80 9.48 -4.11
N ARG A 329 7.15 9.54 -2.80
CA ARG A 329 7.98 10.61 -2.23
C ARG A 329 9.42 10.19 -1.96
N TYR A 330 9.79 8.92 -2.24
CA TYR A 330 11.11 8.37 -1.95
C TYR A 330 12.26 9.18 -2.55
N LYS A 331 12.21 9.47 -3.87
CA LYS A 331 13.21 10.24 -4.60
C LYS A 331 13.36 11.66 -4.03
N LEU A 332 12.22 12.35 -3.81
CA LEU A 332 12.17 13.70 -3.25
C LEU A 332 12.76 13.73 -1.83
N TRP A 333 12.46 12.69 -1.00
CA TRP A 333 12.95 12.55 0.36
C TRP A 333 14.48 12.38 0.42
N LYS A 334 15.02 11.47 -0.39
CA LYS A 334 16.47 11.21 -0.46
C LYS A 334 17.29 12.43 -0.90
N ALA A 335 16.71 13.30 -1.76
CA ALA A 335 17.32 14.55 -2.24
C ALA A 335 17.22 15.66 -1.18
N GLY A 336 16.42 15.42 -0.14
CA GLY A 336 16.19 16.36 0.96
C GLY A 336 15.18 17.45 0.63
N LYS A 337 14.37 17.25 -0.43
CA LYS A 337 13.38 18.21 -0.90
C LYS A 337 11.93 17.96 -0.38
N ASP A 338 11.74 17.03 0.58
CA ASP A 338 10.43 16.75 1.18
C ASP A 338 10.15 17.77 2.30
N ASN A 339 9.34 18.80 1.97
CA ASN A 339 9.02 19.91 2.89
C ASN A 339 7.58 19.84 3.46
N THR A 340 7.17 18.64 3.93
CA THR A 340 5.84 18.41 4.52
C THR A 340 5.78 19.04 5.92
N VAL A 341 4.69 19.78 6.21
CA VAL A 341 4.50 20.42 7.52
C VAL A 341 3.52 19.56 8.32
N ILE A 342 3.92 19.16 9.54
CA ILE A 342 3.09 18.34 10.42
C ILE A 342 1.98 19.19 11.06
N ASP A 343 0.72 18.69 10.99
CA ASP A 343 -0.42 19.27 11.69
C ASP A 343 -0.69 18.30 12.86
N HIS A 344 -0.30 18.69 14.10
CA HIS A 344 -0.42 17.89 15.33
C HIS A 344 -1.87 17.56 15.77
N THR A 345 -2.88 18.24 15.20
CA THR A 345 -4.30 18.04 15.51
C THR A 345 -4.94 16.87 14.76
N LEU A 346 -4.42 16.53 13.56
CA LEU A 346 -4.94 15.47 12.69
C LEU A 346 -4.79 14.06 13.27
N PRO A 347 -5.86 13.21 13.21
CA PRO A 347 -5.74 11.82 13.72
C PRO A 347 -5.06 10.91 12.70
N THR A 348 -4.66 9.69 13.13
CA THR A 348 -3.98 8.69 12.27
C THR A 348 -4.92 8.22 11.13
N PRO A 349 -4.42 7.86 9.92
CA PRO A 349 -5.35 7.43 8.84
C PRO A 349 -6.18 6.19 9.16
N GLU A 350 -5.74 5.35 10.13
CA GLU A 350 -6.43 4.13 10.58
C GLU A 350 -7.77 4.43 11.29
N ALA A 351 -7.94 5.69 11.77
CA ALA A 351 -9.13 6.22 12.47
C ALA A 351 -10.26 6.63 11.52
N ALA A 352 -10.10 6.40 10.19
CA ALA A 352 -11.06 6.73 9.14
C ALA A 352 -12.44 6.10 9.33
N GLU A 353 -12.48 4.83 9.79
CA GLU A 353 -13.72 4.06 10.05
C GLU A 353 -14.58 4.64 11.20
N PHE A 354 -13.99 5.48 12.07
CA PHE A 354 -14.67 6.10 13.21
C PHE A 354 -14.98 7.57 12.90
N GLU B 7 -11.44 -16.71 -43.36
CA GLU B 7 -10.70 -17.98 -43.49
C GLU B 7 -9.52 -17.89 -44.45
N THR B 8 -9.64 -17.07 -45.52
CA THR B 8 -8.61 -16.87 -46.56
C THR B 8 -7.40 -16.06 -46.06
N LEU B 9 -7.61 -15.12 -45.10
CA LEU B 9 -6.54 -14.27 -44.56
C LEU B 9 -5.81 -14.95 -43.40
N ASN B 10 -4.47 -15.08 -43.52
CA ASN B 10 -3.55 -15.76 -42.58
C ASN B 10 -4.05 -17.20 -42.26
N PRO B 11 -4.20 -18.10 -43.28
CA PRO B 11 -4.70 -19.45 -42.99
C PRO B 11 -3.78 -20.30 -42.13
N SER B 12 -2.45 -20.06 -42.22
CA SER B 12 -1.40 -20.73 -41.46
C SER B 12 -1.39 -20.32 -39.97
N ALA B 13 -2.08 -19.19 -39.64
CA ALA B 13 -2.20 -18.58 -38.31
C ALA B 13 -0.83 -18.29 -37.65
N ARG B 14 0.16 -17.82 -38.45
CA ARG B 14 1.52 -17.48 -38.01
C ARG B 14 1.59 -16.04 -37.48
N ILE B 15 2.54 -15.75 -36.55
CA ILE B 15 2.75 -14.40 -35.98
C ILE B 15 3.23 -13.43 -37.09
N MET B 16 2.46 -12.35 -37.30
CA MET B 16 2.72 -11.29 -38.29
C MET B 16 3.45 -10.08 -37.67
N THR B 17 4.25 -9.36 -38.48
CA THR B 17 5.00 -8.17 -38.04
C THR B 17 4.56 -6.98 -38.91
N PHE B 18 4.33 -5.82 -38.29
CA PHE B 18 3.87 -4.62 -39.02
C PHE B 18 4.81 -3.43 -38.79
N TYR B 19 4.98 -2.61 -39.86
CA TYR B 19 5.83 -1.41 -39.86
C TYR B 19 4.97 -0.17 -40.26
N PRO B 20 4.09 0.35 -39.36
CA PRO B 20 3.26 1.51 -39.75
C PRO B 20 4.04 2.80 -39.98
N THR B 21 3.53 3.64 -40.90
CA THR B 21 4.11 4.97 -41.17
C THR B 21 3.59 5.87 -40.05
N MET B 22 4.21 7.06 -39.85
CA MET B 22 3.79 8.00 -38.80
C MET B 22 2.30 8.38 -38.94
N GLU B 23 1.76 8.45 -40.17
CA GLU B 23 0.34 8.76 -40.42
C GLU B 23 -0.59 7.62 -39.98
N GLU B 24 -0.23 6.35 -40.32
CA GLU B 24 -0.98 5.14 -39.95
C GLU B 24 -0.97 4.93 -38.43
N PHE B 25 0.19 5.18 -37.80
CA PHE B 25 0.47 5.02 -36.37
C PHE B 25 -0.36 5.93 -35.44
N ARG B 26 -0.79 7.12 -35.91
CA ARG B 26 -1.55 8.11 -35.13
C ARG B 26 -2.89 7.61 -34.55
N ASN B 27 -3.70 6.85 -35.33
CA ASN B 27 -4.96 6.33 -34.82
C ASN B 27 -4.78 4.86 -34.39
N PHE B 28 -4.69 4.62 -33.05
CA PHE B 28 -4.47 3.31 -32.44
C PHE B 28 -5.58 2.31 -32.75
N SER B 29 -6.83 2.66 -32.38
CA SER B 29 -8.01 1.83 -32.58
C SER B 29 -8.27 1.48 -34.05
N ARG B 30 -7.95 2.41 -34.97
CA ARG B 30 -8.07 2.21 -36.42
C ARG B 30 -6.98 1.26 -36.94
N TYR B 31 -5.75 1.34 -36.39
CA TYR B 31 -4.64 0.47 -36.81
C TYR B 31 -4.82 -0.98 -36.34
N ILE B 32 -5.47 -1.17 -35.16
CA ILE B 32 -5.82 -2.48 -34.59
C ILE B 32 -6.86 -3.15 -35.51
N ALA B 33 -7.82 -2.35 -36.03
CA ALA B 33 -8.83 -2.82 -36.99
C ALA B 33 -8.16 -3.21 -38.30
N TYR B 34 -7.14 -2.43 -38.74
CA TYR B 34 -6.38 -2.73 -39.96
C TYR B 34 -5.61 -4.06 -39.87
N ILE B 35 -4.91 -4.33 -38.74
CA ILE B 35 -4.12 -5.57 -38.60
C ILE B 35 -5.04 -6.81 -38.57
N GLU B 36 -6.28 -6.65 -38.07
CA GLU B 36 -7.26 -7.73 -38.04
C GLU B 36 -7.81 -8.03 -39.45
N SER B 37 -7.90 -6.99 -40.33
CA SER B 37 -8.34 -7.14 -41.72
C SER B 37 -7.31 -7.95 -42.52
N GLN B 38 -6.06 -7.97 -42.02
CA GLN B 38 -4.92 -8.70 -42.58
C GLN B 38 -4.82 -10.12 -41.97
N GLY B 39 -5.63 -10.36 -40.93
CA GLY B 39 -5.72 -11.65 -40.24
C GLY B 39 -4.73 -11.88 -39.11
N ALA B 40 -4.18 -10.79 -38.52
CA ALA B 40 -3.19 -10.88 -37.42
C ALA B 40 -3.70 -11.61 -36.18
N HIS B 41 -5.00 -11.43 -35.84
CA HIS B 41 -5.67 -12.02 -34.66
C HIS B 41 -5.65 -13.56 -34.62
N ARG B 42 -5.53 -14.21 -35.79
CA ARG B 42 -5.55 -15.67 -35.89
C ARG B 42 -4.40 -16.36 -35.16
N ALA B 43 -3.24 -15.69 -35.02
CA ALA B 43 -2.06 -16.19 -34.31
C ALA B 43 -2.21 -16.03 -32.79
N GLY B 44 -2.98 -15.02 -32.38
CA GLY B 44 -3.22 -14.67 -30.98
C GLY B 44 -2.24 -13.68 -30.43
N LEU B 45 -1.25 -13.31 -31.28
CA LEU B 45 -0.14 -12.44 -30.95
C LEU B 45 0.41 -11.81 -32.24
N ALA B 46 0.75 -10.50 -32.20
CA ALA B 46 1.34 -9.78 -33.34
C ALA B 46 2.38 -8.75 -32.84
N LYS B 47 3.37 -8.43 -33.68
CA LYS B 47 4.42 -7.44 -33.41
C LYS B 47 4.19 -6.16 -34.27
N VAL B 48 4.36 -4.97 -33.66
CA VAL B 48 4.24 -3.67 -34.33
C VAL B 48 5.52 -2.88 -34.04
N VAL B 49 6.30 -2.58 -35.10
CA VAL B 49 7.54 -1.83 -35.02
C VAL B 49 7.18 -0.36 -35.33
N PRO B 50 7.33 0.56 -34.34
CA PRO B 50 6.94 1.96 -34.58
C PRO B 50 7.89 2.72 -35.51
N PRO B 51 7.46 3.86 -36.14
CA PRO B 51 8.39 4.63 -36.99
C PRO B 51 9.57 5.15 -36.16
N LYS B 52 10.77 5.18 -36.77
CA LYS B 52 12.05 5.58 -36.17
C LYS B 52 12.04 6.92 -35.41
N GLU B 53 11.25 7.90 -35.90
CA GLU B 53 11.13 9.23 -35.30
C GLU B 53 10.35 9.25 -33.97
N TRP B 54 9.53 8.21 -33.72
CA TRP B 54 8.72 8.12 -32.50
C TRP B 54 9.51 7.59 -31.30
N LYS B 55 9.35 8.28 -30.15
CA LYS B 55 9.94 7.92 -28.86
C LYS B 55 9.03 8.35 -27.70
N PRO B 56 8.66 7.43 -26.77
CA PRO B 56 7.77 7.80 -25.65
C PRO B 56 8.40 8.62 -24.52
N ARG B 57 9.75 8.67 -24.45
CA ARG B 57 10.52 9.35 -23.41
C ARG B 57 11.91 9.72 -23.96
N ALA B 58 12.41 10.91 -23.61
CA ALA B 58 13.73 11.41 -24.05
C ALA B 58 14.92 10.59 -23.55
N SER B 59 14.89 10.13 -22.27
CA SER B 59 15.95 9.32 -21.63
C SER B 59 15.44 8.58 -20.37
N TYR B 60 16.18 7.52 -19.96
CA TYR B 60 15.85 6.68 -18.81
C TYR B 60 16.96 6.77 -17.72
N ASP B 61 17.60 7.95 -17.59
CA ASP B 61 18.71 8.18 -16.65
C ASP B 61 18.29 8.64 -15.24
N ASP B 62 17.00 8.98 -15.07
CA ASP B 62 16.46 9.53 -13.82
C ASP B 62 15.53 8.57 -13.06
N ILE B 63 15.74 7.25 -13.18
CA ILE B 63 14.83 6.28 -12.55
C ILE B 63 15.49 5.32 -11.51
N ASP B 64 16.73 5.58 -11.09
CA ASP B 64 17.44 4.72 -10.11
C ASP B 64 16.76 4.62 -8.74
N ASP B 65 16.04 5.69 -8.31
CA ASP B 65 15.36 5.75 -7.03
C ASP B 65 13.88 5.37 -7.11
N LEU B 66 13.42 4.88 -8.29
CA LEU B 66 12.06 4.40 -8.47
C LEU B 66 11.93 3.10 -7.64
N VAL B 67 10.85 2.98 -6.89
CA VAL B 67 10.63 1.84 -6.02
C VAL B 67 9.75 0.72 -6.60
N ILE B 68 10.25 -0.51 -6.50
CA ILE B 68 9.52 -1.70 -6.90
C ILE B 68 8.98 -2.20 -5.57
N PRO B 69 7.68 -2.01 -5.32
CA PRO B 69 7.11 -2.34 -3.99
C PRO B 69 7.12 -3.81 -3.59
N ALA B 70 6.95 -4.73 -4.55
CA ALA B 70 6.88 -6.15 -4.24
C ALA B 70 7.67 -7.04 -5.21
N PRO B 71 9.02 -7.07 -5.10
CA PRO B 71 9.82 -7.98 -5.96
C PRO B 71 9.47 -9.44 -5.60
N ILE B 72 9.42 -10.33 -6.61
CA ILE B 72 9.05 -11.74 -6.41
C ILE B 72 10.17 -12.71 -6.82
N GLN B 73 10.63 -13.57 -5.89
CA GLN B 73 11.62 -14.59 -6.22
C GLN B 73 10.84 -15.80 -6.80
N GLN B 74 11.19 -16.22 -8.04
CA GLN B 74 10.48 -17.31 -8.75
C GLN B 74 11.11 -18.70 -8.60
N LEU B 75 10.47 -19.55 -7.78
CA LEU B 75 10.91 -20.91 -7.58
C LEU B 75 10.11 -21.86 -8.47
N VAL B 76 10.80 -22.70 -9.25
CA VAL B 76 10.22 -23.60 -10.23
C VAL B 76 10.52 -25.06 -9.86
N THR B 77 9.48 -25.89 -9.88
CA THR B 77 9.53 -27.31 -9.63
C THR B 77 8.98 -28.07 -10.85
N GLY B 78 9.70 -29.11 -11.29
CA GLY B 78 9.27 -29.93 -12.41
C GLY B 78 10.33 -30.78 -13.08
N GLN B 79 9.91 -31.47 -14.17
CA GLN B 79 10.71 -32.38 -15.00
C GLN B 79 9.96 -32.68 -16.33
N SER B 80 10.73 -33.08 -17.38
CA SER B 80 10.24 -33.52 -18.70
C SER B 80 9.24 -32.54 -19.39
N GLY B 81 9.58 -31.25 -19.38
CA GLY B 81 8.78 -30.20 -20.01
C GLY B 81 7.58 -29.69 -19.24
N LEU B 82 7.33 -30.22 -18.02
CA LEU B 82 6.19 -29.81 -17.16
C LEU B 82 6.67 -29.22 -15.85
N PHE B 83 6.29 -27.96 -15.57
CA PHE B 83 6.75 -27.25 -14.38
C PHE B 83 5.67 -26.40 -13.70
N THR B 84 5.84 -26.17 -12.40
CA THR B 84 4.98 -25.33 -11.56
C THR B 84 5.88 -24.25 -10.96
N GLN B 85 5.46 -22.98 -11.06
CA GLN B 85 6.18 -21.82 -10.54
C GLN B 85 5.50 -21.27 -9.26
N TYR B 86 6.27 -21.05 -8.18
CA TYR B 86 5.83 -20.53 -6.90
C TYR B 86 6.47 -19.18 -6.63
N ASN B 87 5.69 -18.26 -6.07
CA ASN B 87 6.11 -16.90 -5.73
C ASN B 87 6.49 -16.74 -4.27
N ILE B 88 7.54 -15.93 -4.04
CA ILE B 88 7.99 -15.54 -2.73
C ILE B 88 8.14 -14.02 -2.80
N GLN B 89 7.25 -13.28 -2.14
CA GLN B 89 7.33 -11.81 -2.11
C GLN B 89 8.49 -11.37 -1.19
N LYS B 90 9.32 -10.45 -1.70
CA LYS B 90 10.45 -9.87 -0.98
C LYS B 90 10.10 -8.42 -0.62
N LYS B 91 10.85 -7.79 0.29
CA LYS B 91 10.63 -6.38 0.65
C LYS B 91 11.01 -5.42 -0.51
N ALA B 92 10.51 -4.16 -0.47
CA ALA B 92 10.72 -3.12 -1.47
C ALA B 92 12.18 -2.87 -1.86
N MET B 93 12.46 -2.77 -3.16
CA MET B 93 13.81 -2.47 -3.63
C MET B 93 13.78 -1.41 -4.74
N THR B 94 14.89 -0.69 -4.94
CA THR B 94 14.97 0.35 -5.96
C THR B 94 15.46 -0.27 -7.29
N VAL B 95 15.32 0.48 -8.41
CA VAL B 95 15.79 0.06 -9.73
C VAL B 95 17.34 -0.11 -9.69
N ARG B 96 18.04 0.77 -8.98
CA ARG B 96 19.50 0.74 -8.80
C ARG B 96 19.94 -0.58 -8.16
N GLU B 97 19.23 -1.04 -7.11
CA GLU B 97 19.53 -2.29 -6.37
C GLU B 97 19.19 -3.53 -7.21
N PHE B 98 18.08 -3.48 -7.97
CA PHE B 98 17.66 -4.58 -8.84
C PHE B 98 18.66 -4.78 -10.00
N ARG B 99 19.14 -3.67 -10.59
CA ARG B 99 20.08 -3.65 -11.72
C ARG B 99 21.43 -4.26 -11.33
N LYS B 100 21.91 -3.96 -10.08
CA LYS B 100 23.16 -4.49 -9.53
C LYS B 100 23.08 -6.03 -9.38
N ILE B 101 21.94 -6.55 -8.91
CA ILE B 101 21.68 -7.98 -8.75
C ILE B 101 21.58 -8.71 -10.13
N ALA B 102 20.80 -8.13 -11.06
CA ALA B 102 20.60 -8.66 -12.42
C ALA B 102 21.91 -8.79 -13.23
N ASN B 103 22.80 -7.80 -13.11
CA ASN B 103 24.06 -7.77 -13.86
C ASN B 103 25.23 -8.48 -13.15
N SER B 104 25.04 -8.95 -11.91
CA SER B 104 26.07 -9.64 -11.12
C SER B 104 26.41 -11.00 -11.73
N ASP B 105 27.60 -11.54 -11.41
CA ASP B 105 28.07 -12.84 -11.91
C ASP B 105 27.10 -14.01 -11.65
N LYS B 106 26.40 -14.00 -10.50
CA LYS B 106 25.44 -15.04 -10.11
C LYS B 106 24.17 -15.06 -10.99
N TYR B 107 23.64 -13.88 -11.37
CA TYR B 107 22.38 -13.78 -12.12
C TYR B 107 22.47 -13.30 -13.59
N CYS B 108 23.64 -12.94 -14.12
CA CYS B 108 23.76 -12.47 -15.51
C CYS B 108 23.45 -13.53 -16.59
N THR B 109 23.10 -13.06 -17.81
CA THR B 109 22.81 -13.88 -19.00
C THR B 109 24.04 -14.75 -19.33
N PRO B 110 23.85 -16.06 -19.61
CA PRO B 110 25.00 -16.90 -19.98
C PRO B 110 25.51 -16.56 -21.40
N ARG B 111 26.79 -16.90 -21.67
CA ARG B 111 27.40 -16.70 -22.98
C ARG B 111 26.76 -17.68 -23.96
N TYR B 112 26.45 -17.20 -25.17
CA TYR B 112 25.80 -17.99 -26.22
C TYR B 112 26.00 -17.34 -27.60
N SER B 113 25.95 -18.15 -28.66
CA SER B 113 26.10 -17.69 -30.04
C SER B 113 24.74 -17.25 -30.62
N GLU B 114 23.83 -18.21 -30.91
CA GLU B 114 22.50 -17.95 -31.46
C GLU B 114 21.35 -18.21 -30.45
N PHE B 115 20.13 -17.69 -30.73
CA PHE B 115 18.93 -17.80 -29.89
C PHE B 115 18.61 -19.23 -29.43
N GLU B 116 18.56 -20.20 -30.37
CA GLU B 116 18.25 -21.61 -30.11
C GLU B 116 19.08 -22.18 -28.95
N GLU B 117 20.34 -21.69 -28.78
CA GLU B 117 21.24 -22.09 -27.72
C GLU B 117 20.77 -21.51 -26.37
N LEU B 118 20.35 -20.22 -26.34
CA LEU B 118 19.88 -19.56 -25.11
C LEU B 118 18.57 -20.18 -24.65
N GLU B 119 17.68 -20.51 -25.61
CA GLU B 119 16.39 -21.15 -25.38
C GLU B 119 16.61 -22.54 -24.76
N ARG B 120 17.65 -23.28 -25.22
CA ARG B 120 18.03 -24.59 -24.65
C ARG B 120 18.49 -24.43 -23.19
N LYS B 121 19.34 -23.42 -22.92
CA LYS B 121 19.83 -23.10 -21.57
C LYS B 121 18.67 -22.74 -20.64
N TYR B 122 17.67 -21.97 -21.13
CA TYR B 122 16.50 -21.61 -20.34
C TYR B 122 15.74 -22.85 -19.84
N TRP B 123 15.35 -23.78 -20.77
CA TRP B 123 14.61 -24.98 -20.41
C TRP B 123 15.47 -26.03 -19.63
N LYS B 124 16.81 -25.93 -19.69
CA LYS B 124 17.69 -26.82 -18.93
C LYS B 124 17.88 -26.34 -17.49
N ASN B 125 17.96 -25.02 -17.27
CA ASN B 125 18.26 -24.46 -15.95
C ASN B 125 17.13 -23.71 -15.24
N LEU B 126 15.88 -23.79 -15.73
CA LEU B 126 14.78 -23.02 -15.12
C LEU B 126 14.46 -23.38 -13.64
N THR B 127 14.84 -24.59 -13.16
CA THR B 127 14.60 -24.98 -11.76
C THR B 127 15.78 -24.64 -10.83
N PHE B 128 16.91 -24.21 -11.41
CA PHE B 128 18.11 -23.84 -10.65
C PHE B 128 18.22 -22.32 -10.44
N ASN B 129 19.02 -21.90 -9.42
CA ASN B 129 19.32 -20.51 -9.03
C ASN B 129 18.11 -19.56 -9.21
N PRO B 130 17.05 -19.69 -8.36
CA PRO B 130 15.84 -18.87 -8.56
C PRO B 130 16.08 -17.35 -8.75
N PRO B 131 15.60 -16.78 -9.89
CA PRO B 131 15.76 -15.33 -10.11
C PRO B 131 14.70 -14.47 -9.40
N ILE B 132 14.87 -13.14 -9.44
CA ILE B 132 13.94 -12.16 -8.86
C ILE B 132 13.30 -11.32 -9.97
N TYR B 133 11.96 -11.23 -9.97
CA TYR B 133 11.20 -10.47 -10.97
C TYR B 133 10.61 -9.20 -10.34
N GLY B 134 10.89 -8.04 -10.94
CA GLY B 134 10.39 -6.73 -10.48
C GLY B 134 9.08 -6.40 -11.15
N ALA B 135 8.07 -7.24 -10.87
CA ALA B 135 6.74 -7.29 -11.49
C ALA B 135 5.62 -6.49 -10.83
N ASP B 136 4.58 -6.18 -11.65
CA ASP B 136 3.32 -5.51 -11.27
C ASP B 136 3.51 -4.14 -10.57
N VAL B 137 4.42 -3.29 -11.09
CA VAL B 137 4.67 -1.96 -10.50
C VAL B 137 3.66 -0.98 -11.11
N ASN B 138 2.83 -0.34 -10.28
CA ASN B 138 1.86 0.67 -10.75
C ASN B 138 2.62 1.92 -11.22
N GLY B 139 2.51 2.22 -12.50
CA GLY B 139 3.18 3.38 -13.09
C GLY B 139 3.38 3.30 -14.59
N THR B 140 3.91 4.40 -15.17
CA THR B 140 4.20 4.60 -16.58
C THR B 140 5.57 5.27 -16.79
N LEU B 141 6.21 5.04 -17.94
CA LEU B 141 7.46 5.72 -18.30
C LEU B 141 7.25 6.69 -19.49
N TYR B 142 5.99 6.83 -19.95
CA TYR B 142 5.62 7.76 -21.03
C TYR B 142 5.60 9.21 -20.51
N GLU B 143 6.07 10.16 -21.33
CA GLU B 143 6.02 11.60 -21.01
C GLU B 143 4.57 12.06 -21.24
N LYS B 144 4.11 13.04 -20.45
CA LYS B 144 2.74 13.58 -20.48
C LYS B 144 2.22 14.10 -21.84
N HIS B 145 3.11 14.58 -22.73
CA HIS B 145 2.72 15.14 -24.03
C HIS B 145 2.54 14.12 -25.17
N VAL B 146 3.05 12.87 -25.01
CA VAL B 146 2.96 11.80 -26.03
C VAL B 146 1.50 11.39 -26.22
N ASP B 147 0.97 11.55 -27.45
CA ASP B 147 -0.43 11.26 -27.79
C ASP B 147 -0.65 9.95 -28.56
N GLU B 148 0.40 9.42 -29.24
CA GLU B 148 0.33 8.19 -30.03
C GLU B 148 0.73 6.96 -29.22
N TRP B 149 -0.17 5.95 -29.15
CA TRP B 149 0.02 4.67 -28.47
C TRP B 149 0.45 4.83 -26.98
N ASN B 150 -0.14 5.84 -26.28
CA ASN B 150 0.16 6.09 -24.87
C ASN B 150 -0.58 5.04 -24.03
N ILE B 151 0.16 4.06 -23.47
CA ILE B 151 -0.37 2.93 -22.68
C ILE B 151 -1.26 3.43 -21.49
N GLY B 152 -0.99 4.65 -21.02
CA GLY B 152 -1.76 5.28 -19.94
C GLY B 152 -3.09 5.90 -20.34
N ARG B 153 -3.35 6.08 -21.65
CA ARG B 153 -4.61 6.67 -22.18
C ARG B 153 -4.91 6.26 -23.63
N LEU B 154 -5.23 4.96 -23.85
CA LEU B 154 -5.51 4.41 -25.18
C LEU B 154 -6.87 4.82 -25.76
N ARG B 155 -7.82 5.22 -24.89
CA ARG B 155 -9.18 5.71 -25.23
C ARG B 155 -10.05 4.70 -26.01
N THR B 156 -9.98 3.39 -25.64
CA THR B 156 -10.81 2.35 -26.28
C THR B 156 -12.20 2.28 -25.58
N ILE B 157 -13.09 1.35 -26.02
CA ILE B 157 -14.43 1.18 -25.42
C ILE B 157 -14.34 0.59 -23.97
N LEU B 158 -13.13 0.17 -23.53
CA LEU B 158 -12.92 -0.35 -22.17
C LEU B 158 -13.01 0.76 -21.11
N ASP B 159 -12.93 2.05 -21.54
CA ASP B 159 -13.02 3.23 -20.68
C ASP B 159 -14.40 3.38 -20.00
N LEU B 160 -15.44 2.70 -20.53
CA LEU B 160 -16.80 2.66 -20.01
C LEU B 160 -16.87 1.99 -18.62
N VAL B 161 -15.84 1.17 -18.27
CA VAL B 161 -15.76 0.48 -16.97
C VAL B 161 -15.57 1.54 -15.85
N GLU B 162 -14.57 2.44 -16.01
CA GLU B 162 -14.30 3.51 -15.04
C GLU B 162 -15.30 4.66 -15.18
N LYS B 163 -15.68 5.02 -16.42
CA LYS B 163 -16.59 6.11 -16.73
C LYS B 163 -18.06 5.85 -16.34
N GLU B 164 -18.58 4.63 -16.60
CA GLU B 164 -19.96 4.30 -16.28
C GLU B 164 -20.10 3.50 -14.98
N SER B 165 -19.53 2.28 -14.92
CA SER B 165 -19.59 1.41 -13.74
C SER B 165 -18.84 1.95 -12.50
N GLY B 166 -17.86 2.82 -12.72
CA GLY B 166 -17.06 3.45 -11.67
C GLY B 166 -16.02 2.54 -11.03
N ILE B 167 -15.70 1.40 -11.66
CA ILE B 167 -14.72 0.43 -11.15
C ILE B 167 -13.33 0.59 -11.79
N THR B 168 -12.28 0.67 -10.93
CA THR B 168 -10.87 0.79 -11.31
C THR B 168 -10.12 -0.48 -10.91
N ILE B 169 -9.53 -1.18 -11.91
CA ILE B 169 -8.80 -2.43 -11.72
C ILE B 169 -7.32 -2.28 -12.16
N GLU B 170 -6.39 -2.29 -11.18
CA GLU B 170 -4.94 -2.14 -11.37
C GLU B 170 -4.37 -3.15 -12.38
N GLY B 171 -3.70 -2.63 -13.41
CA GLY B 171 -3.11 -3.43 -14.47
C GLY B 171 -4.04 -3.71 -15.65
N VAL B 172 -5.37 -3.63 -15.41
CA VAL B 172 -6.43 -3.85 -16.41
C VAL B 172 -6.77 -2.53 -17.12
N ASN B 173 -7.12 -1.49 -16.36
CA ASN B 173 -7.43 -0.17 -16.92
C ASN B 173 -6.35 0.88 -16.57
N THR B 174 -5.28 0.49 -15.85
CA THR B 174 -4.15 1.35 -15.49
C THR B 174 -2.83 0.72 -15.99
N PRO B 175 -1.71 1.48 -16.18
CA PRO B 175 -0.47 0.83 -16.64
C PRO B 175 0.35 0.16 -15.52
N TYR B 176 1.11 -0.88 -15.91
CA TYR B 176 2.00 -1.68 -15.06
C TYR B 176 3.41 -1.75 -15.66
N LEU B 177 4.45 -1.71 -14.81
CA LEU B 177 5.85 -1.83 -15.20
C LEU B 177 6.43 -3.18 -14.74
N TYR B 178 7.33 -3.76 -15.56
CA TYR B 178 7.99 -5.04 -15.29
C TYR B 178 9.51 -4.94 -15.52
N PHE B 179 10.27 -5.06 -14.43
CA PHE B 179 11.72 -5.04 -14.48
C PHE B 179 12.18 -6.51 -14.46
N GLY B 180 12.77 -6.96 -15.57
CA GLY B 180 13.21 -8.34 -15.69
C GLY B 180 14.70 -8.55 -15.53
N MET B 181 15.08 -9.80 -15.30
CA MET B 181 16.47 -10.28 -15.27
C MET B 181 16.47 -11.63 -16.02
N TRP B 182 17.65 -12.16 -16.36
CA TRP B 182 17.75 -13.44 -17.06
C TRP B 182 16.96 -14.53 -16.32
N LYS B 183 16.19 -15.33 -17.07
CA LYS B 183 15.46 -16.52 -16.62
C LYS B 183 14.15 -16.23 -15.86
N THR B 184 13.71 -14.95 -15.80
CA THR B 184 12.40 -14.59 -15.22
C THR B 184 11.34 -14.94 -16.26
N SER B 185 10.20 -15.48 -15.83
CA SER B 185 9.16 -15.95 -16.74
C SER B 185 7.71 -15.60 -16.44
N PHE B 186 6.90 -15.68 -17.49
CA PHE B 186 5.45 -15.54 -17.37
C PHE B 186 4.82 -16.85 -17.89
N ALA B 187 3.99 -17.45 -17.05
CA ALA B 187 3.35 -18.72 -17.33
C ALA B 187 2.21 -18.68 -18.34
N TRP B 188 1.80 -19.85 -18.85
CA TRP B 188 0.70 -19.93 -19.84
C TRP B 188 -0.62 -19.35 -19.31
N HIS B 189 -1.19 -18.36 -20.04
CA HIS B 189 -2.44 -17.68 -19.65
C HIS B 189 -3.06 -16.86 -20.79
N THR B 190 -4.36 -16.50 -20.64
CA THR B 190 -5.07 -15.53 -21.50
C THR B 190 -5.23 -14.29 -20.59
N GLU B 191 -5.72 -13.18 -21.12
CA GLU B 191 -5.93 -11.98 -20.30
C GLU B 191 -7.17 -12.12 -19.40
N ASP B 192 -7.25 -11.30 -18.31
CA ASP B 192 -8.42 -11.27 -17.44
C ASP B 192 -9.60 -10.88 -18.34
N MET B 193 -10.76 -11.57 -18.19
CA MET B 193 -11.99 -11.38 -18.99
C MET B 193 -11.78 -11.66 -20.50
N ASP B 194 -10.67 -12.33 -20.85
CA ASP B 194 -10.22 -12.65 -22.22
C ASP B 194 -10.11 -11.38 -23.08
N LEU B 195 -9.57 -10.30 -22.51
CA LEU B 195 -9.36 -8.99 -23.14
C LEU B 195 -8.13 -9.00 -24.06
N TYR B 196 -7.86 -7.87 -24.75
CA TYR B 196 -6.65 -7.69 -25.56
C TYR B 196 -5.59 -7.14 -24.59
N SER B 197 -4.31 -7.17 -24.98
CA SER B 197 -3.25 -6.53 -24.22
C SER B 197 -2.20 -5.91 -25.13
N ILE B 198 -1.54 -4.86 -24.63
CA ILE B 198 -0.47 -4.11 -25.31
C ILE B 198 0.77 -4.14 -24.40
N ASN B 199 1.96 -4.42 -24.97
CA ASN B 199 3.24 -4.49 -24.25
C ASN B 199 4.33 -3.76 -25.04
N TYR B 200 4.96 -2.75 -24.41
CA TYR B 200 6.07 -1.99 -24.98
C TYR B 200 7.36 -2.25 -24.18
N LEU B 201 8.45 -2.66 -24.88
CA LEU B 201 9.75 -2.90 -24.26
C LEU B 201 10.56 -1.59 -24.28
N HIS B 202 10.59 -0.88 -23.14
CA HIS B 202 11.24 0.43 -22.98
C HIS B 202 12.74 0.41 -23.25
N PHE B 203 13.48 -0.53 -22.63
CA PHE B 203 14.94 -0.65 -22.78
C PHE B 203 15.44 -2.03 -22.34
N GLY B 204 16.70 -2.31 -22.67
CA GLY B 204 17.41 -3.51 -22.25
C GLY B 204 17.36 -4.70 -23.18
N GLU B 205 17.71 -5.87 -22.61
CA GLU B 205 17.79 -7.17 -23.26
C GLU B 205 16.46 -7.69 -23.79
N PRO B 206 16.43 -8.58 -24.81
CA PRO B 206 15.14 -9.08 -25.33
C PRO B 206 14.24 -9.88 -24.38
N LYS B 207 12.99 -10.09 -24.82
CA LYS B 207 11.92 -10.85 -24.17
C LYS B 207 11.36 -11.79 -25.26
N SER B 208 11.46 -13.13 -25.04
CA SER B 208 10.93 -14.13 -25.97
C SER B 208 9.51 -14.61 -25.59
N TRP B 209 8.66 -14.88 -26.60
CA TRP B 209 7.25 -15.22 -26.49
C TRP B 209 6.86 -16.52 -27.20
N TYR B 210 5.85 -17.24 -26.67
CA TYR B 210 5.23 -18.43 -27.26
C TYR B 210 3.73 -18.15 -27.33
N SER B 211 3.07 -18.50 -28.44
N SER B 211 3.06 -18.49 -28.45
CA SER B 211 1.62 -18.28 -28.60
CA SER B 211 1.62 -18.28 -28.59
C SER B 211 0.89 -19.47 -29.21
C SER B 211 0.88 -19.45 -29.23
N VAL B 212 -0.35 -19.71 -28.77
CA VAL B 212 -1.22 -20.77 -29.28
C VAL B 212 -2.40 -20.05 -29.96
N PRO B 213 -2.74 -20.38 -31.24
CA PRO B 213 -3.88 -19.70 -31.87
C PRO B 213 -5.20 -19.83 -31.11
N PRO B 214 -5.99 -18.74 -30.97
CA PRO B 214 -7.29 -18.83 -30.26
C PRO B 214 -8.22 -19.96 -30.72
N GLU B 215 -8.20 -20.33 -32.02
CA GLU B 215 -9.01 -21.44 -32.53
C GLU B 215 -8.53 -22.83 -32.02
N HIS B 216 -7.34 -22.88 -31.40
CA HIS B 216 -6.75 -24.10 -30.85
C HIS B 216 -6.62 -24.08 -29.31
N GLY B 217 -6.99 -22.97 -28.69
CA GLY B 217 -6.92 -22.73 -27.24
C GLY B 217 -7.54 -23.78 -26.35
N LYS B 218 -8.69 -24.36 -26.76
CA LYS B 218 -9.39 -25.42 -26.03
C LYS B 218 -8.61 -26.74 -25.99
N ARG B 219 -7.74 -26.94 -27.01
CA ARG B 219 -6.87 -28.11 -27.13
C ARG B 219 -5.78 -28.06 -26.05
N LEU B 220 -5.22 -26.86 -25.79
CA LEU B 220 -4.21 -26.64 -24.75
C LEU B 220 -4.84 -26.84 -23.36
N GLU B 221 -6.03 -26.27 -23.11
CA GLU B 221 -6.75 -26.41 -21.83
C GLU B 221 -6.96 -27.88 -21.47
N ARG B 222 -7.40 -28.71 -22.45
CA ARG B 222 -7.64 -30.16 -22.29
C ARG B 222 -6.36 -30.89 -21.92
N LEU B 223 -5.25 -30.54 -22.59
CA LEU B 223 -3.92 -31.11 -22.35
C LEU B 223 -3.40 -30.77 -20.94
N ALA B 224 -3.54 -29.49 -20.52
CA ALA B 224 -3.12 -29.00 -19.20
C ALA B 224 -3.91 -29.67 -18.07
N LYS B 225 -5.23 -29.90 -18.28
CA LYS B 225 -6.13 -30.57 -17.34
C LYS B 225 -5.72 -32.03 -17.15
N GLY B 226 -5.24 -32.66 -18.24
CA GLY B 226 -4.74 -34.03 -18.22
C GLY B 226 -3.50 -34.20 -17.36
N PHE B 227 -2.55 -33.26 -17.43
CA PHE B 227 -1.30 -33.28 -16.66
C PHE B 227 -1.45 -32.89 -15.19
N PHE B 228 -2.41 -31.99 -14.87
CA PHE B 228 -2.67 -31.53 -13.51
C PHE B 228 -4.13 -31.79 -13.12
N PRO B 229 -4.51 -33.05 -12.79
CA PRO B 229 -5.92 -33.34 -12.47
C PRO B 229 -6.46 -32.72 -11.17
N GLY B 230 -5.60 -32.59 -10.17
CA GLY B 230 -5.93 -32.01 -8.87
C GLY B 230 -6.28 -30.54 -8.96
N SER B 231 -5.42 -29.77 -9.65
CA SER B 231 -5.59 -28.33 -9.89
C SER B 231 -6.90 -28.04 -10.65
N ALA B 232 -7.30 -28.94 -11.58
CA ALA B 232 -8.53 -28.86 -12.37
C ALA B 232 -9.79 -28.98 -11.50
N GLN B 233 -9.82 -29.95 -10.55
CA GLN B 233 -10.95 -30.19 -9.64
C GLN B 233 -11.21 -29.02 -8.68
N SER B 234 -10.13 -28.36 -8.22
CA SER B 234 -10.17 -27.21 -7.31
C SER B 234 -10.65 -25.95 -8.03
N CYS B 235 -10.20 -25.76 -9.28
CA CYS B 235 -10.47 -24.58 -10.10
C CYS B 235 -10.53 -24.95 -11.60
N GLU B 236 -11.66 -24.65 -12.27
CA GLU B 236 -11.85 -24.89 -13.71
C GLU B 236 -10.93 -24.01 -14.55
N ALA B 237 -10.69 -22.77 -14.08
CA ALA B 237 -9.81 -21.82 -14.74
C ALA B 237 -8.46 -21.72 -14.00
N PHE B 238 -7.85 -22.89 -13.66
CA PHE B 238 -6.58 -22.96 -12.90
C PHE B 238 -5.38 -22.32 -13.64
N LEU B 239 -5.40 -22.21 -14.98
CA LEU B 239 -4.33 -21.55 -15.74
C LEU B 239 -4.30 -20.02 -15.48
N ARG B 240 -5.42 -19.46 -14.94
CA ARG B 240 -5.51 -18.04 -14.58
C ARG B 240 -4.68 -17.71 -13.31
N HIS B 241 -4.23 -18.77 -12.59
CA HIS B 241 -3.35 -18.64 -11.42
C HIS B 241 -1.91 -18.27 -11.85
N LYS B 242 -1.58 -18.43 -13.15
CA LYS B 242 -0.29 -18.12 -13.80
C LYS B 242 0.92 -18.82 -13.13
N MET B 243 0.81 -20.16 -12.96
CA MET B 243 1.81 -21.00 -12.30
C MET B 243 2.35 -22.13 -13.19
N THR B 244 1.68 -22.38 -14.33
CA THR B 244 1.95 -23.51 -15.22
C THR B 244 2.89 -23.17 -16.40
N LEU B 245 4.03 -23.89 -16.45
CA LEU B 245 5.02 -23.75 -17.51
C LEU B 245 5.09 -25.09 -18.31
N ILE B 246 4.92 -24.99 -19.64
CA ILE B 246 4.94 -26.13 -20.55
C ILE B 246 5.93 -25.80 -21.68
N SER B 247 6.93 -26.68 -21.92
CA SER B 247 7.94 -26.45 -22.96
C SER B 247 7.41 -26.67 -24.40
N PRO B 248 8.03 -26.01 -25.41
CA PRO B 248 7.57 -26.21 -26.80
C PRO B 248 7.71 -27.65 -27.32
N LEU B 249 8.67 -28.44 -26.80
CA LEU B 249 8.85 -29.85 -27.17
C LEU B 249 7.68 -30.68 -26.70
N MET B 250 7.09 -30.32 -25.54
CA MET B 250 5.93 -30.98 -24.95
C MET B 250 4.66 -30.68 -25.79
N LEU B 251 4.52 -29.44 -26.30
CA LEU B 251 3.42 -29.01 -27.19
C LEU B 251 3.49 -29.75 -28.53
N LYS B 252 4.72 -29.93 -29.06
CA LYS B 252 4.98 -30.66 -30.31
C LYS B 252 4.60 -32.16 -30.18
N LYS B 253 4.96 -32.77 -29.04
CA LYS B 253 4.70 -34.18 -28.69
C LYS B 253 3.19 -34.53 -28.62
N TYR B 254 2.35 -33.56 -28.21
CA TYR B 254 0.91 -33.79 -28.08
C TYR B 254 0.09 -33.02 -29.13
N GLY B 255 0.75 -32.64 -30.22
CA GLY B 255 0.15 -32.00 -31.39
C GLY B 255 -0.59 -30.69 -31.18
N ILE B 256 -0.12 -29.84 -30.25
CA ILE B 256 -0.72 -28.51 -30.02
C ILE B 256 -0.04 -27.52 -30.98
N PRO B 257 -0.79 -26.87 -31.92
CA PRO B 257 -0.16 -25.89 -32.82
C PRO B 257 0.28 -24.62 -32.06
N PHE B 258 1.49 -24.12 -32.36
CA PHE B 258 2.07 -22.94 -31.71
C PHE B 258 3.09 -22.21 -32.59
N ASP B 259 3.45 -20.97 -32.20
CA ASP B 259 4.47 -20.15 -32.87
C ASP B 259 5.30 -19.38 -31.83
N LYS B 260 6.54 -18.99 -32.19
CA LYS B 260 7.47 -18.26 -31.30
C LYS B 260 8.01 -16.97 -31.94
N VAL B 261 8.34 -15.97 -31.10
CA VAL B 261 8.82 -14.65 -31.54
C VAL B 261 9.65 -13.98 -30.43
N THR B 262 10.73 -13.25 -30.83
CA THR B 262 11.57 -12.48 -29.90
C THR B 262 11.27 -10.99 -30.05
N GLN B 263 10.97 -10.32 -28.93
CA GLN B 263 10.68 -8.88 -28.89
C GLN B 263 11.94 -8.12 -28.49
N GLU B 264 12.27 -7.07 -29.24
CA GLU B 264 13.44 -6.24 -28.95
C GLU B 264 13.07 -4.87 -28.42
N ALA B 265 14.04 -4.17 -27.78
CA ALA B 265 13.84 -2.83 -27.21
C ALA B 265 13.29 -1.88 -28.26
N GLY B 266 12.19 -1.20 -27.90
CA GLY B 266 11.50 -0.25 -28.76
C GLY B 266 10.40 -0.84 -29.64
N GLU B 267 10.00 -2.09 -29.41
CA GLU B 267 8.96 -2.77 -30.20
C GLU B 267 7.71 -3.07 -29.34
N PHE B 268 6.53 -3.09 -30.00
CA PHE B 268 5.25 -3.40 -29.35
C PHE B 268 4.81 -4.84 -29.63
N MET B 269 4.15 -5.48 -28.64
CA MET B 269 3.53 -6.79 -28.82
C MET B 269 2.03 -6.63 -28.50
N ILE B 270 1.15 -7.16 -29.37
CA ILE B 270 -0.31 -7.13 -29.18
C ILE B 270 -0.81 -8.55 -28.93
N THR B 271 -1.58 -8.79 -27.86
CA THR B 271 -2.20 -10.09 -27.60
C THR B 271 -3.69 -9.95 -27.88
N PHE B 272 -4.31 -10.99 -28.47
CA PHE B 272 -5.71 -10.95 -28.89
C PHE B 272 -6.63 -11.78 -27.99
N PRO B 273 -7.96 -11.51 -27.95
CA PRO B 273 -8.86 -12.29 -27.07
C PRO B 273 -8.78 -13.81 -27.22
N TYR B 274 -8.56 -14.50 -26.07
CA TYR B 274 -8.47 -15.96 -25.90
C TYR B 274 -7.17 -16.53 -26.56
N GLY B 275 -6.15 -15.66 -26.67
CA GLY B 275 -4.83 -16.01 -27.18
C GLY B 275 -3.92 -16.39 -26.02
N TYR B 276 -3.62 -17.69 -25.88
CA TYR B 276 -2.74 -18.19 -24.80
C TYR B 276 -1.29 -17.85 -25.12
N HIS B 277 -0.54 -17.33 -24.12
CA HIS B 277 0.86 -16.93 -24.28
C HIS B 277 1.70 -17.15 -23.01
N ALA B 278 3.00 -17.38 -23.20
CA ALA B 278 4.04 -17.60 -22.19
C ALA B 278 5.38 -17.11 -22.72
N GLY B 279 6.38 -16.99 -21.86
CA GLY B 279 7.72 -16.57 -22.29
C GLY B 279 8.71 -16.27 -21.20
N PHE B 280 9.87 -15.68 -21.60
CA PHE B 280 10.96 -15.37 -20.68
C PHE B 280 11.82 -14.17 -21.08
N ASN B 281 12.52 -13.59 -20.10
CA ASN B 281 13.44 -12.46 -20.30
C ASN B 281 14.89 -12.94 -20.47
N HIS B 282 15.62 -12.34 -21.44
CA HIS B 282 17.02 -12.66 -21.74
C HIS B 282 18.00 -12.08 -20.70
N GLY B 283 17.66 -10.93 -20.13
CA GLY B 283 18.49 -10.22 -19.15
C GLY B 283 17.79 -9.00 -18.60
N PHE B 284 18.56 -8.02 -18.06
CA PHE B 284 18.02 -6.77 -17.50
C PHE B 284 17.24 -5.96 -18.56
N ASN B 285 15.95 -5.69 -18.27
CA ASN B 285 15.06 -4.93 -19.16
C ASN B 285 13.88 -4.27 -18.41
N CYS B 286 13.05 -3.49 -19.13
CA CYS B 286 11.86 -2.85 -18.59
C CYS B 286 10.74 -2.80 -19.62
N ALA B 287 9.56 -3.33 -19.26
CA ALA B 287 8.36 -3.37 -20.12
C ALA B 287 7.15 -2.69 -19.47
N GLU B 288 6.25 -2.10 -20.29
CA GLU B 288 5.02 -1.47 -19.83
C GLU B 288 3.81 -2.15 -20.50
N SER B 289 2.75 -2.41 -19.72
CA SER B 289 1.54 -3.04 -20.24
C SER B 289 0.23 -2.56 -19.61
N THR B 290 -0.88 -2.81 -20.35
CA THR B 290 -2.28 -2.59 -19.99
C THR B 290 -3.18 -3.45 -20.91
N ASN B 291 -4.47 -3.56 -20.57
CA ASN B 291 -5.49 -4.26 -21.34
C ASN B 291 -6.33 -3.24 -22.07
N PHE B 292 -6.93 -3.63 -23.21
CA PHE B 292 -7.82 -2.77 -24.00
C PHE B 292 -8.92 -3.60 -24.67
N ALA B 293 -9.93 -2.94 -25.27
CA ALA B 293 -11.03 -3.62 -25.96
C ALA B 293 -11.43 -3.00 -27.31
N THR B 294 -12.17 -3.78 -28.14
CA THR B 294 -12.77 -3.41 -29.43
C THR B 294 -14.21 -3.95 -29.36
N ARG B 295 -15.04 -3.71 -30.40
CA ARG B 295 -16.42 -4.22 -30.44
C ARG B 295 -16.46 -5.76 -30.41
N ARG B 296 -15.47 -6.40 -31.07
CA ARG B 296 -15.31 -7.86 -31.16
C ARG B 296 -15.20 -8.55 -29.78
N TRP B 297 -14.48 -7.93 -28.83
CA TRP B 297 -14.26 -8.48 -27.47
C TRP B 297 -15.55 -8.74 -26.66
N ILE B 298 -16.61 -7.92 -26.82
CA ILE B 298 -17.87 -7.99 -26.07
C ILE B 298 -18.36 -9.45 -25.89
N GLU B 299 -18.43 -10.23 -26.99
CA GLU B 299 -18.87 -11.63 -26.95
C GLU B 299 -17.92 -12.55 -26.15
N TYR B 300 -16.60 -12.27 -26.19
CA TYR B 300 -15.56 -13.02 -25.47
C TYR B 300 -15.70 -12.81 -23.96
N GLY B 301 -16.00 -11.57 -23.55
CA GLY B 301 -16.18 -11.18 -22.16
C GLY B 301 -17.41 -11.80 -21.52
N LYS B 302 -18.49 -11.96 -22.32
CA LYS B 302 -19.75 -12.57 -21.91
C LYS B 302 -19.57 -14.09 -21.67
N GLN B 303 -18.73 -14.76 -22.48
CA GLN B 303 -18.48 -16.21 -22.48
C GLN B 303 -17.19 -16.69 -21.77
N ALA B 304 -16.42 -15.80 -21.13
CA ALA B 304 -15.16 -16.17 -20.47
C ALA B 304 -15.34 -17.03 -19.19
N VAL B 305 -14.51 -18.09 -19.04
CA VAL B 305 -14.51 -18.98 -17.87
C VAL B 305 -13.51 -18.39 -16.84
N LEU B 306 -14.05 -17.84 -15.74
CA LEU B 306 -13.29 -17.17 -14.69
C LEU B 306 -12.91 -18.08 -13.52
N CYS B 307 -11.81 -17.71 -12.78
CA CYS B 307 -11.34 -18.41 -11.57
C CYS B 307 -12.39 -18.26 -10.47
N SER B 308 -12.72 -19.39 -9.82
CA SER B 308 -13.74 -19.47 -8.77
C SER B 308 -13.20 -19.79 -7.37
N CYS B 309 -11.92 -20.18 -7.25
CA CYS B 309 -11.32 -20.58 -5.97
C CYS B 309 -10.74 -19.40 -5.15
N ARG B 310 -10.62 -18.20 -5.77
CA ARG B 310 -10.08 -17.01 -5.12
C ARG B 310 -11.12 -15.89 -5.15
N LYS B 311 -11.33 -15.24 -3.98
CA LYS B 311 -12.32 -14.16 -3.79
C LYS B 311 -11.92 -12.81 -4.37
N ASP B 312 -10.61 -12.56 -4.51
CA ASP B 312 -10.05 -11.30 -5.00
C ASP B 312 -9.86 -11.22 -6.54
N MET B 313 -10.47 -12.14 -7.30
CA MET B 313 -10.30 -12.21 -8.77
C MET B 313 -11.04 -11.11 -9.55
N VAL B 314 -10.55 -10.86 -10.78
CA VAL B 314 -11.05 -9.84 -11.70
C VAL B 314 -12.35 -10.28 -12.39
N LYS B 315 -13.41 -9.48 -12.20
CA LYS B 315 -14.74 -9.71 -12.78
C LYS B 315 -15.32 -8.36 -13.22
N ILE B 316 -15.61 -8.24 -14.53
CA ILE B 316 -16.17 -7.02 -15.11
C ILE B 316 -17.65 -7.26 -15.42
N SER B 317 -18.54 -6.29 -15.05
CA SER B 317 -19.97 -6.40 -15.33
C SER B 317 -20.18 -6.08 -16.81
N MET B 318 -20.71 -7.06 -17.56
CA MET B 318 -20.90 -6.95 -19.01
C MET B 318 -22.16 -6.21 -19.44
N ASP B 319 -23.09 -5.94 -18.50
CA ASP B 319 -24.38 -5.27 -18.70
C ASP B 319 -24.32 -3.98 -19.53
N VAL B 320 -23.41 -3.06 -19.17
CA VAL B 320 -23.18 -1.76 -19.84
C VAL B 320 -22.83 -1.95 -21.34
N PHE B 321 -21.95 -2.91 -21.66
CA PHE B 321 -21.51 -3.22 -23.03
C PHE B 321 -22.62 -3.79 -23.88
N VAL B 322 -23.49 -4.63 -23.28
CA VAL B 322 -24.64 -5.23 -23.98
C VAL B 322 -25.72 -4.15 -24.21
N ARG B 323 -26.03 -3.33 -23.19
CA ARG B 323 -27.04 -2.26 -23.31
C ARG B 323 -26.69 -1.18 -24.35
N LYS B 324 -25.39 -0.94 -24.57
CA LYS B 324 -24.89 0.08 -25.51
C LYS B 324 -24.62 -0.45 -26.93
N PHE B 325 -23.99 -1.64 -27.06
CA PHE B 325 -23.58 -2.20 -28.35
C PHE B 325 -24.44 -3.37 -28.88
N GLN B 326 -25.15 -4.10 -27.99
CA GLN B 326 -26.04 -5.20 -28.39
C GLN B 326 -27.47 -4.94 -27.78
N PRO B 327 -28.19 -3.83 -28.15
CA PRO B 327 -29.49 -3.59 -27.49
C PRO B 327 -30.57 -4.63 -27.75
N GLU B 328 -30.60 -5.19 -28.99
CA GLU B 328 -31.58 -6.19 -29.42
C GLU B 328 -31.43 -7.55 -28.70
N ARG B 329 -30.22 -7.86 -28.20
CA ARG B 329 -29.90 -9.13 -27.52
C ARG B 329 -29.95 -9.05 -25.98
N TYR B 330 -30.04 -7.83 -25.40
CA TYR B 330 -30.05 -7.56 -23.96
C TYR B 330 -31.05 -8.43 -23.16
N LYS B 331 -32.36 -8.37 -23.50
CA LYS B 331 -33.42 -9.13 -22.82
C LYS B 331 -33.24 -10.65 -22.97
N LEU B 332 -32.78 -11.12 -24.16
CA LEU B 332 -32.52 -12.53 -24.43
C LEU B 332 -31.33 -13.04 -23.59
N TRP B 333 -30.20 -12.27 -23.58
CA TRP B 333 -28.97 -12.57 -22.82
C TRP B 333 -29.23 -12.60 -21.31
N LYS B 334 -30.08 -11.67 -20.81
CA LYS B 334 -30.48 -11.60 -19.40
C LYS B 334 -31.36 -12.79 -19.01
N ALA B 335 -32.20 -13.29 -19.97
CA ALA B 335 -33.08 -14.44 -19.77
C ALA B 335 -32.27 -15.75 -19.68
N GLY B 336 -31.12 -15.79 -20.36
CA GLY B 336 -30.20 -16.93 -20.36
C GLY B 336 -30.38 -17.93 -21.48
N LYS B 337 -31.01 -17.52 -22.59
CA LYS B 337 -31.27 -18.39 -23.75
C LYS B 337 -30.36 -18.08 -24.97
N ASP B 338 -29.36 -17.19 -24.79
CA ASP B 338 -28.40 -16.80 -25.83
C ASP B 338 -27.40 -17.95 -26.08
N ASN B 339 -27.43 -18.53 -27.29
CA ASN B 339 -26.55 -19.64 -27.70
C ASN B 339 -25.61 -19.25 -28.87
N THR B 340 -25.01 -18.04 -28.79
CA THR B 340 -24.09 -17.50 -29.79
C THR B 340 -22.75 -18.24 -29.75
N VAL B 341 -22.31 -18.69 -30.93
CA VAL B 341 -21.04 -19.39 -31.14
C VAL B 341 -20.03 -18.39 -31.72
N ILE B 342 -18.87 -18.25 -31.06
CA ILE B 342 -17.81 -17.34 -31.50
C ILE B 342 -17.02 -17.97 -32.66
N ASP B 343 -16.81 -17.19 -33.73
CA ASP B 343 -15.95 -17.57 -34.85
C ASP B 343 -14.65 -16.76 -34.63
N HIS B 344 -13.55 -17.46 -34.27
CA HIS B 344 -12.25 -16.86 -33.96
C HIS B 344 -11.54 -16.24 -35.18
N THR B 345 -11.94 -16.64 -36.41
CA THR B 345 -11.33 -16.17 -37.66
C THR B 345 -11.87 -14.82 -38.14
N LEU B 346 -13.10 -14.45 -37.73
CA LEU B 346 -13.76 -13.20 -38.13
C LEU B 346 -13.12 -11.94 -37.55
N PRO B 347 -12.84 -10.91 -38.38
CA PRO B 347 -12.27 -9.68 -37.83
C PRO B 347 -13.33 -8.78 -37.18
N THR B 348 -12.87 -7.73 -36.47
CA THR B 348 -13.70 -6.75 -35.77
C THR B 348 -14.57 -5.94 -36.79
N PRO B 349 -15.83 -5.52 -36.44
CA PRO B 349 -16.64 -4.75 -37.42
C PRO B 349 -16.00 -3.45 -37.92
N GLU B 350 -15.11 -2.83 -37.12
CA GLU B 350 -14.37 -1.58 -37.39
C GLU B 350 -13.41 -1.71 -38.60
N ALA B 351 -13.09 -2.95 -39.00
CA ALA B 351 -12.20 -3.29 -40.12
C ALA B 351 -12.91 -3.24 -41.49
N ALA B 352 -14.23 -2.91 -41.51
CA ALA B 352 -15.06 -2.81 -42.72
C ALA B 352 -14.49 -1.89 -43.80
N GLU B 353 -13.90 -0.74 -43.38
CA GLU B 353 -13.29 0.25 -44.28
C GLU B 353 -12.05 -0.29 -45.04
N PHE B 354 -11.37 -1.31 -44.46
CA PHE B 354 -10.19 -1.94 -45.05
C PHE B 354 -10.60 -3.20 -45.82
N GLU C 7 -16.23 38.39 0.45
CA GLU C 7 -17.57 38.86 0.79
C GLU C 7 -17.65 40.40 0.90
N THR C 8 -16.51 41.06 1.19
CA THR C 8 -16.43 42.52 1.32
C THR C 8 -16.33 43.23 -0.04
N LEU C 9 -15.65 42.60 -1.03
CA LEU C 9 -15.50 43.15 -2.38
C LEU C 9 -16.82 43.00 -3.17
N ASN C 10 -17.27 44.10 -3.82
CA ASN C 10 -18.51 44.21 -4.61
C ASN C 10 -19.78 43.72 -3.83
N PRO C 11 -20.14 44.38 -2.68
CA PRO C 11 -21.35 43.94 -1.93
C PRO C 11 -22.68 44.19 -2.66
N SER C 12 -22.66 45.09 -3.66
N SER C 12 -22.69 45.10 -3.66
CA SER C 12 -23.79 45.48 -4.49
CA SER C 12 -23.88 45.41 -4.45
C SER C 12 -24.00 44.51 -5.67
C SER C 12 -24.04 44.48 -5.66
N ALA C 13 -22.97 43.68 -5.98
CA ALA C 13 -22.92 42.69 -7.09
C ALA C 13 -23.25 43.27 -8.50
N ARG C 14 -22.75 44.50 -8.76
CA ARG C 14 -22.94 45.24 -10.01
C ARG C 14 -21.96 44.78 -11.10
N ILE C 15 -22.34 44.91 -12.39
CA ILE C 15 -21.48 44.57 -13.54
C ILE C 15 -20.32 45.58 -13.62
N MET C 16 -19.07 45.08 -13.61
CA MET C 16 -17.85 45.89 -13.70
C MET C 16 -17.31 45.88 -15.14
N THR C 17 -16.64 46.98 -15.53
CA THR C 17 -15.99 47.15 -16.84
C THR C 17 -14.48 47.30 -16.62
N PHE C 18 -13.66 46.62 -17.45
CA PHE C 18 -12.19 46.63 -17.36
C PHE C 18 -11.52 47.15 -18.64
N TYR C 19 -10.44 47.92 -18.50
CA TYR C 19 -9.67 48.51 -19.61
C TYR C 19 -8.19 48.08 -19.53
N PRO C 20 -7.83 46.81 -19.90
CA PRO C 20 -6.41 46.40 -19.80
C PRO C 20 -5.47 47.07 -20.79
N THR C 21 -4.18 47.19 -20.42
CA THR C 21 -3.12 47.69 -21.31
C THR C 21 -2.72 46.51 -22.23
N MET C 22 -1.89 46.76 -23.27
N MET C 22 -1.92 46.76 -23.29
CA MET C 22 -1.41 45.75 -24.21
CA MET C 22 -1.47 45.70 -24.20
C MET C 22 -0.60 44.64 -23.48
C MET C 22 -0.63 44.62 -23.46
N GLU C 23 0.16 45.03 -22.44
CA GLU C 23 0.98 44.12 -21.61
C GLU C 23 0.11 43.20 -20.72
N GLU C 24 -0.99 43.76 -20.16
CA GLU C 24 -1.94 43.03 -19.31
C GLU C 24 -2.84 42.11 -20.14
N PHE C 25 -3.21 42.56 -21.35
CA PHE C 25 -4.07 41.86 -22.29
C PHE C 25 -3.45 40.57 -22.88
N ARG C 26 -2.10 40.49 -22.92
CA ARG C 26 -1.34 39.36 -23.46
C ARG C 26 -1.62 38.00 -22.80
N ASN C 27 -1.68 37.96 -21.46
CA ASN C 27 -1.93 36.71 -20.73
C ASN C 27 -3.41 36.63 -20.34
N PHE C 28 -4.20 35.78 -21.06
CA PHE C 28 -5.64 35.60 -20.85
C PHE C 28 -6.03 35.06 -19.48
N SER C 29 -5.47 33.89 -19.10
CA SER C 29 -5.80 33.24 -17.82
C SER C 29 -5.48 34.09 -16.60
N ARG C 30 -4.34 34.81 -16.64
CA ARG C 30 -3.89 35.70 -15.58
C ARG C 30 -4.85 36.90 -15.44
N TYR C 31 -5.36 37.44 -16.59
CA TYR C 31 -6.27 38.58 -16.53
C TYR C 31 -7.65 38.19 -15.96
N ILE C 32 -8.10 36.93 -16.17
CA ILE C 32 -9.35 36.41 -15.59
C ILE C 32 -9.18 36.36 -14.06
N ALA C 33 -8.01 35.85 -13.57
CA ALA C 33 -7.65 35.79 -12.14
C ALA C 33 -7.64 37.20 -11.49
N TYR C 34 -7.09 38.21 -12.20
CA TYR C 34 -7.07 39.61 -11.77
C TYR C 34 -8.49 40.19 -11.61
N ILE C 35 -9.42 39.96 -12.58
CA ILE C 35 -10.79 40.53 -12.49
C ILE C 35 -11.58 39.88 -11.31
N GLU C 36 -11.31 38.60 -10.99
CA GLU C 36 -11.94 37.88 -9.87
C GLU C 36 -11.44 38.39 -8.52
N SER C 37 -10.15 38.80 -8.42
CA SER C 37 -9.59 39.37 -7.19
C SER C 37 -10.24 40.74 -6.87
N GLN C 38 -10.79 41.40 -7.92
CA GLN C 38 -11.52 42.67 -7.87
C GLN C 38 -13.01 42.47 -7.51
N GLY C 39 -13.49 41.21 -7.58
CA GLY C 39 -14.86 40.83 -7.28
C GLY C 39 -15.82 40.82 -8.46
N ALA C 40 -15.31 40.77 -9.71
CA ALA C 40 -16.14 40.79 -10.92
C ALA C 40 -17.10 39.60 -11.10
N HIS C 41 -16.70 38.40 -10.62
CA HIS C 41 -17.45 37.14 -10.71
C HIS C 41 -18.79 37.18 -9.92
N ARG C 42 -18.91 38.10 -8.95
CA ARG C 42 -20.10 38.24 -8.10
C ARG C 42 -21.36 38.70 -8.85
N ALA C 43 -21.21 39.46 -9.94
CA ALA C 43 -22.31 39.92 -10.77
C ALA C 43 -22.76 38.81 -11.74
N GLY C 44 -21.85 37.88 -12.06
CA GLY C 44 -22.05 36.77 -13.00
C GLY C 44 -21.73 37.15 -14.43
N LEU C 45 -21.45 38.44 -14.66
CA LEU C 45 -21.15 39.03 -15.97
C LEU C 45 -20.19 40.22 -15.82
N ALA C 46 -19.21 40.35 -16.73
CA ALA C 46 -18.26 41.46 -16.79
C ALA C 46 -17.93 41.84 -18.23
N LYS C 47 -17.69 43.14 -18.46
CA LYS C 47 -17.30 43.70 -19.75
C LYS C 47 -15.77 43.97 -19.79
N VAL C 48 -15.11 43.58 -20.88
CA VAL C 48 -13.67 43.85 -21.06
C VAL C 48 -13.47 44.63 -22.37
N VAL C 49 -12.97 45.88 -22.26
CA VAL C 49 -12.66 46.74 -23.42
C VAL C 49 -11.17 46.54 -23.79
N PRO C 50 -10.87 45.97 -24.98
CA PRO C 50 -9.46 45.71 -25.35
C PRO C 50 -8.67 46.97 -25.73
N PRO C 51 -7.30 46.90 -25.76
CA PRO C 51 -6.53 48.10 -26.20
C PRO C 51 -6.90 48.51 -27.62
N LYS C 52 -6.96 49.84 -27.87
CA LYS C 52 -7.32 50.45 -29.15
C LYS C 52 -6.45 50.02 -30.34
N GLU C 53 -5.20 49.59 -30.08
CA GLU C 53 -4.26 49.13 -31.12
C GLU C 53 -4.37 47.61 -31.39
N TRP C 54 -5.42 46.95 -30.85
CA TRP C 54 -5.66 45.52 -31.06
C TRP C 54 -6.82 45.30 -32.02
N LYS C 55 -6.67 44.31 -32.92
CA LYS C 55 -7.69 43.95 -33.91
C LYS C 55 -7.57 42.47 -34.26
N PRO C 56 -8.67 41.68 -34.28
CA PRO C 56 -8.53 40.25 -34.64
C PRO C 56 -8.59 39.95 -36.14
N ARG C 57 -8.98 40.94 -36.99
CA ARG C 57 -9.13 40.82 -38.45
C ARG C 57 -8.97 42.20 -39.12
N ALA C 58 -8.28 42.25 -40.28
CA ALA C 58 -8.03 43.48 -41.03
C ALA C 58 -9.29 44.20 -41.54
N SER C 59 -10.28 43.44 -42.06
CA SER C 59 -11.57 43.95 -42.58
C SER C 59 -12.64 42.85 -42.64
N TYR C 60 -13.92 43.25 -42.79
CA TYR C 60 -15.03 42.30 -42.89
C TYR C 60 -15.72 42.32 -44.29
N ASP C 61 -14.96 42.72 -45.32
CA ASP C 61 -15.41 42.81 -46.72
C ASP C 61 -15.55 41.46 -47.43
N ASP C 62 -14.86 40.42 -46.93
CA ASP C 62 -14.80 39.08 -47.52
C ASP C 62 -15.73 38.04 -46.89
N ILE C 63 -16.77 38.47 -46.14
CA ILE C 63 -17.65 37.51 -45.45
C ILE C 63 -19.08 37.40 -46.05
N ASP C 64 -19.41 38.20 -47.10
CA ASP C 64 -20.74 38.18 -47.73
C ASP C 64 -21.14 36.81 -48.37
N ASP C 65 -20.14 36.01 -48.74
CA ASP C 65 -20.35 34.69 -49.34
C ASP C 65 -20.37 33.54 -48.33
N LEU C 66 -20.19 33.84 -47.03
CA LEU C 66 -20.23 32.85 -45.95
C LEU C 66 -21.66 32.31 -45.78
N VAL C 67 -21.79 30.97 -45.63
CA VAL C 67 -23.03 30.22 -45.51
C VAL C 67 -23.41 30.00 -44.05
N ILE C 68 -24.70 30.28 -43.73
CA ILE C 68 -25.31 30.01 -42.42
C ILE C 68 -26.11 28.72 -42.68
N PRO C 69 -25.56 27.54 -42.29
CA PRO C 69 -26.24 26.27 -42.63
C PRO C 69 -27.66 26.07 -42.10
N ALA C 70 -27.97 26.59 -40.89
CA ALA C 70 -29.27 26.41 -40.26
C ALA C 70 -29.83 27.65 -39.58
N PRO C 71 -30.37 28.63 -40.35
CA PRO C 71 -30.98 29.81 -39.70
C PRO C 71 -32.28 29.43 -38.95
N ILE C 72 -32.62 30.19 -37.90
CA ILE C 72 -33.80 29.89 -37.08
C ILE C 72 -34.77 31.07 -36.97
N GLN C 73 -36.07 30.81 -37.22
CA GLN C 73 -37.13 31.79 -37.05
C GLN C 73 -37.61 31.64 -35.60
N GLN C 74 -37.55 32.74 -34.84
CA GLN C 74 -37.89 32.74 -33.42
C GLN C 74 -39.34 33.13 -33.14
N LEU C 75 -40.21 32.13 -32.92
CA LEU C 75 -41.61 32.40 -32.59
C LEU C 75 -41.81 32.45 -31.09
N VAL C 76 -42.45 33.52 -30.59
CA VAL C 76 -42.64 33.74 -29.16
C VAL C 76 -44.13 33.79 -28.82
N THR C 77 -44.53 33.11 -27.71
CA THR C 77 -45.90 33.07 -27.18
C THR C 77 -45.89 33.40 -25.68
N GLY C 78 -46.84 34.23 -25.26
CA GLY C 78 -46.98 34.62 -23.86
C GLY C 78 -47.62 35.97 -23.62
N GLN C 79 -47.61 36.39 -22.34
CA GLN C 79 -48.21 37.63 -21.84
C GLN C 79 -47.73 37.89 -20.41
N SER C 80 -47.96 39.13 -19.92
CA SER C 80 -47.63 39.61 -18.57
C SER C 80 -46.19 39.30 -18.13
N GLY C 81 -45.24 39.50 -19.05
CA GLY C 81 -43.82 39.29 -18.82
C GLY C 81 -43.29 37.87 -18.78
N LEU C 82 -44.12 36.86 -19.13
CA LEU C 82 -43.72 35.44 -19.16
C LEU C 82 -43.94 34.90 -20.57
N PHE C 83 -42.87 34.38 -21.20
CA PHE C 83 -42.90 33.92 -22.59
C PHE C 83 -42.15 32.61 -22.86
N THR C 84 -42.59 31.89 -23.91
CA THR C 84 -41.95 30.67 -24.41
C THR C 84 -41.57 30.93 -25.87
N GLN C 85 -40.30 30.68 -26.20
CA GLN C 85 -39.73 30.83 -27.53
C GLN C 85 -39.61 29.45 -28.21
N TYR C 86 -40.08 29.36 -29.47
CA TYR C 86 -40.07 28.16 -30.30
C TYR C 86 -39.15 28.39 -31.49
N ASN C 87 -38.18 27.49 -31.69
CA ASN C 87 -37.22 27.56 -32.78
C ASN C 87 -37.70 26.83 -34.03
N ILE C 88 -37.81 27.56 -35.16
CA ILE C 88 -38.26 27.02 -36.44
C ILE C 88 -37.11 27.09 -37.44
N GLN C 89 -36.55 25.93 -37.82
CA GLN C 89 -35.43 25.88 -38.76
C GLN C 89 -35.86 26.22 -40.18
N LYS C 90 -35.05 27.03 -40.85
CA LYS C 90 -35.26 27.47 -42.24
C LYS C 90 -34.12 26.91 -43.10
N LYS C 91 -34.24 27.00 -44.43
CA LYS C 91 -33.21 26.54 -45.37
C LYS C 91 -31.96 27.44 -45.25
N ALA C 92 -30.78 26.91 -45.59
CA ALA C 92 -29.49 27.61 -45.55
C ALA C 92 -29.50 28.89 -46.40
N MET C 93 -28.75 29.91 -45.96
CA MET C 93 -28.61 31.18 -46.67
C MET C 93 -27.22 31.79 -46.46
N THR C 94 -26.79 32.70 -47.36
CA THR C 94 -25.51 33.41 -47.26
C THR C 94 -25.64 34.59 -46.27
N VAL C 95 -24.51 35.22 -45.91
CA VAL C 95 -24.48 36.42 -45.05
C VAL C 95 -25.12 37.61 -45.86
N ARG C 96 -24.98 37.61 -47.20
CA ARG C 96 -25.58 38.60 -48.11
C ARG C 96 -27.13 38.56 -48.08
N GLU C 97 -27.73 37.34 -48.13
CA GLU C 97 -29.19 37.12 -48.07
C GLU C 97 -29.75 37.52 -46.70
N PHE C 98 -29.00 37.21 -45.62
CA PHE C 98 -29.38 37.52 -44.24
C PHE C 98 -29.43 39.03 -44.01
N ARG C 99 -28.37 39.76 -44.42
CA ARG C 99 -28.22 41.22 -44.31
C ARG C 99 -29.38 41.98 -45.00
N LYS C 100 -29.82 41.52 -46.18
CA LYS C 100 -30.94 42.10 -46.95
C LYS C 100 -32.26 42.02 -46.14
N ILE C 101 -32.54 40.86 -45.53
CA ILE C 101 -33.75 40.66 -44.72
C ILE C 101 -33.67 41.55 -43.46
N ALA C 102 -32.51 41.55 -42.77
CA ALA C 102 -32.27 42.34 -41.56
C ALA C 102 -32.50 43.85 -41.76
N ASN C 103 -32.13 44.40 -42.93
CA ASN C 103 -32.31 45.83 -43.20
C ASN C 103 -33.62 46.20 -43.89
N SER C 104 -34.44 45.20 -44.28
CA SER C 104 -35.73 45.43 -44.94
C SER C 104 -36.75 46.09 -43.99
N ASP C 105 -37.79 46.73 -44.55
CA ASP C 105 -38.82 47.46 -43.80
C ASP C 105 -39.50 46.63 -42.70
N LYS C 106 -39.76 45.35 -42.97
CA LYS C 106 -40.43 44.45 -42.02
C LYS C 106 -39.55 44.01 -40.85
N TYR C 107 -38.20 44.09 -40.96
CA TYR C 107 -37.32 43.60 -39.89
C TYR C 107 -36.31 44.60 -39.32
N CYS C 108 -36.19 45.81 -39.91
CA CYS C 108 -35.23 46.83 -39.46
C CYS C 108 -35.52 47.38 -38.04
N THR C 109 -34.45 47.93 -37.41
CA THR C 109 -34.48 48.56 -36.09
C THR C 109 -35.42 49.78 -36.11
N PRO C 110 -36.36 49.89 -35.14
CA PRO C 110 -37.22 51.09 -35.11
C PRO C 110 -36.45 52.34 -34.66
N ARG C 111 -36.99 53.54 -34.99
CA ARG C 111 -36.41 54.81 -34.60
C ARG C 111 -36.58 55.00 -33.08
N TYR C 112 -35.53 55.49 -32.40
CA TYR C 112 -35.53 55.70 -30.94
C TYR C 112 -34.55 56.78 -30.48
N SER C 113 -34.87 57.42 -29.34
CA SER C 113 -34.04 58.46 -28.74
C SER C 113 -32.92 57.83 -27.89
N GLU C 114 -33.30 57.17 -26.77
CA GLU C 114 -32.38 56.50 -25.83
C GLU C 114 -32.72 55.01 -25.65
N PHE C 115 -31.77 54.23 -25.06
CA PHE C 115 -31.89 52.78 -24.84
C PHE C 115 -33.21 52.35 -24.17
N GLU C 116 -33.62 53.04 -23.07
CA GLU C 116 -34.83 52.75 -22.31
C GLU C 116 -36.07 52.61 -23.19
N GLU C 117 -36.14 53.43 -24.28
CA GLU C 117 -37.20 53.42 -25.28
C GLU C 117 -37.11 52.15 -26.16
N LEU C 118 -35.89 51.77 -26.60
CA LEU C 118 -35.69 50.56 -27.41
C LEU C 118 -35.98 49.29 -26.58
N GLU C 119 -35.61 49.30 -25.28
CA GLU C 119 -35.85 48.19 -24.35
C GLU C 119 -37.39 47.99 -24.18
N ARG C 120 -38.13 49.12 -24.02
CA ARG C 120 -39.60 49.14 -23.91
C ARG C 120 -40.26 48.57 -25.18
N LYS C 121 -39.73 48.91 -26.39
CA LYS C 121 -40.24 48.45 -27.68
C LYS C 121 -40.06 46.95 -27.86
N TYR C 122 -38.94 46.42 -27.34
CA TYR C 122 -38.61 45.01 -27.40
C TYR C 122 -39.60 44.21 -26.57
N TRP C 123 -39.80 44.57 -25.28
CA TRP C 123 -40.72 43.83 -24.42
C TRP C 123 -42.19 43.97 -24.84
N LYS C 124 -42.53 45.02 -25.63
CA LYS C 124 -43.86 45.29 -26.18
C LYS C 124 -44.12 44.54 -27.50
N ASN C 125 -43.07 44.30 -28.33
CA ASN C 125 -43.24 43.70 -29.65
C ASN C 125 -42.60 42.30 -29.88
N LEU C 126 -41.98 41.68 -28.85
N LEU C 126 -42.04 41.70 -28.81
CA LEU C 126 -41.27 40.38 -28.97
CA LEU C 126 -41.38 40.39 -28.77
C LEU C 126 -42.14 39.22 -29.52
C LEU C 126 -42.15 39.25 -29.45
N THR C 127 -43.48 39.26 -29.35
CA THR C 127 -44.34 38.21 -29.89
C THR C 127 -44.79 38.47 -31.35
N PHE C 128 -44.59 39.72 -31.87
CA PHE C 128 -44.96 40.09 -33.24
C PHE C 128 -43.78 40.00 -34.23
N ASN C 129 -44.07 39.82 -35.54
CA ASN C 129 -43.10 39.74 -36.67
C ASN C 129 -41.84 38.90 -36.31
N PRO C 130 -41.98 37.54 -36.11
CA PRO C 130 -40.83 36.73 -35.69
C PRO C 130 -39.55 36.90 -36.52
N PRO C 131 -38.41 37.27 -35.88
CA PRO C 131 -37.18 37.50 -36.67
C PRO C 131 -36.42 36.20 -36.99
N ILE C 132 -35.36 36.30 -37.80
CA ILE C 132 -34.50 35.18 -38.15
C ILE C 132 -33.13 35.38 -37.50
N TYR C 133 -32.62 34.34 -36.81
CA TYR C 133 -31.32 34.35 -36.13
C TYR C 133 -30.37 33.35 -36.81
N GLY C 134 -29.23 33.85 -37.30
CA GLY C 134 -28.19 33.03 -37.92
C GLY C 134 -27.24 32.51 -36.86
N ALA C 135 -27.75 31.63 -35.98
CA ALA C 135 -27.07 31.09 -34.80
C ALA C 135 -26.34 29.78 -35.02
N ASP C 136 -25.39 29.45 -34.08
CA ASP C 136 -24.61 28.21 -34.02
C ASP C 136 -23.82 27.85 -35.30
N VAL C 137 -23.20 28.85 -35.95
CA VAL C 137 -22.40 28.61 -37.15
C VAL C 137 -20.98 28.22 -36.69
N ASN C 138 -20.48 27.04 -37.10
CA ASN C 138 -19.12 26.57 -36.77
C ASN C 138 -18.07 27.39 -37.51
N GLY C 139 -17.19 28.04 -36.76
CA GLY C 139 -16.13 28.86 -37.35
C GLY C 139 -15.66 30.03 -36.50
N THR C 140 -14.65 30.75 -37.03
CA THR C 140 -13.98 31.91 -36.42
C THR C 140 -13.75 33.02 -37.46
N LEU C 141 -13.70 34.30 -37.01
CA LEU C 141 -13.38 35.43 -37.89
C LEU C 141 -12.00 36.00 -37.55
N TYR C 142 -11.35 35.40 -36.54
CA TYR C 142 -9.99 35.76 -36.12
C TYR C 142 -9.01 35.25 -37.15
N GLU C 143 -7.96 36.03 -37.41
CA GLU C 143 -6.86 35.64 -38.28
C GLU C 143 -6.03 34.64 -37.48
N LYS C 144 -5.43 33.65 -38.16
CA LYS C 144 -4.65 32.58 -37.54
C LYS C 144 -3.47 33.05 -36.66
N HIS C 145 -2.79 34.15 -37.05
CA HIS C 145 -1.61 34.68 -36.35
C HIS C 145 -1.88 35.47 -35.04
N VAL C 146 -3.13 35.93 -34.80
CA VAL C 146 -3.53 36.68 -33.60
C VAL C 146 -3.37 35.80 -32.34
N ASP C 147 -2.43 36.17 -31.45
CA ASP C 147 -2.09 35.39 -30.25
C ASP C 147 -2.84 35.76 -28.97
N GLU C 148 -3.36 36.99 -28.86
CA GLU C 148 -4.04 37.40 -27.63
C GLU C 148 -5.57 37.36 -27.75
N TRP C 149 -6.21 36.69 -26.77
CA TRP C 149 -7.65 36.47 -26.61
C TRP C 149 -8.29 35.79 -27.85
N ASN C 150 -7.58 34.83 -28.44
CA ASN C 150 -8.06 34.08 -29.60
C ASN C 150 -9.06 33.03 -29.13
N ILE C 151 -10.35 33.25 -29.44
CA ILE C 151 -11.48 32.40 -29.05
C ILE C 151 -11.30 30.95 -29.56
N GLY C 152 -10.57 30.78 -30.66
CA GLY C 152 -10.26 29.47 -31.22
C GLY C 152 -9.23 28.67 -30.45
N ARG C 153 -8.30 29.35 -29.72
CA ARG C 153 -7.23 28.70 -28.94
C ARG C 153 -6.87 29.45 -27.64
N LEU C 154 -7.80 29.45 -26.67
CA LEU C 154 -7.60 30.13 -25.36
C LEU C 154 -6.61 29.41 -24.46
N ARG C 155 -6.52 28.07 -24.59
N ARG C 155 -6.53 28.07 -24.60
CA ARG C 155 -5.63 27.15 -23.88
CA ARG C 155 -5.64 27.13 -23.89
C ARG C 155 -5.78 27.20 -22.34
C ARG C 155 -5.78 27.20 -22.34
N THR C 156 -7.00 26.92 -21.85
CA THR C 156 -7.33 26.86 -20.40
C THR C 156 -7.31 25.37 -20.00
N ILE C 157 -7.74 25.02 -18.77
CA ILE C 157 -7.74 23.62 -18.33
C ILE C 157 -8.89 22.80 -18.97
N LEU C 158 -9.75 23.45 -19.78
CA LEU C 158 -10.86 22.80 -20.51
C LEU C 158 -10.28 21.91 -21.65
N ASP C 159 -9.04 22.22 -22.08
CA ASP C 159 -8.27 21.49 -23.09
C ASP C 159 -7.99 20.04 -22.69
N LEU C 160 -8.08 19.71 -21.37
CA LEU C 160 -7.92 18.37 -20.81
C LEU C 160 -8.96 17.38 -21.34
N VAL C 161 -10.13 17.89 -21.78
CA VAL C 161 -11.24 17.12 -22.36
C VAL C 161 -10.80 16.53 -23.72
N GLU C 162 -10.32 17.40 -24.65
CA GLU C 162 -9.86 17.03 -25.99
C GLU C 162 -8.57 16.21 -25.98
N LYS C 163 -7.61 16.58 -25.08
CA LYS C 163 -6.32 15.88 -24.93
C LYS C 163 -6.46 14.47 -24.36
N GLU C 164 -7.52 14.23 -23.56
CA GLU C 164 -7.82 12.93 -22.95
C GLU C 164 -9.31 12.59 -23.08
CA THR C 168 -14.92 17.30 -29.32
C THR C 168 -16.40 17.67 -29.12
N ILE C 169 -16.65 18.86 -28.52
CA ILE C 169 -18.00 19.38 -28.26
C ILE C 169 -18.18 20.77 -28.89
N GLU C 170 -18.86 20.82 -30.05
CA GLU C 170 -19.16 22.02 -30.85
C GLU C 170 -19.80 23.15 -30.03
N GLY C 171 -19.13 24.30 -30.00
CA GLY C 171 -19.56 25.47 -29.24
C GLY C 171 -19.04 25.54 -27.81
N VAL C 172 -18.57 24.40 -27.27
CA VAL C 172 -18.02 24.27 -25.91
C VAL C 172 -16.48 24.45 -25.99
N ASN C 173 -15.78 23.56 -26.70
CA ASN C 173 -14.33 23.69 -26.88
C ASN C 173 -13.95 24.16 -28.30
N THR C 174 -14.96 24.56 -29.11
CA THR C 174 -14.77 25.06 -30.48
C THR C 174 -15.50 26.41 -30.65
N PRO C 175 -15.10 27.32 -31.57
CA PRO C 175 -15.81 28.60 -31.70
C PRO C 175 -17.11 28.53 -32.50
N TYR C 176 -18.05 29.43 -32.16
CA TYR C 176 -19.36 29.58 -32.80
C TYR C 176 -19.58 31.04 -33.20
N LEU C 177 -20.23 31.23 -34.35
CA LEU C 177 -20.59 32.54 -34.89
C LEU C 177 -22.11 32.73 -34.81
N TYR C 178 -22.53 33.95 -34.45
CA TYR C 178 -23.94 34.34 -34.32
C TYR C 178 -24.22 35.62 -35.12
N PHE C 179 -25.06 35.50 -36.16
CA PHE C 179 -25.47 36.66 -36.99
C PHE C 179 -26.87 37.10 -36.52
N GLY C 180 -26.96 38.31 -36.00
CA GLY C 180 -28.21 38.83 -35.48
C GLY C 180 -28.92 39.88 -36.32
N MET C 181 -30.19 40.11 -35.99
CA MET C 181 -31.05 41.18 -36.53
C MET C 181 -31.86 41.71 -35.35
N TRP C 182 -32.60 42.82 -35.53
CA TRP C 182 -33.42 43.44 -34.47
C TRP C 182 -34.40 42.44 -33.84
N LYS C 183 -34.49 42.43 -32.49
CA LYS C 183 -35.45 41.62 -31.73
C LYS C 183 -35.06 40.11 -31.62
N THR C 184 -33.91 39.66 -32.19
CA THR C 184 -33.45 38.28 -31.99
C THR C 184 -32.94 38.21 -30.53
N SER C 185 -33.22 37.11 -29.84
CA SER C 185 -32.85 37.02 -28.43
C SER C 185 -32.35 35.70 -27.91
N PHE C 186 -31.69 35.77 -26.76
CA PHE C 186 -31.22 34.58 -26.05
C PHE C 186 -31.94 34.50 -24.71
N ALA C 187 -32.54 33.34 -24.45
CA ALA C 187 -33.32 33.05 -23.23
C ALA C 187 -32.50 32.84 -21.96
N TRP C 188 -33.14 32.96 -20.80
CA TRP C 188 -32.47 32.77 -19.51
C TRP C 188 -31.79 31.40 -19.37
N HIS C 189 -30.45 31.38 -19.14
CA HIS C 189 -29.70 30.13 -18.97
C HIS C 189 -28.32 30.33 -18.33
N THR C 190 -27.69 29.22 -17.93
CA THR C 190 -26.30 29.14 -17.51
C THR C 190 -25.57 28.35 -18.65
N GLU C 191 -24.23 28.33 -18.66
CA GLU C 191 -23.49 27.59 -19.69
C GLU C 191 -23.57 26.08 -19.44
N ASP C 192 -23.30 25.25 -20.48
CA ASP C 192 -23.28 23.80 -20.33
C ASP C 192 -22.26 23.45 -19.24
N MET C 193 -22.62 22.52 -18.33
CA MET C 193 -21.80 22.09 -17.18
C MET C 193 -21.47 23.27 -16.20
N ASP C 194 -22.16 24.43 -16.35
CA ASP C 194 -21.98 25.67 -15.56
C ASP C 194 -20.56 26.26 -15.74
N LEU C 195 -20.04 26.18 -16.97
CA LEU C 195 -18.72 26.69 -17.37
C LEU C 195 -18.72 28.24 -17.50
N TYR C 196 -17.56 28.82 -17.85
CA TYR C 196 -17.42 30.24 -18.14
C TYR C 196 -17.70 30.36 -19.65
N SER C 197 -17.96 31.57 -20.16
CA SER C 197 -18.06 31.82 -21.59
C SER C 197 -17.44 33.16 -21.95
N ILE C 198 -16.96 33.26 -23.19
CA ILE C 198 -16.36 34.48 -23.73
C ILE C 198 -17.17 34.87 -24.98
N ASN C 199 -17.51 36.16 -25.12
CA ASN C 199 -18.28 36.66 -26.24
C ASN C 199 -17.64 37.93 -26.77
N TYR C 200 -17.27 37.94 -28.08
CA TYR C 200 -16.72 39.10 -28.75
C TYR C 200 -17.66 39.55 -29.89
N LEU C 201 -18.09 40.83 -29.86
CA LEU C 201 -18.93 41.41 -30.92
C LEU C 201 -18.02 41.98 -32.04
N HIS C 202 -17.89 41.24 -33.18
CA HIS C 202 -17.00 41.65 -34.29
C HIS C 202 -17.38 42.99 -34.95
N PHE C 203 -18.68 43.17 -35.27
CA PHE C 203 -19.20 44.35 -35.96
C PHE C 203 -20.72 44.49 -35.83
N GLY C 204 -21.23 45.67 -36.19
CA GLY C 204 -22.66 45.97 -36.25
C GLY C 204 -23.28 46.66 -35.06
N GLU C 205 -24.61 46.53 -34.97
CA GLU C 205 -25.42 47.13 -33.93
C GLU C 205 -25.21 46.45 -32.57
N PRO C 206 -25.47 47.17 -31.43
CA PRO C 206 -25.21 46.57 -30.11
C PRO C 206 -26.02 45.31 -29.73
N LYS C 207 -25.58 44.67 -28.64
CA LYS C 207 -26.23 43.52 -28.01
C LYS C 207 -26.43 43.90 -26.53
N SER C 208 -27.68 43.84 -26.04
CA SER C 208 -28.00 44.14 -24.64
C SER C 208 -28.14 42.86 -23.81
N TRP C 209 -27.66 42.89 -22.55
CA TRP C 209 -27.65 41.73 -21.66
C TRP C 209 -28.32 42.02 -20.32
N TYR C 210 -28.85 40.96 -19.67
CA TYR C 210 -29.39 40.98 -18.30
C TYR C 210 -28.65 39.87 -17.54
N SER C 211 -28.31 40.09 -16.25
CA SER C 211 -27.65 39.06 -15.46
C SER C 211 -28.24 38.93 -14.05
N VAL C 212 -28.22 37.71 -13.49
CA VAL C 212 -28.63 37.44 -12.10
C VAL C 212 -27.35 36.96 -11.37
N PRO C 213 -26.96 37.54 -10.21
CA PRO C 213 -25.74 37.05 -9.51
C PRO C 213 -25.80 35.57 -9.15
N PRO C 214 -24.70 34.77 -9.35
CA PRO C 214 -24.73 33.35 -8.95
C PRO C 214 -25.25 33.06 -7.53
N GLU C 215 -25.09 33.98 -6.55
CA GLU C 215 -25.61 33.78 -5.18
C GLU C 215 -27.15 33.83 -5.09
N HIS C 216 -27.84 34.27 -6.17
CA HIS C 216 -29.31 34.35 -6.22
C HIS C 216 -29.93 33.46 -7.34
N GLY C 217 -29.12 32.63 -8.00
CA GLY C 217 -29.51 31.72 -9.07
C GLY C 217 -30.63 30.74 -8.73
N LYS C 218 -30.62 30.20 -7.48
CA LYS C 218 -31.64 29.28 -6.94
C LYS C 218 -33.00 29.98 -6.79
N ARG C 219 -32.99 31.30 -6.50
CA ARG C 219 -34.22 32.11 -6.37
C ARG C 219 -34.91 32.22 -7.74
N LEU C 220 -34.13 32.35 -8.84
CA LEU C 220 -34.68 32.42 -10.19
C LEU C 220 -35.29 31.09 -10.61
N GLU C 221 -34.57 29.96 -10.35
CA GLU C 221 -35.01 28.59 -10.66
C GLU C 221 -36.35 28.29 -9.99
N ARG C 222 -36.51 28.68 -8.70
CA ARG C 222 -37.73 28.49 -7.92
C ARG C 222 -38.90 29.29 -8.53
N LEU C 223 -38.62 30.53 -8.95
CA LEU C 223 -39.62 31.38 -9.61
C LEU C 223 -40.12 30.73 -10.91
N ALA C 224 -39.17 30.28 -11.77
CA ALA C 224 -39.43 29.67 -13.07
C ALA C 224 -40.26 28.39 -12.94
N LYS C 225 -39.98 27.55 -11.92
CA LYS C 225 -40.69 26.29 -11.64
C LYS C 225 -42.17 26.54 -11.29
N GLY C 226 -42.43 27.56 -10.48
CA GLY C 226 -43.77 27.97 -10.06
C GLY C 226 -44.62 28.53 -11.19
N PHE C 227 -43.97 29.05 -12.23
CA PHE C 227 -44.66 29.63 -13.38
C PHE C 227 -44.85 28.64 -14.53
N PHE C 228 -43.95 27.63 -14.62
CA PHE C 228 -44.03 26.57 -15.63
C PHE C 228 -44.01 25.19 -14.93
N PRO C 229 -45.11 24.82 -14.21
CA PRO C 229 -45.12 23.54 -13.46
C PRO C 229 -45.07 22.28 -14.31
N GLY C 230 -45.60 22.34 -15.54
CA GLY C 230 -45.60 21.23 -16.48
C GLY C 230 -44.19 20.86 -16.92
N SER C 231 -43.44 21.86 -17.42
CA SER C 231 -42.04 21.74 -17.88
C SER C 231 -41.11 21.26 -16.76
N ALA C 232 -41.34 21.73 -15.50
CA ALA C 232 -40.57 21.35 -14.31
C ALA C 232 -40.72 19.86 -13.94
N GLN C 233 -41.94 19.30 -14.09
CA GLN C 233 -42.22 17.88 -13.82
C GLN C 233 -41.63 16.99 -14.93
N SER C 234 -41.60 17.53 -16.18
CA SER C 234 -41.08 16.85 -17.37
C SER C 234 -39.54 16.78 -17.39
N CYS C 235 -38.88 17.85 -16.92
CA CYS C 235 -37.42 17.97 -16.87
C CYS C 235 -37.01 18.88 -15.72
N GLU C 236 -36.09 18.39 -14.87
CA GLU C 236 -35.54 19.10 -13.71
C GLU C 236 -34.75 20.36 -14.09
N ALA C 237 -34.05 20.31 -15.24
CA ALA C 237 -33.24 21.40 -15.74
C ALA C 237 -33.81 21.98 -17.06
N PHE C 238 -35.13 22.26 -17.09
CA PHE C 238 -35.83 22.78 -18.28
C PHE C 238 -35.27 24.14 -18.79
N LEU C 239 -34.69 24.99 -17.92
CA LEU C 239 -34.09 26.27 -18.37
C LEU C 239 -32.92 26.03 -19.35
N ARG C 240 -32.28 24.84 -19.28
CA ARG C 240 -31.19 24.40 -20.18
C ARG C 240 -31.70 24.25 -21.64
N HIS C 241 -33.05 24.15 -21.82
CA HIS C 241 -33.69 24.07 -23.14
C HIS C 241 -33.63 25.42 -23.87
N LYS C 242 -33.36 26.54 -23.13
CA LYS C 242 -33.23 27.92 -23.64
C LYS C 242 -34.48 28.42 -24.36
N MET C 243 -35.65 28.22 -23.75
CA MET C 243 -36.96 28.59 -24.30
C MET C 243 -37.70 29.60 -23.42
N THR C 244 -37.20 29.90 -22.20
CA THR C 244 -37.89 30.73 -21.20
C THR C 244 -37.40 32.19 -21.16
N LEU C 245 -38.34 33.13 -21.46
CA LEU C 245 -38.11 34.57 -21.46
C LEU C 245 -38.90 35.19 -20.31
N ILE C 246 -38.22 36.00 -19.47
CA ILE C 246 -38.79 36.68 -18.27
C ILE C 246 -38.35 38.13 -18.30
N SER C 247 -39.32 39.08 -18.28
CA SER C 247 -39.05 40.53 -18.32
C SER C 247 -38.44 41.12 -17.04
N PRO C 248 -37.63 42.22 -17.13
CA PRO C 248 -37.09 42.86 -15.91
C PRO C 248 -38.16 43.32 -14.92
N LEU C 249 -39.39 43.61 -15.39
CA LEU C 249 -40.53 43.97 -14.54
C LEU C 249 -40.98 42.80 -13.66
N MET C 250 -40.94 41.55 -14.20
N MET C 250 -40.94 41.55 -14.20
CA MET C 250 -41.32 40.35 -13.45
CA MET C 250 -41.34 40.36 -13.43
C MET C 250 -40.31 40.01 -12.37
C MET C 250 -40.30 40.00 -12.35
N LEU C 251 -39.00 40.16 -12.67
CA LEU C 251 -37.90 39.90 -11.73
C LEU C 251 -38.01 40.84 -10.52
N LYS C 252 -38.24 42.15 -10.77
CA LYS C 252 -38.38 43.19 -9.74
C LYS C 252 -39.57 42.89 -8.81
N LYS C 253 -40.69 42.42 -9.39
CA LYS C 253 -41.92 42.07 -8.68
C LYS C 253 -41.72 40.92 -7.68
N TYR C 254 -40.91 39.91 -8.07
CA TYR C 254 -40.66 38.71 -7.26
C TYR C 254 -39.34 38.77 -6.44
N GLY C 255 -38.77 39.96 -6.31
CA GLY C 255 -37.56 40.24 -5.53
C GLY C 255 -36.30 39.56 -6.00
N ILE C 256 -36.14 39.37 -7.34
CA ILE C 256 -34.94 38.75 -7.93
C ILE C 256 -33.88 39.85 -8.24
N PRO C 257 -32.68 39.86 -7.58
CA PRO C 257 -31.66 40.88 -7.94
C PRO C 257 -31.11 40.62 -9.36
N PHE C 258 -30.90 41.71 -10.12
CA PHE C 258 -30.38 41.66 -11.49
C PHE C 258 -29.69 42.99 -11.87
N ASP C 259 -28.88 42.97 -12.93
CA ASP C 259 -28.23 44.14 -13.49
C ASP C 259 -28.30 44.05 -15.04
N LYS C 260 -27.99 45.17 -15.73
CA LYS C 260 -28.03 45.26 -17.19
C LYS C 260 -26.84 46.02 -17.76
N VAL C 261 -26.45 45.69 -19.00
CA VAL C 261 -25.31 46.30 -19.71
C VAL C 261 -25.52 46.20 -21.22
N THR C 262 -25.03 47.19 -21.98
CA THR C 262 -25.08 47.18 -23.43
C THR C 262 -23.65 46.97 -23.98
N GLN C 263 -23.48 45.91 -24.81
CA GLN C 263 -22.22 45.56 -25.44
C GLN C 263 -22.17 46.13 -26.85
N GLU C 264 -21.10 46.87 -27.15
CA GLU C 264 -20.90 47.50 -28.46
C GLU C 264 -19.82 46.81 -29.25
N ALA C 265 -19.77 47.07 -30.57
CA ALA C 265 -18.79 46.50 -31.50
C ALA C 265 -17.37 46.74 -30.99
N GLY C 266 -16.57 45.67 -30.98
CA GLY C 266 -15.19 45.69 -30.50
C GLY C 266 -15.02 45.40 -29.03
N GLU C 267 -16.11 45.00 -28.31
CA GLU C 267 -16.04 44.70 -26.87
C GLU C 267 -16.27 43.22 -26.53
N PHE C 268 -15.65 42.74 -25.42
CA PHE C 268 -15.80 41.39 -24.90
C PHE C 268 -16.74 41.37 -23.70
N MET C 269 -17.52 40.29 -23.56
CA MET C 269 -18.37 40.00 -22.39
C MET C 269 -17.92 38.62 -21.85
N ILE C 270 -17.74 38.51 -20.52
CA ILE C 270 -17.33 37.26 -19.85
C ILE C 270 -18.46 36.85 -18.88
N THR C 271 -18.91 35.56 -18.96
CA THR C 271 -19.93 35.00 -18.05
C THR C 271 -19.18 34.08 -17.10
N PHE C 272 -19.63 33.99 -15.86
CA PHE C 272 -18.97 33.21 -14.83
C PHE C 272 -19.79 31.97 -14.43
N PRO C 273 -19.16 30.91 -13.82
CA PRO C 273 -19.94 29.73 -13.40
C PRO C 273 -21.20 30.02 -12.59
N TYR C 274 -22.33 29.39 -13.01
CA TYR C 274 -23.69 29.51 -12.45
C TYR C 274 -24.27 30.97 -12.57
N GLY C 275 -23.80 31.72 -13.57
CA GLY C 275 -24.29 33.07 -13.86
C GLY C 275 -25.39 33.06 -14.90
N TYR C 276 -26.65 33.19 -14.46
CA TYR C 276 -27.83 33.24 -15.33
C TYR C 276 -27.83 34.55 -16.14
N HIS C 277 -28.02 34.44 -17.47
CA HIS C 277 -28.05 35.61 -18.38
C HIS C 277 -29.07 35.46 -19.51
N ALA C 278 -29.53 36.61 -20.08
CA ALA C 278 -30.48 36.73 -21.18
C ALA C 278 -30.27 38.07 -21.91
N GLY C 279 -30.82 38.23 -23.10
CA GLY C 279 -30.68 39.48 -23.82
C GLY C 279 -31.16 39.49 -25.25
N PHE C 280 -30.88 40.59 -25.96
CA PHE C 280 -31.34 40.77 -27.35
C PHE C 280 -30.41 41.61 -28.19
N ASN C 281 -30.54 41.50 -29.53
CA ASN C 281 -29.77 42.25 -30.51
C ASN C 281 -30.54 43.49 -30.99
N HIS C 282 -29.83 44.64 -31.13
CA HIS C 282 -30.40 45.93 -31.55
C HIS C 282 -30.68 45.97 -33.05
N GLY C 283 -29.85 45.28 -33.84
CA GLY C 283 -29.93 45.25 -35.29
C GLY C 283 -28.89 44.30 -35.86
N PHE C 284 -28.57 44.45 -37.16
CA PHE C 284 -27.59 43.60 -37.86
C PHE C 284 -26.21 43.61 -37.20
N ASN C 285 -25.71 42.43 -36.81
CA ASN C 285 -24.42 42.30 -36.14
C ASN C 285 -23.83 40.86 -36.25
N CYS C 286 -22.63 40.64 -35.67
CA CYS C 286 -21.96 39.35 -35.69
C CYS C 286 -21.08 39.19 -34.44
N ALA C 287 -21.32 38.11 -33.68
CA ALA C 287 -20.61 37.80 -32.44
C ALA C 287 -19.94 36.44 -32.52
N GLU C 288 -18.77 36.28 -31.84
CA GLU C 288 -18.05 35.01 -31.75
C GLU C 288 -18.02 34.54 -30.28
N SER C 289 -18.29 33.24 -30.06
CA SER C 289 -18.36 32.69 -28.70
C SER C 289 -17.75 31.29 -28.51
N THR C 290 -17.35 30.97 -27.25
CA THR C 290 -16.85 29.65 -26.79
C THR C 290 -16.87 29.54 -25.25
N ASN C 291 -16.76 28.31 -24.73
CA ASN C 291 -16.68 28.06 -23.29
C ASN C 291 -15.22 27.91 -22.86
N PHE C 292 -14.93 28.20 -21.57
CA PHE C 292 -13.59 28.06 -20.97
C PHE C 292 -13.69 27.73 -19.47
N ALA C 293 -12.57 27.36 -18.85
CA ALA C 293 -12.54 27.00 -17.43
C ALA C 293 -11.34 27.58 -16.69
N THR C 294 -11.38 27.48 -15.35
CA THR C 294 -10.33 27.80 -14.38
C THR C 294 -10.41 26.68 -13.32
N ARG C 295 -9.51 26.70 -12.31
CA ARG C 295 -9.51 25.74 -11.21
C ARG C 295 -10.81 25.80 -10.37
N ARG C 296 -11.37 27.02 -10.20
CA ARG C 296 -12.63 27.29 -9.48
C ARG C 296 -13.84 26.53 -10.08
N TRP C 297 -13.88 26.36 -11.42
CA TRP C 297 -14.99 25.69 -12.11
C TRP C 297 -15.19 24.20 -11.74
N ILE C 298 -14.11 23.44 -11.49
CA ILE C 298 -14.16 21.99 -11.22
C ILE C 298 -15.30 21.59 -10.22
N GLU C 299 -15.46 22.31 -9.10
CA GLU C 299 -16.53 22.03 -8.13
C GLU C 299 -17.94 22.31 -8.68
N TYR C 300 -18.08 23.33 -9.59
CA TYR C 300 -19.34 23.67 -10.26
C TYR C 300 -19.71 22.54 -11.24
N GLY C 301 -18.70 22.00 -11.91
CA GLY C 301 -18.83 20.90 -12.88
C GLY C 301 -19.36 19.62 -12.29
N LYS C 302 -18.85 19.24 -11.08
CA LYS C 302 -19.27 18.03 -10.35
C LYS C 302 -20.70 18.15 -9.80
N GLN C 303 -21.14 19.39 -9.48
CA GLN C 303 -22.43 19.71 -8.87
C GLN C 303 -23.54 20.21 -9.82
N ALA C 304 -23.26 20.34 -11.14
CA ALA C 304 -24.22 20.84 -12.13
C ALA C 304 -25.45 19.93 -12.32
N VAL C 305 -26.66 20.51 -12.25
CA VAL C 305 -27.93 19.78 -12.47
C VAL C 305 -28.16 19.81 -13.98
N LEU C 306 -28.05 18.64 -14.62
CA LEU C 306 -28.16 18.48 -16.07
C LEU C 306 -29.57 18.14 -16.55
N CYS C 307 -29.82 18.34 -17.87
CA CYS C 307 -31.07 18.03 -18.56
C CYS C 307 -31.19 16.49 -18.61
N SER C 308 -32.39 15.96 -18.35
CA SER C 308 -32.62 14.52 -18.31
C SER C 308 -33.69 14.01 -19.31
N CYS C 309 -34.19 14.88 -20.20
CA CYS C 309 -35.25 14.53 -21.14
C CYS C 309 -34.81 14.42 -22.62
N ARG C 310 -33.61 14.94 -22.95
CA ARG C 310 -33.10 14.94 -24.32
C ARG C 310 -31.81 14.13 -24.46
N LYS C 311 -31.71 13.32 -25.54
CA LYS C 311 -30.57 12.47 -25.84
C LYS C 311 -29.37 13.26 -26.39
N ASP C 312 -29.62 14.27 -27.24
N MET C 313 -28.27 16.65 -24.70
CA MET C 313 -27.63 17.55 -23.74
C MET C 313 -26.13 17.26 -23.58
N VAL C 314 -25.32 18.33 -23.38
CA VAL C 314 -23.86 18.26 -23.20
C VAL C 314 -23.52 17.68 -21.83
N LYS C 315 -22.75 16.57 -21.84
CA LYS C 315 -22.31 15.89 -20.61
C LYS C 315 -20.81 15.61 -20.67
N ILE C 316 -20.06 16.22 -19.75
CA ILE C 316 -18.61 16.06 -19.64
C ILE C 316 -18.30 15.21 -18.40
N SER C 317 -17.45 14.18 -18.56
CA SER C 317 -17.01 13.32 -17.46
C SER C 317 -15.97 14.12 -16.68
N MET C 318 -16.17 14.27 -15.36
CA MET C 318 -15.31 15.10 -14.51
C MET C 318 -14.05 14.41 -13.98
N ASP C 319 -13.99 13.06 -14.05
CA ASP C 319 -12.91 12.18 -13.56
C ASP C 319 -11.48 12.70 -13.79
N VAL C 320 -11.16 13.23 -15.00
CA VAL C 320 -9.82 13.74 -15.35
C VAL C 320 -9.43 14.93 -14.47
N PHE C 321 -10.33 15.93 -14.33
CA PHE C 321 -10.12 17.14 -13.52
C PHE C 321 -9.94 16.80 -12.05
N VAL C 322 -10.79 15.89 -11.53
CA VAL C 322 -10.78 15.42 -10.15
C VAL C 322 -9.45 14.70 -9.86
N ARG C 323 -8.96 13.88 -10.81
CA ARG C 323 -7.70 13.14 -10.67
C ARG C 323 -6.47 14.05 -10.59
N LYS C 324 -6.40 15.08 -11.46
CA LYS C 324 -5.28 16.02 -11.55
C LYS C 324 -5.26 17.12 -10.47
N PHE C 325 -6.42 17.72 -10.13
CA PHE C 325 -6.48 18.86 -9.22
C PHE C 325 -6.98 18.57 -7.78
N GLN C 326 -7.73 17.47 -7.56
CA GLN C 326 -8.21 17.05 -6.23
C GLN C 326 -7.84 15.55 -6.04
N PRO C 327 -6.53 15.16 -6.01
CA PRO C 327 -6.20 13.72 -5.91
C PRO C 327 -6.69 13.01 -4.66
N GLU C 328 -6.69 13.71 -3.51
CA GLU C 328 -7.13 13.19 -2.21
C GLU C 328 -8.63 12.87 -2.17
N ARG C 329 -9.44 13.63 -2.94
CA ARG C 329 -10.90 13.52 -2.99
C ARG C 329 -11.43 12.54 -4.05
N TYR C 330 -10.58 12.06 -4.99
CA TYR C 330 -10.98 11.14 -6.06
C TYR C 330 -11.69 9.87 -5.56
N LYS C 331 -11.22 9.30 -4.43
CA LYS C 331 -11.83 8.10 -3.84
C LYS C 331 -13.19 8.46 -3.21
N LEU C 332 -13.21 9.50 -2.36
CA LEU C 332 -14.39 10.02 -1.65
C LEU C 332 -15.52 10.45 -2.60
N TRP C 333 -15.15 11.06 -3.76
CA TRP C 333 -16.09 11.53 -4.78
C TRP C 333 -16.70 10.37 -5.55
N LYS C 334 -15.87 9.39 -5.98
CA LYS C 334 -16.30 8.20 -6.72
C LYS C 334 -17.29 7.38 -5.90
N ALA C 335 -17.09 7.30 -4.57
CA ALA C 335 -17.96 6.63 -3.61
C ALA C 335 -19.29 7.40 -3.42
N GLY C 336 -19.24 8.72 -3.64
CA GLY C 336 -20.38 9.62 -3.52
C GLY C 336 -20.48 10.29 -2.16
N LYS C 337 -19.38 10.22 -1.38
CA LYS C 337 -19.29 10.79 -0.03
C LYS C 337 -18.97 12.28 -0.01
N ASP C 338 -18.32 12.80 -1.10
CA ASP C 338 -17.94 14.21 -1.26
C ASP C 338 -19.17 15.12 -1.12
N ASN C 339 -19.17 15.96 -0.06
CA ASN C 339 -20.29 16.86 0.27
C ASN C 339 -19.88 18.34 0.37
N THR C 340 -18.89 18.77 -0.45
CA THR C 340 -18.37 20.14 -0.49
C THR C 340 -19.47 21.16 -0.88
N VAL C 341 -19.60 22.26 -0.12
CA VAL C 341 -20.55 23.35 -0.37
C VAL C 341 -19.80 24.52 -1.03
N ILE C 342 -20.35 25.05 -2.15
CA ILE C 342 -19.75 26.16 -2.88
C ILE C 342 -20.09 27.54 -2.27
N ASP C 343 -19.03 28.36 -2.07
CA ASP C 343 -19.12 29.76 -1.62
C ASP C 343 -18.91 30.56 -2.91
N HIS C 344 -20.00 31.16 -3.45
CA HIS C 344 -19.99 31.91 -4.71
C HIS C 344 -19.19 33.22 -4.69
N THR C 345 -18.84 33.74 -3.48
CA THR C 345 -18.09 35.00 -3.32
C THR C 345 -16.56 34.83 -3.42
N LEU C 346 -16.03 33.61 -3.23
CA LEU C 346 -14.59 33.33 -3.27
C LEU C 346 -13.99 33.34 -4.68
N PRO C 347 -12.82 34.01 -4.89
CA PRO C 347 -12.20 33.99 -6.22
C PRO C 347 -11.38 32.72 -6.48
N THR C 348 -10.98 32.51 -7.75
CA THR C 348 -10.20 31.36 -8.21
C THR C 348 -8.80 31.36 -7.51
N PRO C 349 -8.24 30.18 -7.11
CA PRO C 349 -6.93 30.19 -6.42
C PRO C 349 -5.76 30.86 -7.15
N GLU C 350 -5.85 30.99 -8.49
CA GLU C 350 -4.84 31.64 -9.36
C GLU C 350 -4.69 33.14 -9.07
N ALA C 351 -5.71 33.75 -8.41
CA ALA C 351 -5.76 35.17 -8.04
C ALA C 351 -4.95 35.53 -6.77
N ALA C 352 -4.32 34.52 -6.12
CA ALA C 352 -3.51 34.66 -4.90
C ALA C 352 -2.46 35.79 -4.93
N GLU C 353 -1.73 35.93 -6.06
CA GLU C 353 -0.69 36.96 -6.29
C GLU C 353 -1.26 38.40 -6.23
N PHE C 354 -2.52 38.59 -6.66
CA PHE C 354 -3.21 39.89 -6.65
C PHE C 354 -3.92 40.12 -5.31
N LEU C 355 -3.96 39.08 -4.45
CA LEU C 355 -4.60 39.09 -3.12
C LEU C 355 -3.55 39.01 -2.01
N PRO D 11 33.12 -47.86 14.81
CA PRO D 11 33.93 -47.62 16.01
C PRO D 11 33.07 -47.06 17.15
N SER D 12 33.56 -45.98 17.81
CA SER D 12 32.81 -45.26 18.82
C SER D 12 32.04 -44.17 18.05
N ALA D 13 31.39 -43.21 18.74
CA ALA D 13 30.59 -42.14 18.13
C ALA D 13 29.41 -42.66 17.27
N ARG D 14 28.92 -43.88 17.61
CA ARG D 14 27.76 -44.55 16.99
C ARG D 14 26.54 -44.26 17.88
N ILE D 15 25.34 -44.08 17.27
CA ILE D 15 24.08 -43.77 17.97
C ILE D 15 23.66 -44.94 18.89
N MET D 16 23.47 -44.63 20.18
CA MET D 16 23.08 -45.57 21.24
C MET D 16 21.60 -45.46 21.60
N THR D 17 20.97 -46.61 21.95
CA THR D 17 19.57 -46.73 22.38
C THR D 17 19.52 -47.17 23.85
N PHE D 18 18.66 -46.52 24.67
CA PHE D 18 18.52 -46.82 26.10
C PHE D 18 17.09 -47.25 26.46
N TYR D 19 16.97 -48.20 27.38
CA TYR D 19 15.71 -48.78 27.84
C TYR D 19 15.52 -48.61 29.39
N PRO D 20 15.23 -47.38 29.90
CA PRO D 20 15.08 -47.22 31.37
C PRO D 20 13.87 -47.91 31.97
N THR D 21 13.94 -48.19 33.28
CA THR D 21 12.82 -48.77 34.04
C THR D 21 11.95 -47.58 34.48
N MET D 22 10.79 -47.83 35.12
CA MET D 22 9.93 -46.73 35.60
C MET D 22 10.66 -45.88 36.68
N GLU D 23 11.44 -46.54 37.57
CA GLU D 23 12.22 -45.90 38.64
C GLU D 23 13.29 -44.95 38.08
N GLU D 24 14.04 -45.40 37.06
CA GLU D 24 15.10 -44.63 36.39
C GLU D 24 14.52 -43.46 35.61
N PHE D 25 13.34 -43.68 34.98
CA PHE D 25 12.61 -42.72 34.15
C PHE D 25 12.07 -41.51 34.91
N ARG D 26 11.81 -41.65 36.22
CA ARG D 26 11.25 -40.57 37.05
C ARG D 26 12.15 -39.33 37.17
N ASN D 27 13.49 -39.51 37.14
CA ASN D 27 14.43 -38.39 37.23
C ASN D 27 15.05 -38.14 35.85
N PHE D 28 14.62 -37.04 35.19
CA PHE D 28 15.07 -36.65 33.85
C PHE D 28 16.56 -36.31 33.80
N SER D 29 16.99 -35.25 34.52
CA SER D 29 18.37 -34.74 34.55
C SER D 29 19.39 -35.75 35.06
N ARG D 30 18.97 -36.67 35.96
CA ARG D 30 19.85 -37.72 36.46
C ARG D 30 20.06 -38.77 35.37
N TYR D 31 19.00 -39.06 34.58
CA TYR D 31 19.09 -40.04 33.49
C TYR D 31 19.90 -39.52 32.30
N ILE D 32 19.88 -38.18 32.05
CA ILE D 32 20.69 -37.55 30.99
C ILE D 32 22.18 -37.67 31.39
N ALA D 33 22.48 -37.42 32.68
CA ALA D 33 23.84 -37.56 33.25
C ALA D 33 24.32 -39.02 33.17
N TYR D 34 23.40 -40.01 33.35
CA TYR D 34 23.74 -41.44 33.25
C TYR D 34 24.09 -41.86 31.81
N ILE D 35 23.33 -41.39 30.78
CA ILE D 35 23.59 -41.78 29.38
C ILE D 35 24.93 -41.18 28.88
N GLU D 36 25.36 -40.02 29.45
CA GLU D 36 26.63 -39.36 29.14
C GLU D 36 27.81 -40.17 29.70
N SER D 37 27.63 -40.79 30.89
CA SER D 37 28.64 -41.65 31.53
C SER D 37 28.88 -42.92 30.69
N GLN D 38 27.90 -43.26 29.84
CA GLN D 38 27.95 -44.41 28.92
C GLN D 38 28.55 -43.99 27.55
N GLY D 39 28.73 -42.68 27.34
CA GLY D 39 29.28 -42.11 26.12
C GLY D 39 28.29 -41.76 25.02
N ALA D 40 26.99 -41.63 25.34
CA ALA D 40 25.94 -41.31 24.36
C ALA D 40 26.12 -39.97 23.62
N HIS D 41 26.79 -39.00 24.26
CA HIS D 41 27.04 -37.65 23.72
C HIS D 41 28.00 -37.61 22.51
N ARG D 42 28.92 -38.59 22.41
CA ARG D 42 29.93 -38.67 21.35
C ARG D 42 29.34 -38.75 19.93
N ALA D 43 28.19 -39.42 19.75
CA ALA D 43 27.51 -39.53 18.46
C ALA D 43 26.79 -38.22 18.08
N GLY D 44 26.38 -37.45 19.10
CA GLY D 44 25.66 -36.20 18.96
C GLY D 44 24.16 -36.36 19.04
N LEU D 45 23.70 -37.64 19.03
CA LEU D 45 22.30 -38.05 19.02
C LEU D 45 22.12 -39.41 19.73
N ALA D 46 21.02 -39.57 20.49
CA ALA D 46 20.68 -40.81 21.21
C ALA D 46 19.18 -41.08 21.20
N LYS D 47 18.78 -42.37 21.31
CA LYS D 47 17.38 -42.81 21.39
C LYS D 47 17.05 -43.33 22.79
N VAL D 48 15.92 -42.88 23.37
CA VAL D 48 15.46 -43.34 24.68
C VAL D 48 14.05 -43.93 24.53
N VAL D 49 13.93 -45.25 24.79
CA VAL D 49 12.66 -45.98 24.74
C VAL D 49 12.04 -45.95 26.14
N PRO D 50 10.86 -45.30 26.33
CA PRO D 50 10.25 -45.25 27.67
C PRO D 50 9.67 -46.58 28.17
N PRO D 51 9.41 -46.78 29.49
CA PRO D 51 8.76 -48.03 29.93
C PRO D 51 7.39 -48.18 29.28
N LYS D 52 7.02 -49.42 28.88
CA LYS D 52 5.76 -49.75 28.19
C LYS D 52 4.48 -49.21 28.87
N GLU D 53 4.45 -49.17 30.21
CA GLU D 53 3.30 -48.71 30.99
C GLU D 53 3.09 -47.18 30.96
N TRP D 54 4.07 -46.42 30.48
CA TRP D 54 4.01 -44.96 30.40
C TRP D 54 3.34 -44.47 29.12
N LYS D 55 2.39 -43.54 29.26
CA LYS D 55 1.63 -42.90 28.18
C LYS D 55 1.39 -41.42 28.50
N PRO D 56 1.78 -40.45 27.61
CA PRO D 56 1.57 -39.04 27.95
C PRO D 56 0.14 -38.51 27.73
N ARG D 57 -0.67 -39.22 26.90
CA ARG D 57 -2.05 -38.87 26.55
C ARG D 57 -2.80 -40.17 26.24
N ALA D 58 -4.06 -40.26 26.70
CA ALA D 58 -4.90 -41.45 26.54
C ALA D 58 -5.37 -41.70 25.09
N SER D 59 -5.70 -40.62 24.35
CA SER D 59 -6.22 -40.69 23.00
C SER D 59 -5.82 -39.49 22.13
N TYR D 60 -5.71 -39.71 20.81
CA TYR D 60 -5.38 -38.68 19.82
C TYR D 60 -6.54 -38.44 18.81
N ASP D 61 -7.78 -38.85 19.17
CA ASP D 61 -8.96 -38.70 18.31
C ASP D 61 -9.80 -37.43 18.61
N ASP D 62 -9.26 -36.49 19.40
CA ASP D 62 -9.93 -35.24 19.80
C ASP D 62 -9.11 -33.98 19.43
N ILE D 63 -8.36 -34.01 18.31
CA ILE D 63 -7.51 -32.88 17.89
C ILE D 63 -7.72 -32.47 16.40
N ASP D 64 -8.76 -32.99 15.72
CA ASP D 64 -9.04 -32.68 14.31
C ASP D 64 -9.28 -31.18 14.03
N ASP D 65 -9.88 -30.46 15.01
CA ASP D 65 -10.17 -29.02 14.90
C ASP D 65 -8.98 -28.12 15.28
N LEU D 66 -7.85 -28.72 15.76
CA LEU D 66 -6.65 -27.98 16.16
C LEU D 66 -6.06 -27.22 14.96
N VAL D 67 -5.81 -25.92 15.17
CA VAL D 67 -5.33 -24.99 14.15
C VAL D 67 -3.81 -24.98 14.03
N ILE D 68 -3.34 -25.07 12.78
CA ILE D 68 -1.94 -24.95 12.37
C ILE D 68 -1.94 -23.53 11.75
N PRO D 69 -1.53 -22.49 12.52
CA PRO D 69 -1.65 -21.10 12.03
C PRO D 69 -0.80 -20.69 10.82
N ALA D 70 0.41 -21.25 10.69
CA ALA D 70 1.34 -20.95 9.59
C ALA D 70 1.93 -22.21 8.90
N PRO D 71 1.13 -22.99 8.10
CA PRO D 71 1.71 -24.16 7.42
C PRO D 71 2.70 -23.73 6.34
N ILE D 72 3.76 -24.52 6.08
CA ILE D 72 4.78 -24.13 5.10
C ILE D 72 4.94 -25.15 3.96
N GLN D 73 4.91 -24.67 2.71
CA GLN D 73 5.15 -25.48 1.52
C GLN D 73 6.68 -25.49 1.32
N GLN D 74 7.30 -26.68 1.31
CA GLN D 74 8.75 -26.81 1.21
C GLN D 74 9.26 -26.97 -0.23
N LEU D 75 9.74 -25.86 -0.82
CA LEU D 75 10.31 -25.89 -2.16
C LEU D 75 11.81 -26.09 -2.10
N VAL D 76 12.31 -27.08 -2.85
CA VAL D 76 13.71 -27.48 -2.82
C VAL D 76 14.33 -27.29 -4.19
N THR D 77 15.50 -26.61 -4.25
CA THR D 77 16.24 -26.39 -5.49
C THR D 77 17.68 -26.93 -5.38
N GLY D 78 18.14 -27.59 -6.45
CA GLY D 78 19.50 -28.13 -6.52
C GLY D 78 19.70 -29.35 -7.40
N GLN D 79 20.93 -29.88 -7.35
CA GLN D 79 21.42 -31.05 -8.09
C GLN D 79 22.68 -31.62 -7.43
N SER D 80 23.05 -32.86 -7.77
CA SER D 80 24.26 -33.60 -7.33
C SER D 80 24.44 -33.64 -5.79
N GLY D 81 23.35 -33.96 -5.09
CA GLY D 81 23.31 -34.10 -3.65
C GLY D 81 23.45 -32.84 -2.81
N LEU D 82 23.35 -31.65 -3.43
CA LEU D 82 23.46 -30.34 -2.78
C LEU D 82 22.21 -29.51 -3.09
N PHE D 83 21.43 -29.17 -2.04
CA PHE D 83 20.15 -28.47 -2.19
C PHE D 83 19.92 -27.33 -1.20
N THR D 84 19.02 -26.39 -1.59
CA THR D 84 18.54 -25.26 -0.78
C THR D 84 17.01 -25.36 -0.68
N GLN D 85 16.50 -25.31 0.56
CA GLN D 85 15.08 -25.38 0.86
C GLN D 85 14.53 -23.98 1.16
N TYR D 86 13.44 -23.60 0.47
CA TYR D 86 12.75 -22.32 0.59
C TYR D 86 11.38 -22.56 1.22
N ASN D 87 11.05 -21.81 2.29
CA ASN D 87 9.77 -21.94 2.98
C ASN D 87 8.75 -20.94 2.45
N ILE D 88 7.60 -21.47 2.01
CA ILE D 88 6.51 -20.67 1.46
C ILE D 88 5.30 -20.81 2.37
N GLN D 89 4.93 -19.71 3.04
CA GLN D 89 3.81 -19.74 3.98
C GLN D 89 2.46 -19.86 3.28
N LYS D 90 1.61 -20.72 3.81
CA LYS D 90 0.27 -20.97 3.33
C LYS D 90 -0.70 -20.45 4.39
N LYS D 91 -2.00 -20.36 4.05
CA LYS D 91 -3.03 -19.91 5.00
C LYS D 91 -3.26 -21.00 6.07
N ALA D 92 -3.76 -20.59 7.26
CA ALA D 92 -4.07 -21.46 8.38
C ALA D 92 -5.02 -22.60 7.99
N MET D 93 -4.83 -23.77 8.61
CA MET D 93 -5.66 -24.94 8.37
C MET D 93 -5.75 -25.79 9.64
N THR D 94 -6.72 -26.70 9.68
CA THR D 94 -6.91 -27.60 10.82
C THR D 94 -6.11 -28.89 10.58
N VAL D 95 -5.95 -29.72 11.62
CA VAL D 95 -5.30 -31.03 11.56
C VAL D 95 -6.06 -31.95 10.56
N ARG D 96 -7.41 -31.83 10.56
CA ARG D 96 -8.34 -32.53 9.68
C ARG D 96 -8.02 -32.30 8.19
N GLU D 97 -7.80 -31.01 7.81
CA GLU D 97 -7.48 -30.60 6.43
C GLU D 97 -6.09 -31.07 5.99
N PHE D 98 -5.12 -31.09 6.93
CA PHE D 98 -3.73 -31.49 6.73
C PHE D 98 -3.62 -32.99 6.42
N ARG D 99 -4.27 -33.84 7.24
CA ARG D 99 -4.31 -35.29 7.08
C ARG D 99 -4.90 -35.72 5.72
N LYS D 100 -5.96 -35.00 5.23
CA LYS D 100 -6.59 -35.29 3.93
C LYS D 100 -5.57 -35.10 2.79
N ILE D 101 -4.76 -34.02 2.84
CA ILE D 101 -3.72 -33.75 1.85
C ILE D 101 -2.59 -34.80 1.97
N ALA D 102 -2.11 -35.07 3.22
CA ALA D 102 -1.04 -36.02 3.52
C ALA D 102 -1.32 -37.47 3.03
N ASN D 103 -2.59 -37.91 3.13
CA ASN D 103 -3.04 -39.25 2.73
C ASN D 103 -3.57 -39.34 1.28
N SER D 104 -3.67 -38.20 0.56
CA SER D 104 -4.14 -38.21 -0.83
C SER D 104 -3.12 -38.89 -1.76
N ASP D 105 -3.60 -39.48 -2.87
CA ASP D 105 -2.79 -40.19 -3.88
C ASP D 105 -1.54 -39.41 -4.30
N LYS D 106 -1.68 -38.08 -4.48
CA LYS D 106 -0.62 -37.15 -4.88
C LYS D 106 0.50 -36.99 -3.85
N TYR D 107 0.18 -37.00 -2.53
CA TYR D 107 1.16 -36.77 -1.46
C TYR D 107 1.46 -37.94 -0.50
N CYS D 108 0.84 -39.11 -0.70
N CYS D 108 0.81 -39.10 -0.67
CA CYS D 108 1.02 -40.30 0.14
CA CYS D 108 1.03 -40.25 0.22
C CYS D 108 2.39 -40.96 -0.05
C CYS D 108 2.38 -40.96 -0.04
N THR D 109 2.82 -41.77 0.94
CA THR D 109 4.09 -42.52 0.95
C THR D 109 4.17 -43.55 -0.21
N PRO D 110 5.30 -43.63 -0.95
CA PRO D 110 5.40 -44.66 -2.01
C PRO D 110 5.58 -46.07 -1.43
N ARG D 111 5.30 -47.12 -2.24
CA ARG D 111 5.46 -48.52 -1.79
C ARG D 111 6.93 -48.84 -1.57
N TYR D 112 7.26 -49.55 -0.47
CA TYR D 112 8.65 -49.91 -0.13
C TYR D 112 8.75 -51.19 0.72
N SER D 113 9.87 -51.92 0.56
CA SER D 113 10.16 -53.16 1.29
C SER D 113 11.11 -52.94 2.46
N GLU D 114 12.16 -52.12 2.26
CA GLU D 114 13.19 -51.80 3.24
C GLU D 114 13.45 -50.29 3.29
N PHE D 115 14.05 -49.79 4.39
CA PHE D 115 14.37 -48.37 4.58
C PHE D 115 15.28 -47.83 3.47
N GLU D 116 16.29 -48.62 3.07
CA GLU D 116 17.25 -48.26 2.03
C GLU D 116 16.57 -47.86 0.73
N GLU D 117 15.44 -48.53 0.39
CA GLU D 117 14.61 -48.26 -0.78
C GLU D 117 13.90 -46.89 -0.65
N LEU D 118 13.27 -46.63 0.53
CA LEU D 118 12.58 -45.37 0.80
C LEU D 118 13.53 -44.16 0.87
N GLU D 119 14.75 -44.37 1.39
CA GLU D 119 15.79 -43.35 1.47
C GLU D 119 16.20 -42.90 0.04
N ARG D 120 16.32 -43.88 -0.90
CA ARG D 120 16.65 -43.65 -2.32
C ARG D 120 15.58 -42.79 -3.00
N LYS D 121 14.29 -43.10 -2.73
CA LYS D 121 13.13 -42.39 -3.29
C LYS D 121 13.13 -40.94 -2.81
N TYR D 122 13.46 -40.71 -1.51
CA TYR D 122 13.51 -39.38 -0.91
C TYR D 122 14.55 -38.48 -1.60
N TRP D 123 15.81 -38.96 -1.74
CA TRP D 123 16.89 -38.18 -2.35
C TRP D 123 16.73 -38.00 -3.88
N LYS D 124 15.97 -38.88 -4.54
CA LYS D 124 15.71 -38.81 -5.99
C LYS D 124 14.54 -37.86 -6.32
N ASN D 125 13.56 -37.75 -5.39
CA ASN D 125 12.34 -36.96 -5.61
C ASN D 125 12.13 -35.73 -4.71
N LEU D 126 13.14 -35.33 -3.90
CA LEU D 126 12.97 -34.21 -2.95
C LEU D 126 12.69 -32.84 -3.64
N THR D 127 13.07 -32.66 -4.94
CA THR D 127 12.84 -31.40 -5.65
C THR D 127 11.48 -31.41 -6.43
N PHE D 128 10.74 -32.53 -6.40
CA PHE D 128 9.45 -32.66 -7.07
C PHE D 128 8.30 -32.72 -6.07
N ASN D 129 7.07 -32.37 -6.53
N ASN D 129 7.09 -32.35 -6.53
CA ASN D 129 5.82 -32.35 -5.75
CA ASN D 129 5.84 -32.37 -5.75
C ASN D 129 6.02 -31.80 -4.32
C ASN D 129 6.03 -31.81 -4.32
N PRO D 130 6.31 -30.48 -4.15
CA PRO D 130 6.60 -29.94 -2.80
C PRO D 130 5.53 -30.17 -1.74
N PRO D 131 5.90 -30.82 -0.61
CA PRO D 131 4.89 -31.13 0.44
C PRO D 131 4.61 -29.94 1.37
N ILE D 132 3.65 -30.09 2.30
CA ILE D 132 3.30 -29.07 3.29
C ILE D 132 3.69 -29.60 4.67
N TYR D 133 4.39 -28.76 5.46
CA TYR D 133 4.85 -29.10 6.81
C TYR D 133 4.13 -28.22 7.84
N GLY D 134 3.44 -28.85 8.79
CA GLY D 134 2.72 -28.13 9.85
C GLY D 134 3.62 -27.88 11.05
N ALA D 135 4.72 -27.14 10.83
CA ALA D 135 5.78 -26.87 11.79
C ALA D 135 5.57 -25.66 12.70
N ASP D 136 6.30 -25.67 13.85
CA ASP D 136 6.36 -24.60 14.86
C ASP D 136 5.00 -24.15 15.42
N VAL D 137 4.11 -25.14 15.66
CA VAL D 137 2.80 -24.86 16.26
C VAL D 137 3.04 -24.79 17.78
N ASN D 138 2.71 -23.65 18.41
CA ASN D 138 2.88 -23.48 19.86
C ASN D 138 1.88 -24.38 20.58
N GLY D 139 2.40 -25.34 21.35
CA GLY D 139 1.53 -26.22 22.11
C GLY D 139 2.12 -27.54 22.53
N THR D 140 1.30 -28.27 23.30
CA THR D 140 1.61 -29.58 23.87
C THR D 140 0.42 -30.55 23.78
N LEU D 141 0.74 -31.85 23.67
CA LEU D 141 -0.25 -32.91 23.64
C LEU D 141 -0.20 -33.74 24.94
N TYR D 142 0.66 -33.33 25.89
CA TYR D 142 0.77 -33.98 27.19
C TYR D 142 -0.43 -33.60 28.06
N GLU D 143 -0.93 -34.55 28.87
CA GLU D 143 -2.01 -34.29 29.81
C GLU D 143 -1.42 -33.60 31.05
N LYS D 144 -2.21 -32.74 31.71
CA LYS D 144 -1.80 -31.94 32.87
C LYS D 144 -1.08 -32.71 34.00
N HIS D 145 -1.51 -33.95 34.27
CA HIS D 145 -1.05 -34.84 35.33
C HIS D 145 0.25 -35.63 35.06
N VAL D 146 0.76 -35.64 33.81
CA VAL D 146 1.95 -36.40 33.44
C VAL D 146 3.22 -35.72 34.00
N ASP D 147 3.85 -36.36 35.00
CA ASP D 147 5.03 -35.84 35.71
C ASP D 147 6.40 -36.34 35.18
N GLU D 148 6.41 -37.39 34.34
CA GLU D 148 7.66 -37.94 33.81
C GLU D 148 7.95 -37.44 32.39
N TRP D 149 9.16 -36.90 32.18
CA TRP D 149 9.69 -36.40 30.89
C TRP D 149 8.72 -35.45 30.15
N ASN D 150 8.09 -34.54 30.91
CA ASN D 150 7.16 -33.55 30.39
C ASN D 150 7.92 -32.41 29.72
N ILE D 151 7.88 -32.38 28.37
CA ILE D 151 8.55 -31.40 27.49
C ILE D 151 8.19 -29.93 27.86
N GLY D 152 6.99 -29.72 28.41
CA GLY D 152 6.55 -28.40 28.85
C GLY D 152 7.16 -27.93 30.16
N ARG D 153 7.76 -28.85 30.95
CA ARG D 153 8.36 -28.56 32.27
C ARG D 153 9.44 -29.60 32.71
N LEU D 154 10.61 -29.57 32.02
CA LEU D 154 11.75 -30.48 32.30
C LEU D 154 12.56 -30.09 33.57
N ARG D 155 12.49 -28.81 33.96
CA ARG D 155 13.11 -28.20 35.15
C ARG D 155 14.66 -28.35 35.20
N THR D 156 15.36 -27.96 34.11
CA THR D 156 16.82 -27.98 34.01
C THR D 156 17.38 -26.57 34.39
N ILE D 157 18.71 -26.35 34.29
CA ILE D 157 19.33 -25.05 34.62
C ILE D 157 19.01 -23.97 33.55
N LEU D 158 18.36 -24.34 32.41
CA LEU D 158 17.97 -23.40 31.36
C LEU D 158 16.96 -22.36 31.91
N ASP D 159 16.12 -22.80 32.87
CA ASP D 159 15.09 -22.03 33.58
C ASP D 159 15.59 -20.75 34.27
N LEU D 160 16.91 -20.63 34.51
CA LEU D 160 17.55 -19.49 35.19
C LEU D 160 17.31 -18.13 34.52
N VAL D 161 17.22 -18.09 33.17
CA VAL D 161 16.98 -16.87 32.39
C VAL D 161 15.61 -16.25 32.76
N GLU D 162 14.55 -17.08 32.82
CA GLU D 162 13.20 -16.67 33.19
C GLU D 162 13.11 -16.32 34.70
N LYS D 163 13.93 -16.99 35.54
CA LYS D 163 13.98 -16.76 36.99
C LYS D 163 14.45 -15.34 37.34
N GLU D 164 15.43 -14.82 36.57
CA GLU D 164 16.00 -13.49 36.81
C GLU D 164 15.36 -12.36 35.99
N SER D 165 14.82 -12.64 34.78
CA SER D 165 14.23 -11.60 33.93
C SER D 165 12.72 -11.73 33.64
N GLY D 166 12.25 -12.95 33.42
CA GLY D 166 10.85 -13.23 33.08
C GLY D 166 10.65 -13.45 31.59
N ILE D 167 11.69 -13.10 30.79
CA ILE D 167 11.72 -13.20 29.33
C ILE D 167 11.66 -14.65 28.85
N THR D 168 10.93 -14.88 27.74
CA THR D 168 10.74 -16.20 27.15
C THR D 168 10.92 -16.17 25.64
N ILE D 169 11.48 -17.27 25.08
CA ILE D 169 11.69 -17.44 23.63
C ILE D 169 10.93 -18.70 23.20
N GLU D 170 9.90 -18.51 22.34
CA GLU D 170 9.02 -19.57 21.81
C GLU D 170 9.83 -20.67 21.13
N GLY D 171 9.59 -21.92 21.55
CA GLY D 171 10.27 -23.10 21.04
C GLY D 171 11.58 -23.45 21.75
N VAL D 172 12.20 -22.44 22.42
CA VAL D 172 13.47 -22.59 23.16
C VAL D 172 13.20 -22.96 24.63
N ASN D 173 12.31 -22.23 25.29
CA ASN D 173 11.94 -22.49 26.69
C ASN D 173 10.43 -22.78 26.83
N THR D 174 9.77 -23.15 25.70
CA THR D 174 8.34 -23.51 25.57
C THR D 174 8.21 -24.67 24.55
N PRO D 175 7.15 -25.53 24.59
CA PRO D 175 7.09 -26.63 23.59
C PRO D 175 6.53 -26.24 22.22
N TYR D 176 6.90 -27.00 21.18
CA TYR D 176 6.49 -26.83 19.78
C TYR D 176 6.01 -28.16 19.19
N LEU D 177 4.98 -28.12 18.33
CA LEU D 177 4.42 -29.31 17.67
C LEU D 177 4.72 -29.31 16.17
N TYR D 178 5.01 -30.49 15.58
CA TYR D 178 5.34 -30.64 14.17
C TYR D 178 4.46 -31.70 13.51
N PHE D 179 3.55 -31.29 12.61
CA PHE D 179 2.69 -32.22 11.87
C PHE D 179 3.32 -32.46 10.51
N GLY D 180 3.75 -33.70 10.28
CA GLY D 180 4.44 -34.07 9.05
C GLY D 180 3.66 -34.91 8.06
N MET D 181 4.21 -35.02 6.86
CA MET D 181 3.73 -35.86 5.75
C MET D 181 4.97 -36.33 4.99
N TRP D 182 4.83 -37.32 4.09
CA TRP D 182 5.94 -37.86 3.31
C TRP D 182 6.79 -36.76 2.64
N LYS D 183 8.14 -36.89 2.76
CA LYS D 183 9.16 -36.02 2.14
C LYS D 183 9.39 -34.66 2.85
N THR D 184 8.68 -34.35 3.97
CA THR D 184 8.91 -33.11 4.74
C THR D 184 10.27 -33.26 5.42
N SER D 185 11.05 -32.18 5.46
CA SER D 185 12.41 -32.29 5.99
C SER D 185 12.91 -31.21 6.93
N PHE D 186 13.95 -31.57 7.68
CA PHE D 186 14.66 -30.63 8.52
C PHE D 186 16.13 -30.62 8.06
N ALA D 187 16.64 -29.44 7.78
CA ALA D 187 18.00 -29.23 7.28
C ALA D 187 19.12 -29.37 8.30
N TRP D 188 20.35 -29.47 7.80
CA TRP D 188 21.54 -29.60 8.64
C TRP D 188 21.70 -28.39 9.57
N HIS D 189 21.79 -28.62 10.90
CA HIS D 189 21.91 -27.58 11.91
C HIS D 189 22.26 -28.14 13.28
N THR D 190 22.74 -27.25 14.17
CA THR D 190 22.92 -27.49 15.60
C THR D 190 21.75 -26.67 16.21
N GLU D 191 21.48 -26.81 17.50
CA GLU D 191 20.41 -26.07 18.17
C GLU D 191 20.79 -24.60 18.41
N ASP D 192 19.82 -23.74 18.75
CA ASP D 192 20.08 -22.33 19.08
C ASP D 192 20.97 -22.29 20.33
N MET D 193 22.03 -21.43 20.30
CA MET D 193 23.04 -21.28 21.37
C MET D 193 23.78 -22.60 21.67
N ASP D 194 23.71 -23.56 20.71
CA ASP D 194 24.25 -24.93 20.79
C ASP D 194 23.73 -25.69 22.02
N LEU D 195 22.43 -25.55 22.31
CA LEU D 195 21.74 -26.21 23.44
C LEU D 195 21.45 -27.70 23.14
N TYR D 196 20.89 -28.42 24.13
CA TYR D 196 20.43 -29.81 23.94
C TYR D 196 19.00 -29.69 23.39
N SER D 197 18.45 -30.79 22.86
CA SER D 197 17.05 -30.83 22.46
C SER D 197 16.42 -32.19 22.77
N ILE D 198 15.09 -32.22 22.93
CA ILE D 198 14.31 -33.43 23.21
C ILE D 198 13.17 -33.50 22.19
N ASN D 199 12.94 -34.67 21.56
CA ASN D 199 11.92 -34.87 20.54
C ASN D 199 11.16 -36.16 20.79
N TYR D 200 9.82 -36.07 20.95
CA TYR D 200 8.96 -37.24 21.15
C TYR D 200 8.00 -37.36 20.00
N LEU D 201 7.95 -38.56 19.40
CA LEU D 201 7.04 -38.83 18.29
C LEU D 201 5.74 -39.37 18.88
N HIS D 202 4.68 -38.52 18.95
CA HIS D 202 3.38 -38.89 19.53
C HIS D 202 2.65 -40.01 18.78
N PHE D 203 2.55 -39.91 17.44
CA PHE D 203 1.83 -40.92 16.64
C PHE D 203 2.20 -40.86 15.16
N GLY D 204 1.77 -41.87 14.41
CA GLY D 204 1.93 -41.92 12.97
C GLY D 204 3.15 -42.64 12.43
N GLU D 205 3.50 -42.28 11.19
CA GLU D 205 4.61 -42.84 10.43
C GLU D 205 6.00 -42.43 10.96
N PRO D 206 7.08 -43.23 10.72
CA PRO D 206 8.40 -42.87 11.28
C PRO D 206 9.05 -41.57 10.78
N LYS D 207 10.13 -41.18 11.48
CA LYS D 207 10.97 -40.01 11.22
C LYS D 207 12.43 -40.49 11.22
N SER D 208 13.14 -40.35 10.08
CA SER D 208 14.55 -40.76 9.97
C SER D 208 15.50 -39.59 10.25
N TRP D 209 16.63 -39.89 10.91
CA TRP D 209 17.61 -38.92 11.38
C TRP D 209 19.02 -39.23 10.89
N TYR D 210 19.80 -38.19 10.58
CA TYR D 210 21.24 -38.27 10.22
C TYR D 210 21.97 -37.42 11.26
N SER D 211 23.15 -37.88 11.72
CA SER D 211 23.95 -37.15 12.72
C SER D 211 25.43 -37.12 12.39
N VAL D 212 26.14 -36.06 12.81
CA VAL D 212 27.60 -35.89 12.69
C VAL D 212 28.15 -35.72 14.13
N PRO D 213 29.16 -36.52 14.57
CA PRO D 213 29.69 -36.33 15.94
C PRO D 213 30.23 -34.92 16.20
N PRO D 214 29.94 -34.30 17.39
CA PRO D 214 30.48 -32.95 17.68
C PRO D 214 31.98 -32.78 17.46
N GLU D 215 32.80 -33.84 17.67
CA GLU D 215 34.24 -33.81 17.44
C GLU D 215 34.60 -33.65 15.93
N HIS D 216 33.61 -33.84 15.02
CA HIS D 216 33.79 -33.68 13.57
C HIS D 216 32.93 -32.56 12.96
N GLY D 217 32.25 -31.80 13.82
CA GLY D 217 31.35 -30.70 13.42
C GLY D 217 31.98 -29.63 12.57
N LYS D 218 33.24 -29.24 12.89
CA LYS D 218 34.01 -28.22 12.16
C LYS D 218 34.33 -28.65 10.73
N ARG D 219 34.43 -29.97 10.47
CA ARG D 219 34.67 -30.55 9.14
C ARG D 219 33.45 -30.36 8.24
N LEU D 220 32.21 -30.48 8.80
CA LEU D 220 30.97 -30.26 8.06
C LEU D 220 30.84 -28.79 7.66
N GLU D 221 31.11 -27.86 8.61
CA GLU D 221 31.08 -26.41 8.39
C GLU D 221 32.02 -26.00 7.25
N ARG D 222 33.27 -26.55 7.25
CA ARG D 222 34.27 -26.30 6.21
C ARG D 222 33.80 -26.81 4.85
N LEU D 223 33.09 -27.95 4.83
CA LEU D 223 32.54 -28.53 3.61
C LEU D 223 31.41 -27.67 3.02
N ALA D 224 30.41 -27.27 3.85
CA ALA D 224 29.29 -26.43 3.42
C ALA D 224 29.76 -25.05 2.93
N LYS D 225 30.83 -24.52 3.53
CA LYS D 225 31.49 -23.26 3.17
C LYS D 225 32.08 -23.35 1.73
N GLY D 226 32.66 -24.51 1.40
CA GLY D 226 33.23 -24.80 0.09
C GLY D 226 32.19 -24.94 -1.02
N PHE D 227 30.99 -25.49 -0.67
CA PHE D 227 29.86 -25.68 -1.60
C PHE D 227 29.00 -24.43 -1.80
N PHE D 228 28.86 -23.60 -0.75
CA PHE D 228 28.04 -22.39 -0.79
C PHE D 228 28.87 -21.14 -0.38
N PRO D 229 29.84 -20.68 -1.22
CA PRO D 229 30.69 -19.53 -0.83
C PRO D 229 29.96 -18.18 -0.70
N GLY D 230 28.91 -17.98 -1.49
CA GLY D 230 28.09 -16.78 -1.45
C GLY D 230 27.36 -16.63 -0.13
N SER D 231 26.80 -17.75 0.38
CA SER D 231 26.08 -17.82 1.65
C SER D 231 27.01 -17.63 2.85
N ALA D 232 28.24 -18.19 2.76
CA ALA D 232 29.27 -18.09 3.80
C ALA D 232 29.87 -16.68 3.91
N GLN D 233 29.98 -15.95 2.78
CA GLN D 233 30.51 -14.58 2.78
C GLN D 233 29.52 -13.60 3.43
N SER D 234 28.20 -13.82 3.22
CA SER D 234 27.10 -13.00 3.75
C SER D 234 26.83 -13.25 5.23
N CYS D 235 27.03 -14.49 5.71
CA CYS D 235 26.81 -14.90 7.10
C CYS D 235 27.73 -16.08 7.44
N GLU D 236 28.58 -15.91 8.48
CA GLU D 236 29.52 -16.93 8.95
C GLU D 236 28.80 -18.19 9.44
N ALA D 237 27.67 -18.00 10.15
CA ALA D 237 26.86 -19.09 10.68
C ALA D 237 25.57 -19.28 9.83
N PHE D 238 25.73 -19.38 8.48
CA PHE D 238 24.59 -19.53 7.56
C PHE D 238 23.80 -20.86 7.78
N LEU D 239 24.44 -21.93 8.31
CA LEU D 239 23.76 -23.20 8.58
C LEU D 239 22.60 -23.04 9.58
N ARG D 240 22.66 -21.98 10.43
CA ARG D 240 21.62 -21.61 11.41
C ARG D 240 20.29 -21.18 10.74
N HIS D 241 20.33 -20.81 9.42
CA HIS D 241 19.16 -20.45 8.63
C HIS D 241 18.26 -21.67 8.36
N LYS D 242 18.83 -22.89 8.52
CA LYS D 242 18.16 -24.20 8.36
C LYS D 242 17.56 -24.40 6.96
N MET D 243 18.36 -24.10 5.91
CA MET D 243 17.97 -24.21 4.49
C MET D 243 18.84 -25.18 3.68
N THR D 244 19.97 -25.64 4.25
CA THR D 244 20.96 -26.47 3.57
C THR D 244 20.75 -27.97 3.75
N LEU D 245 20.48 -28.67 2.62
CA LEU D 245 20.31 -30.13 2.52
C LEU D 245 21.50 -30.73 1.78
N ILE D 246 22.11 -31.79 2.36
CA ILE D 246 23.29 -32.51 1.83
C ILE D 246 23.05 -34.01 2.02
N SER D 247 23.06 -34.76 0.91
CA SER D 247 22.85 -36.22 0.90
C SER D 247 23.98 -37.03 1.59
N PRO D 248 23.66 -38.22 2.18
CA PRO D 248 24.71 -39.06 2.80
C PRO D 248 25.85 -39.47 1.84
N LEU D 249 25.56 -39.57 0.53
CA LEU D 249 26.49 -39.91 -0.55
C LEU D 249 27.62 -38.85 -0.67
N MET D 250 27.27 -37.58 -0.48
CA MET D 250 28.16 -36.42 -0.52
C MET D 250 29.05 -36.41 0.74
N LEU D 251 28.47 -36.75 1.92
CA LEU D 251 29.19 -36.83 3.20
C LEU D 251 30.27 -37.91 3.15
N LYS D 252 29.92 -39.09 2.59
CA LYS D 252 30.82 -40.23 2.44
C LYS D 252 31.97 -39.90 1.50
N LYS D 253 31.68 -39.23 0.35
CA LYS D 253 32.65 -38.83 -0.67
C LYS D 253 33.74 -37.87 -0.14
N TYR D 254 33.36 -36.94 0.76
CA TYR D 254 34.28 -35.95 1.31
C TYR D 254 34.83 -36.34 2.68
N GLY D 255 34.66 -37.60 3.06
CA GLY D 255 35.18 -38.19 4.29
C GLY D 255 34.61 -37.65 5.59
N ILE D 256 33.35 -37.17 5.56
CA ILE D 256 32.68 -36.67 6.77
C ILE D 256 32.06 -37.86 7.52
N PRO D 257 32.46 -38.16 8.79
CA PRO D 257 31.85 -39.30 9.50
C PRO D 257 30.43 -38.97 9.97
N PHE D 258 29.50 -39.94 9.77
CA PHE D 258 28.09 -39.77 10.11
C PHE D 258 27.41 -41.11 10.42
N ASP D 259 26.22 -41.03 11.09
CA ASP D 259 25.38 -42.18 11.42
C ASP D 259 23.88 -41.90 11.13
N LYS D 260 23.06 -42.95 11.03
CA LYS D 260 21.62 -42.81 10.77
C LYS D 260 20.77 -43.70 11.68
N VAL D 261 19.56 -43.22 12.03
CA VAL D 261 18.62 -43.92 12.91
C VAL D 261 17.16 -43.55 12.53
N THR D 262 16.22 -44.49 12.71
CA THR D 262 14.79 -44.28 12.45
C THR D 262 14.05 -44.30 13.79
N GLN D 263 13.29 -43.22 14.07
CA GLN D 263 12.49 -43.04 15.29
C GLN D 263 11.05 -43.51 15.00
N GLU D 264 10.59 -44.48 15.79
CA GLU D 264 9.23 -45.05 15.69
C GLU D 264 8.31 -44.28 16.62
N ALA D 265 6.96 -44.34 16.40
CA ALA D 265 5.99 -43.68 17.28
C ALA D 265 6.11 -44.23 18.71
N GLY D 266 6.16 -43.31 19.67
CA GLY D 266 6.31 -43.64 21.08
C GLY D 266 7.73 -43.61 21.61
N GLU D 267 8.70 -43.15 20.80
CA GLU D 267 10.12 -43.07 21.17
C GLU D 267 10.63 -41.62 21.27
N PHE D 268 11.66 -41.39 22.11
CA PHE D 268 12.32 -40.09 22.34
C PHE D 268 13.68 -40.03 21.63
N MET D 269 14.05 -38.83 21.09
CA MET D 269 15.39 -38.56 20.51
C MET D 269 16.01 -37.40 21.30
N ILE D 270 17.28 -37.54 21.72
CA ILE D 270 18.04 -36.51 22.45
C ILE D 270 19.19 -36.02 21.57
N THR D 271 19.28 -34.70 21.34
CA THR D 271 20.39 -34.08 20.59
C THR D 271 21.31 -33.42 21.63
N PHE D 272 22.63 -33.53 21.42
CA PHE D 272 23.65 -33.02 22.35
C PHE D 272 24.31 -31.73 21.83
N PRO D 273 24.91 -30.86 22.71
CA PRO D 273 25.52 -29.61 22.25
C PRO D 273 26.55 -29.77 21.12
N TYR D 274 26.38 -28.94 20.06
CA TYR D 274 27.22 -28.89 18.86
C TYR D 274 27.09 -30.21 17.99
N GLY D 275 25.98 -30.92 18.18
CA GLY D 275 25.67 -32.10 17.40
C GLY D 275 24.84 -31.72 16.18
N TYR D 276 25.44 -31.79 14.97
CA TYR D 276 24.77 -31.48 13.70
C TYR D 276 23.79 -32.60 13.32
N HIS D 277 22.53 -32.25 12.98
CA HIS D 277 21.53 -33.24 12.59
C HIS D 277 20.63 -32.75 11.45
N ALA D 278 20.05 -33.70 10.68
CA ALA D 278 19.13 -33.52 9.55
C ALA D 278 18.25 -34.79 9.42
N GLY D 279 17.22 -34.75 8.59
CA GLY D 279 16.32 -35.88 8.40
C GLY D 279 15.02 -35.58 7.69
N PHE D 280 14.10 -36.57 7.65
CA PHE D 280 12.81 -36.49 6.95
C PHE D 280 11.73 -37.38 7.55
N ASN D 281 10.45 -37.06 7.25
CA ASN D 281 9.26 -37.80 7.67
C ASN D 281 8.81 -38.80 6.60
N HIS D 282 8.44 -40.04 7.03
CA HIS D 282 7.99 -41.14 6.16
C HIS D 282 6.56 -40.94 5.69
N GLY D 283 5.75 -40.30 6.53
CA GLY D 283 4.35 -40.04 6.24
C GLY D 283 3.68 -39.24 7.33
N PHE D 284 2.34 -39.26 7.38
CA PHE D 284 1.55 -38.54 8.38
C PHE D 284 1.96 -38.91 9.80
N ASN D 285 2.35 -37.90 10.59
CA ASN D 285 2.80 -38.08 11.98
C ASN D 285 2.73 -36.77 12.77
N CYS D 286 3.04 -36.84 14.08
CA CYS D 286 3.10 -35.68 14.98
C CYS D 286 4.18 -35.83 16.04
N ALA D 287 5.07 -34.82 16.16
CA ALA D 287 6.16 -34.78 17.15
C ALA D 287 6.13 -33.50 17.98
N GLU D 288 6.62 -33.58 19.25
CA GLU D 288 6.72 -32.48 20.21
C GLU D 288 8.21 -32.28 20.63
N SER D 289 8.68 -31.02 20.70
CA SER D 289 10.07 -30.73 21.08
C SER D 289 10.27 -29.43 21.87
N THR D 290 11.46 -29.31 22.50
CA THR D 290 11.95 -28.14 23.27
C THR D 290 13.48 -28.25 23.51
N ASN D 291 14.10 -27.18 24.06
CA ASN D 291 15.51 -27.14 24.40
C ASN D 291 15.69 -27.24 25.90
N PHE D 292 16.84 -27.77 26.34
CA PHE D 292 17.21 -27.89 27.75
C PHE D 292 18.73 -27.75 27.92
N ALA D 293 19.21 -27.62 29.16
CA ALA D 293 20.63 -27.45 29.44
C ALA D 293 21.13 -28.29 30.61
N THR D 294 22.47 -28.49 30.68
CA THR D 294 23.21 -29.14 31.76
C THR D 294 24.41 -28.23 32.04
N ARG D 295 25.20 -28.51 33.10
CA ARG D 295 26.38 -27.70 33.45
C ARG D 295 27.43 -27.65 32.32
N ARG D 296 27.58 -28.78 31.58
CA ARG D 296 28.48 -28.95 30.43
C ARG D 296 28.19 -27.94 29.30
N TRP D 297 26.91 -27.56 29.10
CA TRP D 297 26.48 -26.64 28.05
C TRP D 297 27.06 -25.21 28.17
N ILE D 298 27.26 -24.70 29.39
CA ILE D 298 27.73 -23.33 29.66
C ILE D 298 28.94 -22.93 28.78
N GLU D 299 29.96 -23.81 28.68
CA GLU D 299 31.11 -23.55 27.81
C GLU D 299 30.73 -23.42 26.31
N TYR D 300 29.76 -24.23 25.83
CA TYR D 300 29.24 -24.22 24.45
C TYR D 300 28.48 -22.93 24.15
N GLY D 301 27.67 -22.47 25.11
CA GLY D 301 26.91 -21.24 25.01
C GLY D 301 27.80 -20.00 24.90
N LYS D 302 28.93 -20.01 25.63
CA LYS D 302 29.94 -18.94 25.62
C LYS D 302 30.67 -18.89 24.26
N GLN D 303 30.95 -20.06 23.67
CA GLN D 303 31.70 -20.18 22.41
C GLN D 303 30.84 -20.33 21.14
N ALA D 304 29.49 -20.32 21.28
CA ALA D 304 28.54 -20.49 20.16
C ALA D 304 28.71 -19.38 19.09
N VAL D 305 28.82 -19.79 17.80
CA VAL D 305 28.99 -18.88 16.65
C VAL D 305 27.59 -18.59 16.07
N LEU D 306 27.12 -17.34 16.24
CA LEU D 306 25.77 -16.91 15.89
C LEU D 306 25.62 -16.21 14.54
N CYS D 307 24.37 -16.21 14.02
CA CYS D 307 23.94 -15.59 12.76
C CYS D 307 24.17 -14.07 12.79
N SER D 308 25.01 -13.58 11.86
CA SER D 308 25.40 -12.17 11.74
C SER D 308 24.68 -11.39 10.61
N CYS D 309 23.60 -11.96 10.03
CA CYS D 309 22.86 -11.32 8.93
C CYS D 309 21.38 -11.02 9.26
N ARG D 310 20.82 -11.66 10.30
CA ARG D 310 19.41 -11.48 10.70
C ARG D 310 19.27 -10.98 12.14
N LYS D 311 18.21 -10.18 12.41
CA LYS D 311 17.91 -9.61 13.74
C LYS D 311 16.81 -10.38 14.50
N ASP D 312 16.09 -11.28 13.80
CA ASP D 312 15.04 -12.13 14.37
C ASP D 312 15.62 -13.41 15.02
N MET D 313 16.94 -13.66 14.83
CA MET D 313 17.66 -14.84 15.36
C MET D 313 17.81 -14.83 16.89
N VAL D 314 17.79 -16.05 17.48
CA VAL D 314 17.85 -16.31 18.92
C VAL D 314 19.24 -16.03 19.53
N LYS D 315 19.24 -15.34 20.68
CA LYS D 315 20.42 -15.01 21.48
C LYS D 315 20.05 -14.97 22.96
N ILE D 316 20.82 -15.68 23.79
CA ILE D 316 20.64 -15.76 25.25
C ILE D 316 21.88 -15.13 25.93
N SER D 317 21.66 -14.27 26.94
CA SER D 317 22.77 -13.65 27.69
C SER D 317 23.40 -14.68 28.62
N MET D 318 24.73 -14.88 28.51
CA MET D 318 25.49 -15.87 29.28
C MET D 318 25.92 -15.41 30.68
N ASP D 319 25.92 -14.08 30.95
CA ASP D 319 26.32 -13.48 32.23
C ASP D 319 25.72 -14.17 33.48
N VAL D 320 24.41 -14.52 33.42
CA VAL D 320 23.66 -15.21 34.48
C VAL D 320 24.33 -16.57 34.83
N PHE D 321 24.67 -17.36 33.79
CA PHE D 321 25.30 -18.67 33.94
C PHE D 321 26.75 -18.59 34.39
N VAL D 322 27.53 -17.62 33.86
CA VAL D 322 28.93 -17.45 34.23
C VAL D 322 29.02 -17.00 35.70
N ARG D 323 28.17 -16.05 36.14
CA ARG D 323 28.12 -15.57 37.52
C ARG D 323 27.91 -16.70 38.55
N LYS D 324 26.85 -17.53 38.32
CA LYS D 324 26.45 -18.62 39.22
C LYS D 324 27.39 -19.83 39.23
N PHE D 325 27.79 -20.33 38.04
CA PHE D 325 28.58 -21.56 37.92
C PHE D 325 30.08 -21.39 37.64
N GLN D 326 30.52 -20.23 37.12
CA GLN D 326 31.94 -19.96 36.84
C GLN D 326 32.34 -18.54 37.35
N PRO D 327 32.21 -18.22 38.68
CA PRO D 327 32.55 -16.84 39.12
C PRO D 327 34.05 -16.50 39.07
N GLU D 328 34.92 -17.50 39.25
CA GLU D 328 36.39 -17.34 39.20
C GLU D 328 36.89 -16.93 37.81
N ARG D 329 36.18 -17.37 36.76
CA ARG D 329 36.51 -17.08 35.36
C ARG D 329 35.82 -15.82 34.83
N TYR D 330 34.81 -15.29 35.56
CA TYR D 330 34.01 -14.11 35.18
C TYR D 330 34.84 -12.89 34.78
N LYS D 331 35.81 -12.47 35.62
CA LYS D 331 36.67 -11.30 35.39
C LYS D 331 37.44 -11.42 34.06
N LEU D 332 38.06 -12.59 33.83
CA LEU D 332 38.80 -12.91 32.60
C LEU D 332 37.85 -13.00 31.39
N TRP D 333 36.66 -13.61 31.58
CA TRP D 333 35.65 -13.78 30.53
C TRP D 333 35.06 -12.44 30.07
N LYS D 334 34.68 -11.55 31.01
CA LYS D 334 34.11 -10.24 30.71
C LYS D 334 35.11 -9.33 29.98
N ALA D 335 36.42 -9.46 30.34
CA ALA D 335 37.51 -8.71 29.72
C ALA D 335 37.79 -9.17 28.28
N GLY D 336 37.55 -10.47 28.01
CA GLY D 336 37.77 -11.11 26.73
C GLY D 336 39.02 -11.96 26.69
N LYS D 337 39.50 -12.38 27.87
CA LYS D 337 40.71 -13.18 28.08
C LYS D 337 40.46 -14.67 28.39
N ASP D 338 39.20 -15.14 28.29
CA ASP D 338 38.91 -16.56 28.53
C ASP D 338 39.25 -17.37 27.27
N ASN D 339 40.21 -18.31 27.41
CA ASN D 339 40.72 -19.13 26.31
C ASN D 339 40.49 -20.65 26.49
N THR D 340 39.48 -21.04 27.31
CA THR D 340 39.13 -22.45 27.57
C THR D 340 38.82 -23.20 26.26
N VAL D 341 39.42 -24.39 26.09
CA VAL D 341 39.23 -25.26 24.92
C VAL D 341 38.31 -26.43 25.32
N ILE D 342 37.19 -26.60 24.59
CA ILE D 342 36.21 -27.64 24.85
C ILE D 342 36.71 -29.00 24.37
N ASP D 343 36.59 -30.03 25.23
CA ASP D 343 36.89 -31.42 24.93
C ASP D 343 35.52 -32.09 24.79
N HIS D 344 35.13 -32.41 23.54
CA HIS D 344 33.82 -33.01 23.21
C HIS D 344 33.61 -34.44 23.74
N THR D 345 34.71 -35.15 24.09
CA THR D 345 34.67 -36.52 24.60
C THR D 345 34.29 -36.61 26.09
N LEU D 346 34.55 -35.54 26.85
CA LEU D 346 34.28 -35.49 28.29
C LEU D 346 32.80 -35.38 28.65
N PRO D 347 32.32 -36.16 29.67
CA PRO D 347 30.91 -36.06 30.06
C PRO D 347 30.65 -34.90 31.03
N THR D 348 29.36 -34.60 31.29
CA THR D 348 28.90 -33.53 32.18
C THR D 348 29.34 -33.80 33.66
N PRO D 349 29.66 -32.77 34.49
CA PRO D 349 30.08 -33.06 35.88
C PRO D 349 29.08 -33.85 36.74
N GLU D 350 27.79 -33.82 36.37
CA GLU D 350 26.67 -34.50 37.03
C GLU D 350 26.79 -36.05 36.95
N ALA D 351 27.64 -36.54 36.01
CA ALA D 351 27.91 -37.96 35.76
C ALA D 351 29.04 -38.52 36.64
N ALA D 352 29.60 -37.70 37.57
CA ALA D 352 30.68 -38.10 38.49
C ALA D 352 30.27 -39.24 39.42
N GLU D 353 28.97 -39.33 39.76
CA GLU D 353 28.40 -40.39 40.60
C GLU D 353 28.37 -41.77 39.91
N PHE D 354 28.35 -41.80 38.56
CA PHE D 354 28.30 -43.04 37.77
C PHE D 354 29.71 -43.55 37.34
N LEU D 355 30.79 -43.01 37.95
CA LEU D 355 32.16 -43.41 37.65
C LEU D 355 32.49 -44.78 38.25
ZN ZN E . 8.95 8.54 28.25
ZN ZN F . 23.41 15.46 23.08
C1 FO2 G . 7.66 7.69 31.06
N1 FO2 G . 10.23 5.96 34.61
C2 FO2 G . 9.87 7.20 30.70
N2 FO2 G . 11.28 6.40 32.55
C3 FO2 G . 10.05 6.75 32.05
N3 FO2 G . 10.82 6.96 29.68
C4 FO2 G . 8.89 6.74 32.84
N4 FO2 G . 10.58 7.39 28.42
C5 FO2 G . 8.99 6.27 34.21
C6 FO2 G . 11.31 6.04 33.80
C7 FO2 G . 11.59 6.92 27.72
C8 FO2 G . 12.51 6.20 28.49
C9 FO2 G . 11.97 6.26 29.77
C10 FO2 G . 13.74 5.50 27.96
C11 FO2 G . 14.83 5.30 29.00
O FO2 G . 8.03 6.09 34.95
C FO2 G . 7.68 7.20 32.34
N FO2 G . 8.72 7.69 30.25
C14 FO2 G . 13.41 4.17 27.29
C13 FO2 G . 14.67 3.55 26.72
N5 FO2 G . 15.65 3.32 27.77
C15 FO2 G . 16.83 2.62 27.24
C12 FO2 G . 16.03 4.61 28.36
S DMS H . -10.98 16.23 29.40
O DMS H . -11.01 16.94 28.11
C1 DMS H . -11.34 17.47 30.62
C2 DMS H . -12.51 15.34 29.46
C1 GOL I . 21.33 20.27 47.62
O1 GOL I . 20.51 19.51 48.49
C2 GOL I . 21.15 19.95 46.16
O2 GOL I . 22.00 18.87 45.80
C3 GOL I . 21.38 21.08 45.19
O3 GOL I . 20.34 22.05 45.23
CL CL J . 5.23 -7.39 45.93
ZN ZN K . -0.55 -11.56 -20.57
ZN ZN L . -8.88 -20.45 -9.16
C1 FO2 M . 2.67 -10.90 -21.14
N1 FO2 M . 5.75 -10.29 -17.61
C2 FO2 M . 1.92 -10.73 -18.99
N2 FO2 M . 3.46 -10.49 -17.12
C3 FO2 M . 3.21 -10.54 -18.47
N3 FO2 M . 0.78 -10.45 -18.21
C4 FO2 M . 4.24 -10.49 -19.42
N4 FO2 M . -0.48 -10.67 -18.70
C5 FO2 M . 5.61 -10.31 -18.95
C6 FO2 M . 4.71 -10.39 -16.76
C7 FO2 M . -1.27 -10.21 -17.75
C8 FO2 M . -0.55 -9.68 -16.66
C9 FO2 M . 0.75 -9.88 -16.98
C10 FO2 M . -1.02 -8.94 -15.45
C11 FO2 M . -2.17 -7.97 -15.75
O FO2 M . 6.56 -10.14 -19.70
C FO2 M . 3.98 -10.64 -20.77
N FO2 M . 1.65 -10.94 -20.29
C14 FO2 M . -1.39 -9.83 -14.26
C13 FO2 M . -1.76 -8.95 -13.08
N5 FO2 M . -2.88 -8.07 -13.41
C15 FO2 M . -3.30 -7.32 -12.23
C12 FO2 M . -2.49 -7.17 -14.49
S DMS N . 17.56 -13.19 -29.78
O DMS N . 16.74 -13.78 -30.87
C1 DMS N . 19.16 -13.89 -29.96
C2 DMS N . 17.90 -11.53 -30.29
S DMS O . -14.18 -19.82 -24.66
O DMS O . -13.91 -19.73 -23.21
C1 DMS O . -15.94 -19.94 -24.77
C2 DMS O . -13.97 -18.16 -25.26
CL CL P . 18.78 1.95 -17.05
ZN ZN Q . -24.77 31.80 -22.66
ZN ZN R . -34.59 18.50 -20.45
C1 FO2 S . -24.89 34.50 -24.55
N1 FO2 S . -26.72 34.62 -28.90
C2 FO2 S . -25.53 32.56 -25.56
N2 FO2 S . -26.56 32.56 -27.78
C3 FO2 S . -25.92 33.22 -26.75
N3 FO2 S . -25.34 31.15 -25.54
C4 FO2 S . -25.69 34.59 -26.78
N4 FO2 S . -24.89 30.55 -24.41
C5 FO2 S . -26.08 35.34 -27.96
C6 FO2 S . -26.93 33.30 -28.79
C7 FO2 S . -24.67 29.30 -24.77
C8 FO2 S . -24.95 29.08 -26.12
C9 FO2 S . -25.41 30.30 -26.57
C10 FO2 S . -24.70 27.82 -26.92
C11 FO2 S . -23.33 27.22 -26.62
O FO2 S . -25.82 36.52 -28.14
C FO2 S . -25.14 35.25 -25.67
N FO2 S . -25.08 33.18 -24.47
C14 FO2 S . -25.78 26.76 -26.71
C13 FO2 S . -25.45 25.54 -27.56
N5 FO2 S . -24.14 24.98 -27.21
C12 FO2 S . -23.11 25.98 -27.47
S DMS T . -45.24 31.70 -7.65
O DMS T . -45.26 33.11 -7.26
C1 DMS T . -46.51 31.56 -8.89
C2 DMS T . -43.83 31.53 -8.70
S DMS U . -27.69 51.59 -26.56
O DMS U . -27.41 51.90 -25.15
C1 DMS U . -28.72 52.89 -27.18
C2 DMS U . -26.18 52.01 -27.42
CL CL V . -19.71 44.30 -42.82
ZN ZN W . 17.12 -29.56 15.86
ZN ZN X . 22.65 -15.27 9.00
C1 FO2 Y . 15.16 -31.84 14.86
N1 FO2 Y . 11.15 -31.00 12.53
C2 FO2 Y . 14.42 -29.70 14.60
N2 FO2 Y . 12.41 -29.19 13.35
C3 FO2 Y . 13.27 -30.09 13.92
N3 FO2 Y . 14.55 -28.38 15.10
C4 FO2 Y . 13.09 -31.48 13.78
N4 FO2 Y . 15.62 -28.04 15.87
C5 FO2 Y . 11.92 -31.96 13.05
C6 FO2 Y . 11.41 -29.69 12.68
C7 FO2 Y . 15.37 -26.80 16.25
C8 FO2 Y . 14.14 -26.32 15.74
C9 FO2 Y . 13.66 -27.37 15.01
C10 FO2 Y . 13.51 -24.97 15.97
C11 FO2 Y . 13.39 -24.64 17.46
O FO2 Y . 11.61 -33.14 12.97
C FO2 Y . 14.03 -32.38 14.27
N FO2 Y . 15.37 -30.53 15.03
C12 FO2 Y . 13.10 -23.16 17.64
C1 GOL Z . 15.02 -28.46 -9.14
O1 GOL Z . 16.07 -27.86 -8.41
C2 GOL Z . 13.68 -28.37 -8.46
O2 GOL Z . 13.43 -27.05 -8.03
C3 GOL Z . 12.57 -28.78 -9.41
O3 GOL Z . 12.48 -30.19 -9.56
CL CL AA . -5.35 -38.48 14.02
#